data_1WEM
#
_entry.id   1WEM
#
loop_
_entity.id
_entity.type
_entity.pdbx_description
1 polymer 'Death associated transcription factor 1'
2 non-polymer 'ZINC ION'
#
_entity_poly.entity_id   1
_entity_poly.type   'polypeptide(L)'
_entity_poly.pdbx_seq_one_letter_code
;GSSGSSGECEVYDPNALYCICRQPHNNRFMICCDRCEEWFHGDCVGISEARGRLLERNGEDYICPNCTILSGPSSG
;
_entity_poly.pdbx_strand_id   A
#
loop_
_chem_comp.id
_chem_comp.type
_chem_comp.name
_chem_comp.formula
ZN non-polymer 'ZINC ION' 'Zn 2'
#
# COMPACT_ATOMS: atom_id res chain seq x y z
N GLY A 1 24.16 18.08 19.70
CA GLY A 1 23.20 19.11 20.05
C GLY A 1 21.77 18.61 20.03
N SER A 2 21.02 18.92 21.08
CA SER A 2 19.63 18.50 21.18
C SER A 2 18.96 18.49 19.81
N SER A 3 18.43 17.34 19.42
CA SER A 3 17.76 17.21 18.13
C SER A 3 16.36 16.64 18.30
N GLY A 4 15.39 17.25 17.63
CA GLY A 4 14.01 16.78 17.72
C GLY A 4 13.02 17.78 17.15
N SER A 5 12.18 17.31 16.24
CA SER A 5 11.19 18.18 15.61
C SER A 5 9.82 17.49 15.56
N SER A 6 9.08 17.59 16.67
CA SER A 6 7.76 16.97 16.76
C SER A 6 6.66 18.03 16.63
N GLY A 7 6.36 18.42 15.39
CA GLY A 7 5.33 19.41 15.16
C GLY A 7 4.19 18.88 14.32
N GLU A 8 3.49 19.78 13.66
CA GLU A 8 2.36 19.40 12.81
C GLU A 8 2.73 18.23 11.91
N CYS A 9 1.74 17.41 11.57
CA CYS A 9 1.95 16.25 10.71
C CYS A 9 1.05 16.29 9.49
N GLU A 10 1.62 15.99 8.32
CA GLU A 10 0.86 16.01 7.08
C GLU A 10 1.47 15.04 6.07
N VAL A 11 0.81 14.90 4.92
CA VAL A 11 1.29 14.01 3.87
C VAL A 11 2.26 14.74 2.94
N TYR A 12 2.04 16.04 2.76
CA TYR A 12 2.89 16.84 1.89
C TYR A 12 4.36 16.51 2.11
N ASP A 13 4.78 16.51 3.37
CA ASP A 13 6.16 16.21 3.72
C ASP A 13 6.71 15.08 2.85
N PRO A 14 7.74 15.40 2.05
CA PRO A 14 8.37 14.43 1.16
C PRO A 14 9.16 13.37 1.91
N ASN A 15 9.60 13.71 3.12
CA ASN A 15 10.37 12.79 3.95
C ASN A 15 9.51 11.62 4.39
N ALA A 16 8.20 11.73 4.17
CA ALA A 16 7.27 10.68 4.55
C ALA A 16 7.08 9.68 3.41
N LEU A 17 7.76 8.54 3.52
CA LEU A 17 7.67 7.49 2.51
C LEU A 17 7.03 6.23 3.07
N TYR A 18 6.00 5.73 2.39
CA TYR A 18 5.31 4.53 2.83
C TYR A 18 5.44 3.42 1.79
N CYS A 19 4.69 3.54 0.69
CA CYS A 19 4.72 2.56 -0.38
C CYS A 19 6.15 2.28 -0.83
N ILE A 20 6.35 1.17 -1.53
CA ILE A 20 7.66 0.79 -2.02
C ILE A 20 8.17 1.80 -3.06
N CYS A 21 7.24 2.47 -3.72
CA CYS A 21 7.59 3.45 -4.74
C CYS A 21 8.11 4.74 -4.09
N ARG A 22 8.19 4.74 -2.77
CA ARG A 22 8.67 5.90 -2.04
C ARG A 22 7.85 7.14 -2.38
N GLN A 23 6.53 7.03 -2.23
CA GLN A 23 5.63 8.14 -2.52
C GLN A 23 4.64 8.35 -1.39
N PRO A 24 4.24 9.61 -1.17
CA PRO A 24 3.28 9.98 -0.13
C PRO A 24 1.88 9.48 -0.42
N HIS A 25 1.07 9.32 0.63
CA HIS A 25 -0.30 8.86 0.49
C HIS A 25 -1.12 9.82 -0.37
N ASN A 26 -1.38 9.42 -1.61
CA ASN A 26 -2.14 10.25 -2.54
C ASN A 26 -3.49 9.60 -2.86
N ASN A 27 -4.33 10.32 -3.59
CA ASN A 27 -5.64 9.83 -3.97
C ASN A 27 -5.60 8.31 -4.23
N ARG A 28 -4.50 7.86 -4.81
CA ARG A 28 -4.33 6.43 -5.11
C ARG A 28 -4.88 5.58 -3.98
N PHE A 29 -5.40 4.40 -4.34
CA PHE A 29 -5.96 3.49 -3.36
C PHE A 29 -4.87 2.87 -2.50
N MET A 30 -5.10 2.80 -1.20
CA MET A 30 -4.14 2.23 -0.27
C MET A 30 -4.77 1.11 0.56
N ILE A 31 -3.96 0.13 0.93
CA ILE A 31 -4.44 -1.00 1.72
C ILE A 31 -3.47 -1.33 2.85
N CYS A 32 -3.98 -2.01 3.87
CA CYS A 32 -3.15 -2.38 5.02
C CYS A 32 -2.78 -3.86 4.95
N CYS A 33 -1.52 -4.13 4.63
CA CYS A 33 -1.03 -5.50 4.53
C CYS A 33 -1.04 -6.19 5.89
N ASP A 34 -0.88 -7.51 5.89
CA ASP A 34 -0.88 -8.28 7.12
C ASP A 34 0.49 -8.91 7.36
N ARG A 35 1.22 -9.16 6.29
CA ARG A 35 2.54 -9.76 6.38
C ARG A 35 3.58 -8.74 6.87
N CYS A 36 3.79 -7.69 6.09
CA CYS A 36 4.73 -6.65 6.44
C CYS A 36 4.04 -5.48 7.13
N GLU A 37 2.71 -5.52 7.15
CA GLU A 37 1.93 -4.47 7.77
C GLU A 37 2.39 -3.09 7.31
N GLU A 38 2.42 -2.89 6.00
CA GLU A 38 2.83 -1.62 5.43
C GLU A 38 1.77 -1.06 4.49
N TRP A 39 1.91 0.22 4.16
CA TRP A 39 0.96 0.88 3.27
C TRP A 39 1.49 0.95 1.85
N PHE A 40 0.69 0.50 0.89
CA PHE A 40 1.08 0.51 -0.52
C PHE A 40 -0.08 0.96 -1.40
N HIS A 41 0.22 1.19 -2.67
CA HIS A 41 -0.80 1.62 -3.63
C HIS A 41 -1.28 0.45 -4.47
N GLY A 42 -2.59 0.22 -4.48
CA GLY A 42 -3.16 -0.87 -5.25
C GLY A 42 -2.42 -1.09 -6.56
N ASP A 43 -2.49 -0.11 -7.45
CA ASP A 43 -1.83 -0.22 -8.75
C ASP A 43 -0.40 -0.73 -8.59
N CYS A 44 0.35 -0.10 -7.70
CA CYS A 44 1.74 -0.49 -7.45
C CYS A 44 1.83 -1.98 -7.12
N VAL A 45 1.16 -2.38 -6.04
CA VAL A 45 1.17 -3.76 -5.61
C VAL A 45 0.23 -4.60 -6.46
N GLY A 46 -0.30 -4.01 -7.53
CA GLY A 46 -1.20 -4.72 -8.41
C GLY A 46 -2.64 -4.63 -7.94
N ILE A 47 -2.87 -4.91 -6.67
CA ILE A 47 -4.21 -4.85 -6.09
C ILE A 47 -5.01 -3.70 -6.68
N SER A 48 -6.15 -4.03 -7.29
CA SER A 48 -7.01 -3.01 -7.89
C SER A 48 -7.99 -2.45 -6.87
N GLU A 49 -8.47 -1.24 -7.12
CA GLU A 49 -9.42 -0.58 -6.22
C GLU A 49 -10.50 -1.55 -5.77
N ALA A 50 -11.06 -2.29 -6.72
CA ALA A 50 -12.11 -3.25 -6.42
C ALA A 50 -11.55 -4.47 -5.68
N ARG A 51 -10.47 -5.04 -6.21
CA ARG A 51 -9.84 -6.20 -5.60
C ARG A 51 -9.71 -6.01 -4.09
N GLY A 52 -9.27 -4.83 -3.68
CA GLY A 52 -9.10 -4.55 -2.26
C GLY A 52 -10.43 -4.30 -1.57
N ARG A 53 -11.26 -3.44 -2.15
CA ARG A 53 -12.56 -3.12 -1.58
C ARG A 53 -13.23 -4.37 -1.02
N LEU A 54 -13.23 -5.44 -1.82
CA LEU A 54 -13.85 -6.69 -1.41
C LEU A 54 -13.14 -7.28 -0.19
N LEU A 55 -11.82 -7.38 -0.27
CA LEU A 55 -11.02 -7.91 0.82
C LEU A 55 -11.50 -7.37 2.16
N GLU A 56 -12.07 -6.16 2.14
CA GLU A 56 -12.57 -5.53 3.35
C GLU A 56 -13.93 -6.10 3.74
N ARG A 57 -14.95 -5.79 2.95
CA ARG A 57 -16.30 -6.27 3.21
C ARG A 57 -16.31 -7.79 3.38
N ASN A 58 -15.79 -8.51 2.38
CA ASN A 58 -15.74 -9.96 2.41
C ASN A 58 -15.09 -10.44 3.71
N GLY A 59 -13.93 -9.88 4.02
CA GLY A 59 -13.23 -10.28 5.23
C GLY A 59 -12.00 -11.12 4.94
N GLU A 60 -11.33 -10.82 3.83
CA GLU A 60 -10.14 -11.57 3.44
C GLU A 60 -8.87 -10.87 3.92
N ASP A 61 -7.79 -11.63 4.06
CA ASP A 61 -6.52 -11.08 4.52
C ASP A 61 -5.62 -10.76 3.34
N TYR A 62 -5.57 -9.49 2.95
CA TYR A 62 -4.75 -9.05 1.83
C TYR A 62 -3.27 -9.28 2.12
N ILE A 63 -2.54 -9.72 1.11
CA ILE A 63 -1.10 -9.99 1.26
C ILE A 63 -0.32 -9.40 0.09
N CYS A 64 0.17 -8.19 0.27
CA CYS A 64 0.95 -7.52 -0.77
C CYS A 64 1.92 -8.49 -1.45
N PRO A 65 2.32 -8.15 -2.68
CA PRO A 65 3.24 -8.99 -3.46
C PRO A 65 4.65 -8.97 -2.89
N ASN A 66 5.19 -7.77 -2.70
CA ASN A 66 6.54 -7.62 -2.17
C ASN A 66 6.79 -8.62 -1.04
N CYS A 67 5.74 -8.98 -0.33
CA CYS A 67 5.84 -9.93 0.77
C CYS A 67 6.04 -11.35 0.26
N THR A 68 5.00 -11.90 -0.37
CA THR A 68 5.06 -13.25 -0.92
C THR A 68 6.27 -13.42 -1.83
N ILE A 69 6.50 -12.43 -2.69
CA ILE A 69 7.62 -12.48 -3.62
C ILE A 69 8.87 -13.02 -2.94
N LEU A 70 9.05 -12.68 -1.67
CA LEU A 70 10.21 -13.14 -0.90
C LEU A 70 10.17 -14.66 -0.72
N SER A 71 9.10 -15.15 -0.12
CA SER A 71 8.96 -16.58 0.12
C SER A 71 7.52 -17.03 -0.18
N GLY A 72 7.36 -18.31 -0.51
CA GLY A 72 6.05 -18.84 -0.81
C GLY A 72 5.13 -18.82 0.39
N PRO A 73 4.12 -19.70 0.37
CA PRO A 73 3.14 -19.78 1.47
C PRO A 73 3.75 -20.36 2.74
N SER A 74 2.98 -20.30 3.83
CA SER A 74 3.45 -20.81 5.12
C SER A 74 4.00 -22.22 4.98
N SER A 75 4.54 -22.75 6.07
CA SER A 75 5.10 -24.09 6.07
C SER A 75 6.23 -24.21 5.04
N GLY A 76 7.09 -23.20 5.00
CA GLY A 76 8.20 -23.22 4.06
C GLY A 76 7.79 -23.74 2.69
ZN ZN B . 3.19 3.15 -4.74
ZN ZN C . 3.16 -6.85 2.69
N GLY A 1 19.04 20.15 24.96
CA GLY A 1 17.68 19.67 24.83
C GLY A 1 17.62 18.24 24.32
N SER A 2 16.50 17.88 23.72
CA SER A 2 16.32 16.53 23.18
C SER A 2 15.18 16.50 22.16
N SER A 3 15.05 15.37 21.48
CA SER A 3 14.00 15.21 20.48
C SER A 3 12.95 14.21 20.94
N GLY A 4 11.78 14.25 20.31
CA GLY A 4 10.70 13.35 20.66
C GLY A 4 9.38 13.73 20.02
N SER A 5 9.43 14.07 18.74
CA SER A 5 8.23 14.46 18.02
C SER A 5 7.24 13.32 17.95
N SER A 6 6.06 13.52 18.55
CA SER A 6 5.02 12.49 18.57
C SER A 6 3.63 13.13 18.47
N GLY A 7 2.69 12.37 17.94
CA GLY A 7 1.32 12.87 17.80
C GLY A 7 0.60 12.25 16.62
N GLU A 8 -0.38 12.98 16.09
CA GLU A 8 -1.15 12.50 14.95
C GLU A 8 -0.41 12.74 13.64
N CYS A 9 -0.20 11.68 12.88
CA CYS A 9 0.51 11.78 11.60
C CYS A 9 -0.47 12.03 10.46
N GLU A 10 0.03 12.58 9.36
CA GLU A 10 -0.81 12.88 8.20
C GLU A 10 0.06 13.12 6.97
N VAL A 11 -0.51 12.85 5.79
CA VAL A 11 0.19 13.05 4.53
C VAL A 11 1.07 14.30 4.58
N TYR A 12 0.66 15.26 5.40
CA TYR A 12 1.40 16.51 5.53
C TYR A 12 2.91 16.27 5.42
N ASP A 13 3.41 15.37 6.26
CA ASP A 13 4.83 15.04 6.26
C ASP A 13 5.29 14.60 4.87
N PRO A 14 6.07 15.46 4.21
CA PRO A 14 6.58 15.18 2.86
C PRO A 14 7.63 14.09 2.85
N ASN A 15 8.47 14.06 3.89
CA ASN A 15 9.52 13.06 4.01
C ASN A 15 8.92 11.68 4.29
N ALA A 16 7.81 11.66 5.03
CA ALA A 16 7.14 10.42 5.37
C ALA A 16 7.08 9.48 4.17
N LEU A 17 7.13 8.18 4.44
CA LEU A 17 7.09 7.17 3.38
C LEU A 17 6.25 5.97 3.80
N TYR A 18 5.39 5.51 2.89
CA TYR A 18 4.53 4.38 3.17
C TYR A 18 4.73 3.27 2.14
N CYS A 19 4.43 3.58 0.89
CA CYS A 19 4.59 2.62 -0.20
C CYS A 19 6.05 2.36 -0.50
N ILE A 20 6.32 1.30 -1.24
CA ILE A 20 7.70 0.94 -1.60
C ILE A 20 8.29 1.95 -2.58
N CYS A 21 7.42 2.62 -3.33
CA CYS A 21 7.86 3.62 -4.30
C CYS A 21 8.29 4.89 -3.60
N ARG A 22 8.29 4.87 -2.26
CA ARG A 22 8.70 6.03 -1.48
C ARG A 22 7.79 7.22 -1.77
N GLN A 23 6.48 7.01 -1.67
CA GLN A 23 5.52 8.07 -1.93
C GLN A 23 4.48 8.14 -0.81
N PRO A 24 3.91 9.34 -0.60
CA PRO A 24 2.90 9.57 0.43
C PRO A 24 1.57 8.88 0.11
N HIS A 25 0.56 9.17 0.93
CA HIS A 25 -0.76 8.58 0.72
C HIS A 25 -1.65 9.52 -0.09
N ASN A 26 -1.87 9.18 -1.35
CA ASN A 26 -2.70 9.98 -2.24
C ASN A 26 -4.09 9.39 -2.38
N ASN A 27 -4.99 10.12 -3.02
CA ASN A 27 -6.36 9.66 -3.23
C ASN A 27 -6.39 8.19 -3.61
N ARG A 28 -5.49 7.80 -4.53
CA ARG A 28 -5.42 6.43 -4.99
C ARG A 28 -5.73 5.46 -3.86
N PHE A 29 -6.31 4.31 -4.21
CA PHE A 29 -6.66 3.30 -3.22
C PHE A 29 -5.41 2.67 -2.61
N MET A 30 -5.51 2.25 -1.36
CA MET A 30 -4.39 1.63 -0.66
C MET A 30 -4.89 0.65 0.40
N ILE A 31 -4.02 -0.28 0.78
CA ILE A 31 -4.37 -1.28 1.79
C ILE A 31 -3.24 -1.46 2.79
N CYS A 32 -3.58 -1.97 3.97
CA CYS A 32 -2.59 -2.21 5.01
C CYS A 32 -2.20 -3.68 5.09
N CYS A 33 -1.16 -4.05 4.35
CA CYS A 33 -0.69 -5.43 4.32
C CYS A 33 -0.73 -6.05 5.72
N ASP A 34 -0.70 -7.37 5.77
CA ASP A 34 -0.73 -8.08 7.05
C ASP A 34 0.65 -8.61 7.41
N ARG A 35 1.49 -8.79 6.39
CA ARG A 35 2.84 -9.30 6.60
C ARG A 35 3.77 -8.19 7.09
N CYS A 36 4.07 -7.25 6.20
CA CYS A 36 4.95 -6.13 6.54
C CYS A 36 4.17 -5.03 7.26
N GLU A 37 2.85 -5.12 7.21
CA GLU A 37 1.99 -4.13 7.87
C GLU A 37 2.30 -2.73 7.36
N GLU A 38 2.39 -2.58 6.03
CA GLU A 38 2.68 -1.29 5.43
C GLU A 38 1.55 -0.86 4.50
N TRP A 39 1.64 0.36 4.00
CA TRP A 39 0.62 0.90 3.09
C TRP A 39 1.18 1.09 1.69
N PHE A 40 0.63 0.33 0.74
CA PHE A 40 1.08 0.41 -0.64
C PHE A 40 -0.09 0.74 -1.57
N HIS A 41 0.23 1.23 -2.77
CA HIS A 41 -0.79 1.58 -3.75
C HIS A 41 -1.23 0.36 -4.55
N GLY A 42 -2.54 0.15 -4.62
CA GLY A 42 -3.06 -0.99 -5.35
C GLY A 42 -2.25 -1.30 -6.59
N ASP A 43 -2.24 -0.37 -7.54
CA ASP A 43 -1.49 -0.56 -8.78
C ASP A 43 -0.06 -1.00 -8.49
N CYS A 44 0.61 -0.29 -7.58
CA CYS A 44 1.98 -0.61 -7.22
C CYS A 44 2.11 -2.07 -6.82
N VAL A 45 1.19 -2.55 -5.99
CA VAL A 45 1.21 -3.93 -5.53
C VAL A 45 0.24 -4.79 -6.35
N GLY A 46 -0.20 -4.25 -7.50
CA GLY A 46 -1.11 -4.98 -8.34
C GLY A 46 -2.56 -4.85 -7.90
N ILE A 47 -2.79 -5.05 -6.60
CA ILE A 47 -4.14 -4.94 -6.05
C ILE A 47 -4.91 -3.80 -6.70
N SER A 48 -6.21 -4.03 -6.91
CA SER A 48 -7.06 -3.02 -7.53
C SER A 48 -8.07 -2.47 -6.52
N GLU A 49 -8.54 -1.25 -6.78
CA GLU A 49 -9.50 -0.60 -5.89
C GLU A 49 -10.55 -1.61 -5.42
N ALA A 50 -11.29 -2.18 -6.36
CA ALA A 50 -12.33 -3.15 -6.04
C ALA A 50 -11.73 -4.40 -5.37
N ARG A 51 -10.76 -5.01 -6.04
CA ARG A 51 -10.11 -6.21 -5.52
C ARG A 51 -10.00 -6.14 -4.00
N GLY A 52 -9.57 -4.99 -3.50
CA GLY A 52 -9.42 -4.81 -2.07
C GLY A 52 -10.67 -4.27 -1.41
N ARG A 53 -11.11 -3.10 -1.86
CA ARG A 53 -12.31 -2.47 -1.31
C ARG A 53 -13.34 -3.52 -0.91
N LEU A 54 -13.50 -4.54 -1.75
CA LEU A 54 -14.45 -5.61 -1.48
C LEU A 54 -13.90 -6.59 -0.45
N LEU A 55 -12.74 -7.16 -0.76
CA LEU A 55 -12.09 -8.12 0.13
C LEU A 55 -12.35 -7.75 1.59
N GLU A 56 -12.45 -6.45 1.86
CA GLU A 56 -12.69 -5.97 3.22
C GLU A 56 -14.02 -6.49 3.75
N ARG A 57 -15.12 -6.00 3.16
CA ARG A 57 -16.45 -6.40 3.57
C ARG A 57 -16.65 -7.91 3.40
N ASN A 58 -15.87 -8.50 2.49
CA ASN A 58 -15.95 -9.94 2.23
C ASN A 58 -15.27 -10.73 3.34
N GLY A 59 -14.19 -10.19 3.88
CA GLY A 59 -13.47 -10.86 4.94
C GLY A 59 -12.30 -11.68 4.42
N GLU A 60 -11.45 -11.04 3.62
CA GLU A 60 -10.28 -11.71 3.06
C GLU A 60 -8.98 -11.03 3.52
N ASP A 61 -7.88 -11.74 3.35
CA ASP A 61 -6.57 -11.21 3.75
C ASP A 61 -5.68 -10.98 2.52
N TYR A 62 -5.24 -9.74 2.34
CA TYR A 62 -4.39 -9.40 1.21
C TYR A 62 -2.91 -9.43 1.61
N ILE A 63 -2.10 -10.07 0.78
CA ILE A 63 -0.67 -10.18 1.05
C ILE A 63 0.14 -9.55 -0.08
N CYS A 64 0.54 -8.29 0.12
CA CYS A 64 1.32 -7.56 -0.88
C CYS A 64 2.36 -8.49 -1.53
N PRO A 65 2.77 -8.14 -2.75
CA PRO A 65 3.77 -8.92 -3.50
C PRO A 65 5.16 -8.82 -2.89
N ASN A 66 5.62 -7.60 -2.67
CA ASN A 66 6.95 -7.38 -2.09
C ASN A 66 7.22 -8.38 -0.97
N CYS A 67 6.16 -8.78 -0.27
CA CYS A 67 6.29 -9.72 0.83
C CYS A 67 6.55 -11.13 0.31
N THR A 68 5.59 -11.68 -0.42
CA THR A 68 5.73 -13.02 -0.98
C THR A 68 6.94 -13.12 -1.89
N ILE A 69 7.05 -12.19 -2.83
CA ILE A 69 8.17 -12.17 -3.77
C ILE A 69 9.46 -12.63 -3.09
N LEU A 70 9.64 -12.21 -1.84
CA LEU A 70 10.83 -12.58 -1.08
C LEU A 70 10.84 -14.07 -0.77
N SER A 71 9.88 -14.50 0.06
CA SER A 71 9.77 -15.90 0.45
C SER A 71 9.71 -16.79 -0.79
N GLY A 72 8.75 -16.53 -1.66
CA GLY A 72 8.59 -17.33 -2.86
C GLY A 72 9.93 -17.72 -3.47
N PRO A 73 9.97 -18.91 -4.10
CA PRO A 73 11.19 -19.41 -4.74
C PRO A 73 11.57 -18.62 -5.98
N SER A 74 10.75 -17.63 -6.32
CA SER A 74 11.01 -16.80 -7.49
C SER A 74 12.04 -15.72 -7.17
N SER A 75 13.10 -16.10 -6.48
CA SER A 75 14.15 -15.16 -6.12
C SER A 75 14.68 -14.42 -7.34
N GLY A 76 15.06 -13.16 -7.15
CA GLY A 76 15.58 -12.38 -8.26
C GLY A 76 14.48 -11.85 -9.15
ZN ZN B . 3.37 3.19 -4.69
ZN ZN C . 3.51 -6.82 2.74
N GLY A 1 10.91 22.93 -31.09
CA GLY A 1 9.91 23.03 -30.04
C GLY A 1 10.51 22.86 -28.65
N SER A 2 10.54 23.94 -27.89
CA SER A 2 11.11 23.91 -26.54
C SER A 2 10.05 23.45 -25.53
N SER A 3 10.51 23.17 -24.31
CA SER A 3 9.60 22.71 -23.25
C SER A 3 8.94 23.90 -22.56
N GLY A 4 7.66 23.76 -22.27
CA GLY A 4 6.93 24.82 -21.61
C GLY A 4 5.94 24.30 -20.59
N SER A 5 6.44 23.85 -19.45
CA SER A 5 5.60 23.32 -18.40
C SER A 5 4.58 24.36 -17.93
N SER A 6 3.68 23.94 -17.04
CA SER A 6 2.66 24.83 -16.53
C SER A 6 2.66 24.83 -15.00
N GLY A 7 2.46 23.64 -14.42
CA GLY A 7 2.43 23.52 -12.98
C GLY A 7 1.28 22.67 -12.50
N GLU A 8 1.58 21.45 -12.06
CA GLU A 8 0.56 20.54 -11.57
C GLU A 8 0.73 20.27 -10.08
N CYS A 9 -0.38 20.22 -9.36
CA CYS A 9 -0.36 19.98 -7.92
C CYS A 9 0.35 18.66 -7.60
N GLU A 10 1.36 18.73 -6.75
CA GLU A 10 2.12 17.54 -6.38
C GLU A 10 2.48 17.58 -4.89
N VAL A 11 2.37 16.43 -4.23
CA VAL A 11 2.69 16.34 -2.81
C VAL A 11 3.99 15.59 -2.59
N TYR A 12 5.10 16.32 -2.65
CA TYR A 12 6.43 15.73 -2.46
C TYR A 12 6.91 15.94 -1.03
N ASP A 13 7.23 14.84 -0.35
CA ASP A 13 7.72 14.90 1.03
C ASP A 13 8.62 13.73 1.34
N PRO A 14 9.88 14.01 1.68
CA PRO A 14 10.87 12.98 2.01
C PRO A 14 10.57 12.29 3.34
N ASN A 15 9.64 12.86 4.10
CA ASN A 15 9.26 12.31 5.39
C ASN A 15 8.16 11.26 5.22
N ALA A 16 7.13 11.60 4.46
CA ALA A 16 6.02 10.70 4.22
C ALA A 16 6.43 9.55 3.30
N LEU A 17 6.72 8.40 3.89
CA LEU A 17 7.12 7.23 3.12
C LEU A 17 6.44 5.97 3.65
N TYR A 18 5.62 5.35 2.81
CA TYR A 18 4.90 4.13 3.20
C TYR A 18 5.12 3.04 2.17
N CYS A 19 4.58 3.24 0.98
CA CYS A 19 4.72 2.26 -0.10
C CYS A 19 6.19 1.98 -0.40
N ILE A 20 6.43 0.91 -1.15
CA ILE A 20 7.79 0.53 -1.51
C ILE A 20 8.44 1.59 -2.40
N CYS A 21 7.61 2.30 -3.16
CA CYS A 21 8.10 3.34 -4.06
C CYS A 21 8.52 4.59 -3.27
N ARG A 22 8.39 4.51 -1.95
CA ARG A 22 8.75 5.62 -1.09
C ARG A 22 7.98 6.89 -1.48
N GLN A 23 6.65 6.77 -1.53
CA GLN A 23 5.81 7.90 -1.88
C GLN A 23 4.70 8.10 -0.85
N PRO A 24 4.23 9.36 -0.72
CA PRO A 24 3.17 9.71 0.23
C PRO A 24 1.82 9.14 -0.17
N HIS A 25 0.84 9.27 0.71
CA HIS A 25 -0.51 8.77 0.45
C HIS A 25 -1.30 9.76 -0.41
N ASN A 26 -1.46 9.42 -1.69
CA ASN A 26 -2.19 10.28 -2.61
C ASN A 26 -3.54 9.67 -2.96
N ASN A 27 -4.37 10.43 -3.67
CA ASN A 27 -5.70 9.97 -4.07
C ASN A 27 -5.68 8.47 -4.36
N ARG A 28 -4.62 8.02 -5.03
CA ARG A 28 -4.49 6.60 -5.36
C ARG A 28 -5.02 5.72 -4.24
N PHE A 29 -5.49 4.54 -4.60
CA PHE A 29 -6.03 3.59 -3.63
C PHE A 29 -4.91 2.99 -2.78
N MET A 30 -5.20 2.78 -1.50
CA MET A 30 -4.22 2.21 -0.58
C MET A 30 -4.85 1.11 0.27
N ILE A 31 -4.02 0.18 0.74
CA ILE A 31 -4.49 -0.92 1.56
C ILE A 31 -3.45 -1.31 2.61
N CYS A 32 -3.91 -1.94 3.69
CA CYS A 32 -3.03 -2.36 4.76
C CYS A 32 -2.71 -3.85 4.65
N CYS A 33 -1.42 -4.16 4.61
CA CYS A 33 -0.98 -5.55 4.51
C CYS A 33 -1.08 -6.26 5.85
N ASP A 34 -0.99 -7.59 5.81
CA ASP A 34 -1.08 -8.39 7.03
C ASP A 34 0.27 -9.02 7.36
N ARG A 35 1.17 -9.02 6.39
CA ARG A 35 2.50 -9.60 6.56
C ARG A 35 3.50 -8.54 7.03
N CYS A 36 3.66 -7.49 6.22
CA CYS A 36 4.58 -6.41 6.55
C CYS A 36 3.83 -5.23 7.16
N GLU A 37 2.50 -5.32 7.17
CA GLU A 37 1.68 -4.25 7.73
C GLU A 37 2.11 -2.88 7.21
N GLU A 38 2.28 -2.78 5.90
CA GLU A 38 2.71 -1.53 5.28
C GLU A 38 1.67 -1.04 4.27
N TRP A 39 1.55 0.28 4.16
CA TRP A 39 0.58 0.88 3.24
C TRP A 39 1.18 1.01 1.84
N PHE A 40 0.53 0.38 0.86
CA PHE A 40 0.99 0.42 -0.52
C PHE A 40 -0.12 0.91 -1.45
N HIS A 41 0.23 1.10 -2.72
CA HIS A 41 -0.73 1.57 -3.71
C HIS A 41 -1.33 0.40 -4.47
N GLY A 42 -2.66 0.29 -4.44
CA GLY A 42 -3.33 -0.79 -5.13
C GLY A 42 -2.65 -1.16 -6.43
N ASP A 43 -2.18 -0.15 -7.16
CA ASP A 43 -1.51 -0.38 -8.43
C ASP A 43 -0.12 -0.98 -8.22
N CYS A 44 0.71 -0.27 -7.45
CA CYS A 44 2.06 -0.75 -7.17
C CYS A 44 2.06 -2.23 -6.81
N VAL A 45 1.22 -2.60 -5.85
CA VAL A 45 1.12 -3.98 -5.41
C VAL A 45 0.29 -4.81 -6.39
N GLY A 46 -0.59 -4.14 -7.12
CA GLY A 46 -1.44 -4.82 -8.09
C GLY A 46 -2.90 -4.75 -7.73
N ILE A 47 -3.21 -4.96 -6.45
CA ILE A 47 -4.59 -4.93 -5.99
C ILE A 47 -5.35 -3.78 -6.64
N SER A 48 -6.49 -4.11 -7.24
CA SER A 48 -7.33 -3.11 -7.90
C SER A 48 -8.32 -2.50 -6.92
N GLU A 49 -8.73 -1.26 -7.19
CA GLU A 49 -9.67 -0.56 -6.34
C GLU A 49 -10.76 -1.51 -5.84
N ALA A 50 -11.43 -2.17 -6.77
CA ALA A 50 -12.49 -3.11 -6.43
C ALA A 50 -11.94 -4.31 -5.66
N ARG A 51 -10.87 -4.91 -6.20
CA ARG A 51 -10.25 -6.07 -5.58
C ARG A 51 -10.07 -5.84 -4.08
N GLY A 52 -9.32 -4.82 -3.71
CA GLY A 52 -9.08 -4.51 -2.32
C GLY A 52 -10.36 -4.23 -1.57
N ARG A 53 -11.10 -3.21 -2.02
CA ARG A 53 -12.35 -2.83 -1.38
C ARG A 53 -13.11 -4.06 -0.89
N LEU A 54 -13.19 -5.08 -1.74
CA LEU A 54 -13.89 -6.31 -1.40
C LEU A 54 -13.17 -7.04 -0.27
N LEU A 55 -11.89 -7.32 -0.47
CA LEU A 55 -11.09 -8.01 0.54
C LEU A 55 -11.47 -7.56 1.94
N GLU A 56 -11.96 -6.32 2.05
CA GLU A 56 -12.36 -5.76 3.34
C GLU A 56 -13.70 -6.34 3.78
N ARG A 57 -14.76 -5.95 3.08
CA ARG A 57 -16.10 -6.43 3.40
C ARG A 57 -16.15 -7.95 3.45
N ASN A 58 -15.57 -8.59 2.43
CA ASN A 58 -15.55 -10.04 2.35
C ASN A 58 -14.92 -10.64 3.62
N GLY A 59 -13.76 -10.12 4.00
CA GLY A 59 -13.08 -10.62 5.18
C GLY A 59 -11.84 -11.42 4.85
N GLU A 60 -11.13 -11.00 3.80
CA GLU A 60 -9.91 -11.69 3.38
C GLU A 60 -8.67 -10.90 3.79
N ASP A 61 -7.56 -11.61 3.96
CA ASP A 61 -6.30 -10.98 4.35
C ASP A 61 -5.46 -10.65 3.11
N TYR A 62 -5.34 -9.36 2.81
CA TYR A 62 -4.56 -8.92 1.66
C TYR A 62 -3.07 -9.09 1.92
N ILE A 63 -2.43 -9.94 1.11
CA ILE A 63 -1.00 -10.19 1.25
C ILE A 63 -0.22 -9.57 0.09
N CYS A 64 0.19 -8.32 0.25
CA CYS A 64 0.94 -7.62 -0.78
C CYS A 64 1.95 -8.56 -1.44
N PRO A 65 2.35 -8.21 -2.68
CA PRO A 65 3.32 -9.01 -3.44
C PRO A 65 4.73 -8.94 -2.87
N ASN A 66 5.21 -7.71 -2.66
CA ASN A 66 6.55 -7.51 -2.11
C ASN A 66 6.82 -8.49 -0.97
N CYS A 67 5.77 -8.95 -0.32
CA CYS A 67 5.89 -9.89 0.78
C CYS A 67 6.14 -11.31 0.26
N THR A 68 5.14 -11.86 -0.41
CA THR A 68 5.25 -13.21 -0.96
C THR A 68 6.45 -13.33 -1.89
N ILE A 69 6.59 -12.36 -2.79
CA ILE A 69 7.70 -12.35 -3.74
C ILE A 69 8.99 -12.82 -3.08
N LEU A 70 9.21 -12.39 -1.85
CA LEU A 70 10.41 -12.77 -1.11
C LEU A 70 10.30 -14.20 -0.58
N SER A 71 9.25 -14.45 0.19
CA SER A 71 9.02 -15.78 0.76
C SER A 71 7.76 -16.42 0.18
N GLY A 72 7.93 -17.58 -0.43
CA GLY A 72 6.79 -18.28 -1.02
C GLY A 72 7.15 -19.02 -2.29
N PRO A 73 6.18 -19.18 -3.19
CA PRO A 73 6.38 -19.87 -4.47
C PRO A 73 7.25 -19.07 -5.42
N SER A 74 8.48 -19.53 -5.61
CA SER A 74 9.42 -18.85 -6.50
C SER A 74 9.06 -19.11 -7.96
N SER A 75 8.28 -18.21 -8.54
CA SER A 75 7.87 -18.34 -9.94
C SER A 75 9.01 -18.85 -10.80
N GLY A 76 10.19 -18.27 -10.62
CA GLY A 76 11.36 -18.68 -11.39
C GLY A 76 12.31 -17.53 -11.67
ZN ZN B . 3.68 2.81 -4.60
ZN ZN C . 3.18 -6.95 2.70
N GLY A 1 10.39 28.11 8.92
CA GLY A 1 9.85 28.57 7.65
C GLY A 1 8.34 28.72 7.69
N SER A 2 7.64 27.82 7.02
CA SER A 2 6.19 27.85 6.97
C SER A 2 5.59 26.57 7.55
N SER A 3 4.46 26.71 8.24
CA SER A 3 3.79 25.57 8.84
C SER A 3 2.32 25.86 9.07
N GLY A 4 1.49 24.83 8.96
CA GLY A 4 0.06 24.99 9.15
C GLY A 4 -0.73 23.75 8.80
N SER A 5 -1.20 23.03 9.81
CA SER A 5 -1.96 21.81 9.59
C SER A 5 -3.20 22.08 8.76
N SER A 6 -3.75 21.03 8.17
CA SER A 6 -4.94 21.16 7.33
C SER A 6 -5.73 19.85 7.30
N GLY A 7 -6.87 19.87 6.63
CA GLY A 7 -7.70 18.69 6.53
C GLY A 7 -8.27 18.47 5.15
N GLU A 8 -7.40 18.57 4.14
CA GLU A 8 -7.82 18.39 2.75
C GLU A 8 -6.68 17.82 1.90
N CYS A 9 -7.05 17.15 0.82
CA CYS A 9 -6.05 16.55 -0.08
C CYS A 9 -4.82 17.44 -0.19
N GLU A 10 -3.66 16.88 0.13
CA GLU A 10 -2.41 17.63 0.06
C GLU A 10 -1.21 16.68 0.03
N VAL A 11 -0.01 17.25 -0.02
CA VAL A 11 1.21 16.46 -0.05
C VAL A 11 2.03 16.66 1.21
N TYR A 12 1.82 15.77 2.19
CA TYR A 12 2.54 15.85 3.46
C TYR A 12 4.04 15.84 3.23
N ASP A 13 4.80 15.94 4.32
CA ASP A 13 6.26 15.95 4.25
C ASP A 13 6.75 14.92 3.22
N PRO A 14 7.66 15.37 2.34
CA PRO A 14 8.23 14.51 1.30
C PRO A 14 9.16 13.44 1.86
N ASN A 15 9.89 13.80 2.91
CA ASN A 15 10.82 12.88 3.55
C ASN A 15 10.10 11.62 4.02
N ALA A 16 8.79 11.73 4.21
CA ALA A 16 7.99 10.60 4.65
C ALA A 16 7.76 9.61 3.52
N LEU A 17 7.94 8.33 3.81
CA LEU A 17 7.75 7.28 2.81
C LEU A 17 6.90 6.14 3.37
N TYR A 18 6.04 5.58 2.52
CA TYR A 18 5.18 4.48 2.93
C TYR A 18 5.26 3.32 1.94
N CYS A 19 4.77 3.55 0.73
CA CYS A 19 4.79 2.53 -0.31
C CYS A 19 6.22 2.12 -0.65
N ILE A 20 6.35 1.03 -1.40
CA ILE A 20 7.68 0.53 -1.78
C ILE A 20 8.36 1.49 -2.74
N CYS A 21 7.56 2.25 -3.49
CA CYS A 21 8.10 3.22 -4.45
C CYS A 21 8.52 4.50 -3.75
N ARG A 22 8.62 4.44 -2.42
CA ARG A 22 9.01 5.60 -1.64
C ARG A 22 8.24 6.85 -2.08
N GLN A 23 6.91 6.74 -2.10
CA GLN A 23 6.06 7.86 -2.50
C GLN A 23 5.07 8.21 -1.40
N PRO A 24 4.62 9.47 -1.39
CA PRO A 24 3.66 9.97 -0.40
C PRO A 24 2.27 9.37 -0.60
N HIS A 25 1.42 9.52 0.41
CA HIS A 25 0.06 9.00 0.34
C HIS A 25 -0.82 9.89 -0.54
N ASN A 26 -0.72 9.72 -1.85
CA ASN A 26 -1.49 10.50 -2.80
C ASN A 26 -2.98 10.17 -2.68
N ASN A 27 -3.78 10.74 -3.58
CA ASN A 27 -5.22 10.50 -3.57
C ASN A 27 -5.56 9.17 -4.24
N ARG A 28 -4.77 8.15 -3.94
CA ARG A 28 -4.98 6.82 -4.51
C ARG A 28 -5.47 5.85 -3.45
N PHE A 29 -5.92 4.68 -3.89
CA PHE A 29 -6.41 3.65 -2.97
C PHE A 29 -5.26 2.95 -2.26
N MET A 30 -5.32 2.92 -0.94
CA MET A 30 -4.28 2.28 -0.14
C MET A 30 -4.86 1.16 0.71
N ILE A 31 -4.01 0.20 1.08
CA ILE A 31 -4.45 -0.92 1.90
C ILE A 31 -3.40 -1.27 2.95
N CYS A 32 -3.83 -1.94 4.02
CA CYS A 32 -2.93 -2.33 5.09
C CYS A 32 -2.63 -3.82 5.02
N CYS A 33 -1.42 -4.16 4.60
CA CYS A 33 -1.00 -5.55 4.49
C CYS A 33 -1.10 -6.26 5.84
N ASP A 34 -1.02 -7.59 5.80
CA ASP A 34 -1.09 -8.39 7.02
C ASP A 34 0.27 -8.97 7.38
N ARG A 35 1.12 -9.12 6.38
CA ARG A 35 2.45 -9.67 6.58
C ARG A 35 3.42 -8.59 7.06
N CYS A 36 3.61 -7.56 6.24
CA CYS A 36 4.50 -6.46 6.57
C CYS A 36 3.75 -5.31 7.21
N GLU A 37 2.42 -5.35 7.09
CA GLU A 37 1.58 -4.30 7.66
C GLU A 37 2.05 -2.92 7.23
N GLU A 38 2.21 -2.73 5.93
CA GLU A 38 2.66 -1.46 5.38
C GLU A 38 1.60 -0.85 4.47
N TRP A 39 1.86 0.37 4.01
CA TRP A 39 0.93 1.07 3.13
C TRP A 39 1.47 1.13 1.70
N PHE A 40 0.72 0.54 0.77
CA PHE A 40 1.12 0.51 -0.63
C PHE A 40 -0.04 0.93 -1.53
N HIS A 41 0.27 1.22 -2.79
CA HIS A 41 -0.75 1.63 -3.75
C HIS A 41 -1.27 0.43 -4.52
N GLY A 42 -2.59 0.26 -4.52
CA GLY A 42 -3.21 -0.86 -5.22
C GLY A 42 -2.46 -1.21 -6.49
N ASP A 43 -2.40 -0.26 -7.43
CA ASP A 43 -1.72 -0.47 -8.70
C ASP A 43 -0.31 -1.01 -8.48
N CYS A 44 0.46 -0.31 -7.66
CA CYS A 44 1.83 -0.72 -7.36
C CYS A 44 1.89 -2.20 -7.02
N VAL A 45 1.15 -2.59 -5.98
CA VAL A 45 1.13 -3.98 -5.54
C VAL A 45 0.13 -4.79 -6.37
N GLY A 46 -0.17 -4.31 -7.56
CA GLY A 46 -1.10 -5.00 -8.43
C GLY A 46 -2.54 -4.81 -8.01
N ILE A 47 -2.80 -5.00 -6.72
CA ILE A 47 -4.15 -4.86 -6.18
C ILE A 47 -4.90 -3.73 -6.89
N SER A 48 -6.22 -3.86 -6.97
CA SER A 48 -7.05 -2.85 -7.62
C SER A 48 -8.16 -2.38 -6.68
N GLU A 49 -8.62 -1.16 -6.90
CA GLU A 49 -9.68 -0.58 -6.08
C GLU A 49 -10.84 -1.57 -5.91
N ALA A 50 -11.21 -2.22 -7.01
CA ALA A 50 -12.30 -3.19 -7.00
C ALA A 50 -11.96 -4.38 -6.10
N ARG A 51 -10.68 -4.74 -6.07
CA ARG A 51 -10.22 -5.87 -5.26
C ARG A 51 -10.18 -5.49 -3.79
N GLY A 52 -9.35 -4.51 -3.45
CA GLY A 52 -9.22 -4.07 -2.07
C GLY A 52 -10.57 -3.75 -1.45
N ARG A 53 -11.50 -3.29 -2.27
CA ARG A 53 -12.85 -2.94 -1.79
C ARG A 53 -13.50 -4.14 -1.11
N LEU A 54 -13.59 -5.25 -1.83
CA LEU A 54 -14.20 -6.46 -1.31
C LEU A 54 -13.27 -7.15 -0.31
N LEU A 55 -11.99 -7.24 -0.67
CA LEU A 55 -11.01 -7.88 0.19
C LEU A 55 -11.25 -7.53 1.65
N GLU A 56 -11.89 -6.40 1.89
CA GLU A 56 -12.20 -5.95 3.24
C GLU A 56 -13.51 -6.55 3.73
N ARG A 57 -14.61 -6.06 3.17
CA ARG A 57 -15.94 -6.54 3.53
C ARG A 57 -16.01 -8.06 3.48
N ASN A 58 -15.50 -8.63 2.39
CA ASN A 58 -15.49 -10.08 2.22
C ASN A 58 -14.75 -10.77 3.36
N GLY A 59 -13.55 -10.27 3.66
CA GLY A 59 -12.75 -10.86 4.72
C GLY A 59 -11.56 -11.63 4.20
N GLU A 60 -10.97 -11.15 3.11
CA GLU A 60 -9.81 -11.80 2.51
C GLU A 60 -8.52 -11.12 2.95
N ASP A 61 -7.39 -11.71 2.56
CA ASP A 61 -6.09 -11.16 2.91
C ASP A 61 -5.31 -10.76 1.67
N TYR A 62 -5.24 -9.47 1.40
CA TYR A 62 -4.52 -8.96 0.24
C TYR A 62 -3.02 -8.93 0.49
N ILE A 63 -2.48 -10.06 0.93
CA ILE A 63 -1.05 -10.16 1.20
C ILE A 63 -0.22 -9.57 0.07
N CYS A 64 0.19 -8.32 0.23
CA CYS A 64 0.99 -7.64 -0.79
C CYS A 64 1.98 -8.61 -1.43
N PRO A 65 2.41 -8.28 -2.66
CA PRO A 65 3.37 -9.10 -3.41
C PRO A 65 4.77 -9.06 -2.80
N ASN A 66 5.28 -7.86 -2.59
CA ASN A 66 6.60 -7.68 -2.01
C ASN A 66 6.84 -8.66 -0.87
N CYS A 67 5.76 -9.03 -0.19
CA CYS A 67 5.85 -9.97 0.93
C CYS A 67 6.08 -11.40 0.42
N THR A 68 5.12 -11.91 -0.34
CA THR A 68 5.23 -13.26 -0.89
C THR A 68 6.45 -13.40 -1.79
N ILE A 69 6.59 -12.48 -2.73
CA ILE A 69 7.72 -12.49 -3.66
C ILE A 69 9.02 -12.83 -2.93
N LEU A 70 9.26 -12.17 -1.81
CA LEU A 70 10.46 -12.39 -1.02
C LEU A 70 10.45 -13.79 -0.40
N SER A 71 9.36 -14.11 0.30
CA SER A 71 9.22 -15.41 0.94
C SER A 71 8.24 -16.30 0.17
N GLY A 72 8.79 -17.23 -0.61
CA GLY A 72 7.95 -18.13 -1.39
C GLY A 72 7.05 -18.98 -0.52
N PRO A 73 6.34 -19.92 -1.14
CA PRO A 73 5.43 -20.83 -0.43
C PRO A 73 6.17 -21.83 0.44
N SER A 74 6.45 -21.43 1.68
CA SER A 74 7.17 -22.30 2.61
C SER A 74 6.38 -22.46 3.90
N SER A 75 5.70 -23.60 4.03
CA SER A 75 4.89 -23.89 5.22
C SER A 75 5.78 -24.01 6.45
N GLY A 76 6.85 -24.80 6.33
CA GLY A 76 7.76 -24.97 7.45
C GLY A 76 7.21 -25.94 8.49
ZN ZN B . 3.69 2.88 -4.79
ZN ZN C . 3.15 -6.96 2.76
N GLY A 1 -3.72 4.16 31.51
CA GLY A 1 -3.61 5.24 30.53
C GLY A 1 -3.61 4.73 29.11
N SER A 2 -3.79 5.65 28.16
CA SER A 2 -3.82 5.29 26.74
C SER A 2 -3.01 6.28 25.92
N SER A 3 -2.75 5.91 24.67
CA SER A 3 -1.97 6.77 23.77
C SER A 3 -2.74 7.05 22.49
N GLY A 4 -3.33 8.24 22.40
CA GLY A 4 -4.09 8.61 21.21
C GLY A 4 -3.19 8.90 20.02
N SER A 5 -3.82 9.19 18.88
CA SER A 5 -3.07 9.50 17.65
C SER A 5 -3.99 10.09 16.59
N SER A 6 -3.86 11.39 16.37
CA SER A 6 -4.67 12.07 15.38
C SER A 6 -3.96 13.30 14.83
N GLY A 7 -4.14 13.57 13.53
CA GLY A 7 -3.50 14.72 12.92
C GLY A 7 -3.57 14.67 11.40
N GLU A 8 -3.58 15.83 10.77
CA GLU A 8 -3.65 15.92 9.32
C GLU A 8 -2.25 15.85 8.70
N CYS A 9 -1.76 14.63 8.48
CA CYS A 9 -0.44 14.44 7.90
C CYS A 9 -0.50 14.47 6.38
N GLU A 10 -0.15 15.63 5.82
CA GLU A 10 -0.17 15.80 4.36
C GLU A 10 1.08 15.20 3.73
N VAL A 11 1.00 14.92 2.43
CA VAL A 11 2.13 14.34 1.70
C VAL A 11 3.14 15.41 1.31
N TYR A 12 3.46 16.28 2.26
CA TYR A 12 4.42 17.36 2.02
C TYR A 12 5.74 17.08 2.73
N ASP A 13 6.16 15.83 2.70
CA ASP A 13 7.41 15.43 3.32
C ASP A 13 8.10 14.31 2.53
N PRO A 14 9.34 14.59 2.08
CA PRO A 14 10.11 13.62 1.30
C PRO A 14 10.57 12.43 2.14
N ASN A 15 10.90 12.69 3.40
CA ASN A 15 11.34 11.64 4.31
C ASN A 15 10.24 10.62 4.56
N ALA A 16 9.01 11.00 4.23
CA ALA A 16 7.86 10.12 4.42
C ALA A 16 7.77 9.10 3.29
N LEU A 17 8.11 7.85 3.60
CA LEU A 17 8.07 6.78 2.62
C LEU A 17 7.26 5.59 3.14
N TYR A 18 6.16 5.29 2.48
CA TYR A 18 5.30 4.17 2.87
C TYR A 18 5.41 3.02 1.88
N CYS A 19 5.05 3.30 0.62
CA CYS A 19 5.11 2.29 -0.42
C CYS A 19 6.55 1.85 -0.69
N ILE A 20 6.70 0.78 -1.46
CA ILE A 20 8.02 0.26 -1.79
C ILE A 20 8.76 1.20 -2.75
N CYS A 21 8.00 2.01 -3.48
CA CYS A 21 8.59 2.95 -4.42
C CYS A 21 9.02 4.23 -3.72
N ARG A 22 9.14 4.16 -2.40
CA ARG A 22 9.54 5.32 -1.60
C ARG A 22 8.74 6.56 -1.99
N GLN A 23 7.42 6.42 -1.97
CA GLN A 23 6.55 7.54 -2.32
C GLN A 23 5.51 7.78 -1.23
N PRO A 24 5.02 9.03 -1.15
CA PRO A 24 4.02 9.43 -0.15
C PRO A 24 2.66 8.80 -0.42
N HIS A 25 1.66 9.25 0.34
CA HIS A 25 0.30 8.73 0.19
C HIS A 25 -0.47 9.52 -0.86
N ASN A 26 -0.47 9.02 -2.10
CA ASN A 26 -1.18 9.69 -3.18
C ASN A 26 -2.63 9.23 -3.25
N ASN A 27 -3.41 9.89 -4.12
CA ASN A 27 -4.82 9.55 -4.28
C ASN A 27 -5.00 8.04 -4.49
N ARG A 28 -4.14 7.46 -5.31
CA ARG A 28 -4.21 6.02 -5.59
C ARG A 28 -4.68 5.25 -4.37
N PHE A 29 -5.38 4.15 -4.61
CA PHE A 29 -5.90 3.32 -3.52
C PHE A 29 -4.75 2.72 -2.71
N MET A 30 -5.01 2.53 -1.42
CA MET A 30 -4.00 1.96 -0.52
C MET A 30 -4.61 0.89 0.38
N ILE A 31 -3.77 -0.03 0.84
CA ILE A 31 -4.22 -1.11 1.72
C ILE A 31 -3.21 -1.40 2.80
N CYS A 32 -3.67 -1.96 3.91
CA CYS A 32 -2.80 -2.30 5.03
C CYS A 32 -2.45 -3.78 5.03
N CYS A 33 -1.30 -4.12 4.45
CA CYS A 33 -0.86 -5.50 4.38
C CYS A 33 -0.91 -6.16 5.75
N ASP A 34 -0.73 -7.48 5.79
CA ASP A 34 -0.76 -8.23 7.04
C ASP A 34 0.64 -8.74 7.38
N ARG A 35 1.40 -9.11 6.36
CA ARG A 35 2.76 -9.62 6.56
C ARG A 35 3.70 -8.50 7.00
N CYS A 36 3.80 -7.46 6.18
CA CYS A 36 4.66 -6.33 6.46
C CYS A 36 3.88 -5.20 7.12
N GLU A 37 2.57 -5.18 6.90
CA GLU A 37 1.71 -4.15 7.46
C GLU A 37 2.16 -2.77 7.02
N GLU A 38 2.27 -2.58 5.71
CA GLU A 38 2.70 -1.30 5.15
C GLU A 38 1.63 -0.74 4.22
N TRP A 39 1.83 0.49 3.77
CA TRP A 39 0.89 1.15 2.87
C TRP A 39 1.47 1.25 1.45
N PHE A 40 0.90 0.49 0.53
CA PHE A 40 1.36 0.51 -0.85
C PHE A 40 0.25 0.96 -1.79
N HIS A 41 0.62 1.25 -3.04
CA HIS A 41 -0.35 1.70 -4.04
C HIS A 41 -0.99 0.51 -4.75
N GLY A 42 -2.31 0.52 -4.82
CA GLY A 42 -3.02 -0.57 -5.48
C GLY A 42 -2.36 -0.98 -6.78
N ASP A 43 -1.86 -0.01 -7.52
CA ASP A 43 -1.20 -0.28 -8.79
C ASP A 43 0.16 -0.96 -8.57
N CYS A 44 0.93 -0.42 -7.64
CA CYS A 44 2.26 -0.97 -7.33
C CYS A 44 2.16 -2.44 -6.98
N VAL A 45 1.45 -2.74 -5.88
CA VAL A 45 1.28 -4.11 -5.42
C VAL A 45 0.37 -4.89 -6.36
N GLY A 46 -0.53 -4.17 -7.04
CA GLY A 46 -1.45 -4.82 -7.96
C GLY A 46 -2.89 -4.67 -7.53
N ILE A 47 -3.14 -4.76 -6.23
CA ILE A 47 -4.49 -4.62 -5.70
C ILE A 47 -5.25 -3.49 -6.39
N SER A 48 -6.48 -3.76 -6.79
CA SER A 48 -7.30 -2.76 -7.46
C SER A 48 -8.33 -2.17 -6.50
N GLU A 49 -8.70 -0.92 -6.75
CA GLU A 49 -9.67 -0.24 -5.90
C GLU A 49 -10.81 -1.18 -5.50
N ALA A 50 -11.34 -1.90 -6.48
CA ALA A 50 -12.43 -2.84 -6.23
C ALA A 50 -11.94 -4.06 -5.47
N ARG A 51 -10.83 -4.63 -5.92
CA ARG A 51 -10.25 -5.80 -5.27
C ARG A 51 -10.27 -5.66 -3.76
N GLY A 52 -9.56 -4.66 -3.25
CA GLY A 52 -9.51 -4.42 -1.82
C GLY A 52 -10.88 -4.20 -1.22
N ARG A 53 -11.61 -3.23 -1.76
CA ARG A 53 -12.95 -2.92 -1.27
C ARG A 53 -13.69 -4.18 -0.88
N LEU A 54 -13.81 -5.12 -1.83
CA LEU A 54 -14.49 -6.38 -1.58
C LEU A 54 -13.84 -7.15 -0.45
N LEU A 55 -12.56 -7.47 -0.62
CA LEU A 55 -11.81 -8.21 0.38
C LEU A 55 -12.22 -7.78 1.79
N GLU A 56 -12.61 -6.52 1.93
CA GLU A 56 -13.04 -5.99 3.22
C GLU A 56 -14.35 -6.61 3.66
N ARG A 57 -15.42 -6.29 2.93
CA ARG A 57 -16.75 -6.81 3.24
C ARG A 57 -16.72 -8.34 3.35
N ASN A 58 -15.82 -8.96 2.59
CA ASN A 58 -15.70 -10.41 2.59
C ASN A 58 -14.91 -10.88 3.82
N GLY A 59 -13.83 -10.18 4.13
CA GLY A 59 -13.01 -10.54 5.28
C GLY A 59 -11.80 -11.36 4.88
N GLU A 60 -11.22 -11.05 3.73
CA GLU A 60 -10.05 -11.76 3.25
C GLU A 60 -8.78 -10.95 3.50
N ASP A 61 -7.64 -11.61 3.39
CA ASP A 61 -6.34 -10.96 3.60
C ASP A 61 -5.62 -10.74 2.28
N TYR A 62 -5.09 -9.54 2.10
CA TYR A 62 -4.37 -9.19 0.88
C TYR A 62 -2.86 -9.16 1.13
N ILE A 63 -2.22 -10.31 1.00
CA ILE A 63 -0.79 -10.41 1.21
C ILE A 63 -0.02 -9.79 0.05
N CYS A 64 0.31 -8.50 0.19
CA CYS A 64 1.05 -7.79 -0.84
C CYS A 64 2.11 -8.68 -1.47
N PRO A 65 2.53 -8.33 -2.69
CA PRO A 65 3.55 -9.08 -3.43
C PRO A 65 4.94 -8.94 -2.81
N ASN A 66 5.36 -7.70 -2.60
CA ASN A 66 6.66 -7.42 -2.02
C ASN A 66 6.97 -8.40 -0.88
N CYS A 67 5.92 -8.83 -0.18
CA CYS A 67 6.07 -9.77 0.93
C CYS A 67 6.41 -11.17 0.42
N THR A 68 5.51 -11.73 -0.39
CA THR A 68 5.71 -13.07 -0.93
C THR A 68 6.92 -13.11 -1.85
N ILE A 69 6.96 -12.20 -2.82
CA ILE A 69 8.07 -12.13 -3.77
C ILE A 69 9.40 -12.44 -3.07
N LEU A 70 9.57 -11.89 -1.88
CA LEU A 70 10.79 -12.12 -1.11
C LEU A 70 10.70 -13.40 -0.29
N SER A 71 9.57 -13.59 0.39
CA SER A 71 9.36 -14.77 1.21
C SER A 71 8.27 -15.65 0.62
N GLY A 72 8.69 -16.68 -0.11
CA GLY A 72 7.74 -17.59 -0.72
C GLY A 72 6.71 -18.10 0.26
N PRO A 73 5.53 -18.48 -0.25
CA PRO A 73 4.43 -18.99 0.57
C PRO A 73 4.73 -20.37 1.14
N SER A 74 3.92 -20.80 2.11
CA SER A 74 4.11 -22.10 2.73
C SER A 74 2.86 -22.97 2.56
N SER A 75 3.06 -24.28 2.46
CA SER A 75 1.95 -25.21 2.30
C SER A 75 1.25 -25.47 3.63
N GLY A 76 0.03 -24.98 3.75
CA GLY A 76 -0.73 -25.17 4.98
C GLY A 76 -0.24 -24.28 6.10
ZN ZN B . 4.15 2.72 -4.94
ZN ZN C . 3.27 -6.91 2.64
N GLY A 1 21.29 28.99 19.19
CA GLY A 1 20.03 28.98 18.46
C GLY A 1 18.83 29.08 19.37
N SER A 2 17.71 28.51 18.93
CA SER A 2 16.49 28.55 19.72
C SER A 2 15.65 27.29 19.48
N SER A 3 14.61 27.12 20.29
CA SER A 3 13.74 25.95 20.17
C SER A 3 12.43 26.32 19.49
N GLY A 4 11.62 25.31 19.15
CA GLY A 4 10.35 25.56 18.51
C GLY A 4 9.28 24.59 18.96
N SER A 5 8.06 24.81 18.50
CA SER A 5 6.93 23.95 18.87
C SER A 5 6.40 23.20 17.65
N SER A 6 6.21 21.89 17.80
CA SER A 6 5.70 21.06 16.71
C SER A 6 5.25 19.70 17.24
N GLY A 7 4.07 19.27 16.81
CA GLY A 7 3.55 17.99 17.24
C GLY A 7 2.47 17.46 16.31
N GLU A 8 2.85 17.19 15.06
CA GLU A 8 1.91 16.68 14.07
C GLU A 8 2.64 15.90 12.98
N CYS A 9 1.91 15.01 12.30
CA CYS A 9 2.49 14.21 11.24
C CYS A 9 1.61 14.23 10.00
N GLU A 10 2.06 14.91 8.95
CA GLU A 10 1.31 15.01 7.71
C GLU A 10 2.04 14.29 6.58
N VAL A 11 1.26 13.70 5.67
CA VAL A 11 1.83 12.98 4.54
C VAL A 11 2.44 13.94 3.52
N TYR A 12 2.00 15.19 3.56
CA TYR A 12 2.51 16.21 2.64
C TYR A 12 4.04 16.27 2.70
N ASP A 13 4.59 16.15 3.90
CA ASP A 13 6.04 16.19 4.09
C ASP A 13 6.73 15.26 3.10
N PRO A 14 7.88 15.73 2.56
CA PRO A 14 8.66 14.95 1.60
C PRO A 14 9.34 13.75 2.23
N ASN A 15 9.66 13.87 3.52
CA ASN A 15 10.31 12.79 4.25
C ASN A 15 9.35 11.63 4.48
N ALA A 16 8.06 11.92 4.41
CA ALA A 16 7.03 10.91 4.62
C ALA A 16 6.90 10.00 3.41
N LEU A 17 7.25 8.73 3.58
CA LEU A 17 7.17 7.76 2.50
C LEU A 17 6.59 6.43 2.99
N TYR A 18 5.38 6.12 2.55
CA TYR A 18 4.71 4.89 2.95
C TYR A 18 5.00 3.77 1.95
N CYS A 19 4.35 3.83 0.78
CA CYS A 19 4.55 2.83 -0.25
C CYS A 19 6.03 2.56 -0.49
N ILE A 20 6.33 1.50 -1.24
CA ILE A 20 7.71 1.15 -1.54
C ILE A 20 8.29 2.07 -2.61
N CYS A 21 7.41 2.69 -3.39
CA CYS A 21 7.83 3.59 -4.45
C CYS A 21 8.17 4.97 -3.88
N ARG A 22 8.28 5.04 -2.56
CA ARG A 22 8.60 6.30 -1.89
C ARG A 22 7.65 7.41 -2.32
N GLN A 23 6.34 7.15 -2.18
CA GLN A 23 5.33 8.13 -2.55
C GLN A 23 4.28 8.27 -1.46
N PRO A 24 3.73 9.48 -1.32
CA PRO A 24 2.70 9.78 -0.31
C PRO A 24 1.37 9.10 -0.62
N HIS A 25 0.39 9.30 0.25
CA HIS A 25 -0.93 8.71 0.08
C HIS A 25 -1.82 9.60 -0.79
N ASN A 26 -1.85 9.32 -2.08
CA ASN A 26 -2.67 10.10 -3.01
C ASN A 26 -4.06 9.50 -3.15
N ASN A 27 -4.97 10.26 -3.75
CA ASN A 27 -6.35 9.81 -3.94
C ASN A 27 -6.38 8.33 -4.30
N ARG A 28 -5.40 7.89 -5.07
CA ARG A 28 -5.32 6.50 -5.49
C ARG A 28 -5.65 5.56 -4.33
N PHE A 29 -6.14 4.37 -4.65
CA PHE A 29 -6.50 3.39 -3.63
C PHE A 29 -5.27 2.93 -2.86
N MET A 30 -5.45 2.67 -1.57
CA MET A 30 -4.34 2.23 -0.71
C MET A 30 -4.81 1.20 0.29
N ILE A 31 -3.92 0.30 0.68
CA ILE A 31 -4.25 -0.75 1.64
C ILE A 31 -3.10 -0.99 2.61
N CYS A 32 -3.40 -1.62 3.73
CA CYS A 32 -2.39 -1.91 4.75
C CYS A 32 -2.01 -3.39 4.72
N CYS A 33 -0.74 -3.66 4.40
CA CYS A 33 -0.26 -5.04 4.33
C CYS A 33 -0.29 -5.70 5.71
N ASP A 34 -0.53 -7.00 5.73
CA ASP A 34 -0.59 -7.74 6.99
C ASP A 34 0.80 -8.21 7.40
N ARG A 35 1.71 -8.28 6.44
CA ARG A 35 3.08 -8.73 6.69
C ARG A 35 4.00 -7.52 6.90
N CYS A 36 3.83 -6.50 6.07
CA CYS A 36 4.64 -5.30 6.16
C CYS A 36 4.03 -4.30 7.13
N GLU A 37 2.70 -4.29 7.21
CA GLU A 37 1.99 -3.38 8.10
C GLU A 37 2.18 -1.93 7.65
N GLU A 38 2.29 -1.73 6.34
CA GLU A 38 2.48 -0.39 5.79
C GLU A 38 1.42 -0.08 4.74
N TRP A 39 1.39 1.16 4.27
CA TRP A 39 0.44 1.59 3.26
C TRP A 39 1.02 1.45 1.85
N PHE A 40 0.41 0.58 1.05
CA PHE A 40 0.87 0.35 -0.32
C PHE A 40 -0.19 0.79 -1.33
N HIS A 41 0.27 1.14 -2.53
CA HIS A 41 -0.64 1.59 -3.58
C HIS A 41 -1.21 0.39 -4.34
N GLY A 42 -2.54 0.27 -4.35
CA GLY A 42 -3.19 -0.83 -5.04
C GLY A 42 -2.45 -1.24 -6.30
N ASP A 43 -2.40 -0.33 -7.27
CA ASP A 43 -1.71 -0.61 -8.54
C ASP A 43 -0.30 -1.13 -8.28
N CYS A 44 0.47 -0.40 -7.49
CA CYS A 44 1.84 -0.79 -7.19
C CYS A 44 1.90 -2.26 -6.78
N VAL A 45 1.11 -2.62 -5.77
CA VAL A 45 1.08 -3.99 -5.28
C VAL A 45 0.11 -4.84 -6.09
N GLY A 46 -0.21 -4.38 -7.30
CA GLY A 46 -1.13 -5.10 -8.15
C GLY A 46 -2.58 -4.92 -7.73
N ILE A 47 -2.84 -5.07 -6.43
CA ILE A 47 -4.19 -4.91 -5.91
C ILE A 47 -4.95 -3.82 -6.65
N SER A 48 -6.20 -4.10 -7.00
CA SER A 48 -7.04 -3.15 -7.71
C SER A 48 -8.00 -2.45 -6.76
N GLU A 49 -8.42 -1.25 -7.14
CA GLU A 49 -9.34 -0.47 -6.32
C GLU A 49 -10.50 -1.34 -5.83
N ALA A 50 -11.11 -2.08 -6.75
CA ALA A 50 -12.22 -2.96 -6.41
C ALA A 50 -11.75 -4.15 -5.59
N ARG A 51 -10.68 -4.79 -6.05
CA ARG A 51 -10.13 -5.95 -5.35
C ARG A 51 -10.14 -5.74 -3.85
N GLY A 52 -9.41 -4.72 -3.39
CA GLY A 52 -9.35 -4.44 -1.96
C GLY A 52 -10.71 -4.08 -1.39
N ARG A 53 -11.41 -3.17 -2.05
CA ARG A 53 -12.72 -2.74 -1.59
C ARG A 53 -13.54 -3.93 -1.09
N LEU A 54 -13.56 -5.00 -1.88
CA LEU A 54 -14.31 -6.20 -1.52
C LEU A 54 -13.58 -6.98 -0.43
N LEU A 55 -12.30 -7.24 -0.65
CA LEU A 55 -11.48 -7.97 0.32
C LEU A 55 -11.83 -7.56 1.75
N GLU A 56 -12.34 -6.34 1.89
CA GLU A 56 -12.72 -5.84 3.21
C GLU A 56 -14.01 -6.49 3.70
N ARG A 57 -15.10 -6.26 2.98
CA ARG A 57 -16.39 -6.82 3.34
C ARG A 57 -16.33 -8.35 3.38
N ASN A 58 -15.46 -8.92 2.54
CA ASN A 58 -15.31 -10.37 2.48
C ASN A 58 -14.65 -10.89 3.75
N GLY A 59 -13.59 -10.23 4.19
CA GLY A 59 -12.89 -10.64 5.40
C GLY A 59 -11.64 -11.46 5.08
N GLU A 60 -11.01 -11.16 3.94
CA GLU A 60 -9.80 -11.88 3.54
C GLU A 60 -8.56 -11.05 3.84
N ASP A 61 -7.51 -11.72 4.30
CA ASP A 61 -6.26 -11.05 4.63
C ASP A 61 -5.47 -10.74 3.36
N TYR A 62 -5.10 -9.47 3.20
CA TYR A 62 -4.34 -9.04 2.03
C TYR A 62 -2.84 -9.15 2.29
N ILE A 63 -2.12 -9.75 1.34
CA ILE A 63 -0.68 -9.92 1.45
C ILE A 63 0.04 -9.37 0.23
N CYS A 64 0.63 -8.18 0.37
CA CYS A 64 1.36 -7.55 -0.72
C CYS A 64 2.27 -8.55 -1.42
N PRO A 65 2.64 -8.23 -2.67
CA PRO A 65 3.52 -9.09 -3.48
C PRO A 65 4.95 -9.12 -2.95
N ASN A 66 5.52 -7.94 -2.74
CA ASN A 66 6.88 -7.83 -2.23
C ASN A 66 7.14 -8.86 -1.14
N CYS A 67 6.11 -9.20 -0.39
CA CYS A 67 6.22 -10.19 0.69
C CYS A 67 6.34 -11.60 0.12
N THR A 68 5.27 -12.07 -0.50
CA THR A 68 5.25 -13.41 -1.09
C THR A 68 6.41 -13.59 -2.07
N ILE A 69 6.54 -12.66 -3.00
CA ILE A 69 7.60 -12.72 -3.99
C ILE A 69 8.90 -13.24 -3.39
N LEU A 70 9.18 -12.82 -2.16
CA LEU A 70 10.38 -13.24 -1.46
C LEU A 70 10.25 -14.67 -0.95
N SER A 71 9.16 -14.93 -0.23
CA SER A 71 8.89 -16.26 0.32
C SER A 71 7.52 -16.76 -0.11
N GLY A 72 7.43 -17.28 -1.32
CA GLY A 72 6.18 -17.79 -1.82
C GLY A 72 5.92 -19.23 -1.41
N PRO A 73 4.66 -19.66 -1.49
CA PRO A 73 4.26 -21.02 -1.12
C PRO A 73 4.77 -22.07 -2.10
N SER A 74 4.82 -23.32 -1.65
CA SER A 74 5.30 -24.41 -2.50
C SER A 74 4.15 -25.34 -2.89
N SER A 75 4.42 -26.22 -3.84
CA SER A 75 3.41 -27.16 -4.31
C SER A 75 3.24 -28.31 -3.32
N GLY A 76 1.99 -28.58 -2.94
CA GLY A 76 1.71 -29.66 -2.01
C GLY A 76 1.36 -29.14 -0.62
ZN ZN B . 3.42 3.08 -4.76
ZN ZN C . 3.92 -6.87 2.50
N GLY A 1 -18.53 8.45 -15.02
CA GLY A 1 -17.69 9.63 -14.94
C GLY A 1 -17.88 10.40 -13.65
N SER A 2 -17.31 9.89 -12.57
CA SER A 2 -17.42 10.53 -11.26
C SER A 2 -16.67 11.86 -11.24
N SER A 3 -16.99 12.70 -10.27
CA SER A 3 -16.35 14.00 -10.13
C SER A 3 -15.07 13.90 -9.32
N GLY A 4 -13.95 14.28 -9.92
CA GLY A 4 -12.68 14.23 -9.23
C GLY A 4 -11.50 14.14 -10.19
N SER A 5 -11.42 15.10 -11.11
CA SER A 5 -10.34 15.11 -12.09
C SER A 5 -9.55 16.41 -12.01
N SER A 6 -8.53 16.42 -11.15
CA SER A 6 -7.70 17.60 -10.97
C SER A 6 -6.41 17.26 -10.23
N GLY A 7 -5.36 18.03 -10.50
CA GLY A 7 -4.09 17.79 -9.84
C GLY A 7 -4.02 18.38 -8.45
N GLU A 8 -4.83 17.84 -7.55
CA GLU A 8 -4.88 18.32 -6.17
C GLU A 8 -3.46 18.47 -5.60
N CYS A 9 -3.31 19.39 -4.66
CA CYS A 9 -2.01 19.64 -4.05
C CYS A 9 -2.12 19.62 -2.53
N GLU A 10 -2.02 18.43 -1.94
CA GLU A 10 -2.10 18.27 -0.50
C GLU A 10 -1.35 17.03 -0.03
N VAL A 11 -0.86 17.08 1.21
CA VAL A 11 -0.12 15.95 1.77
C VAL A 11 0.19 16.19 3.24
N TYR A 12 -0.21 15.26 4.08
CA TYR A 12 0.03 15.36 5.52
C TYR A 12 1.52 15.22 5.84
N ASP A 13 2.08 14.06 5.51
CA ASP A 13 3.49 13.81 5.75
C ASP A 13 4.21 13.44 4.46
N PRO A 14 4.72 14.47 3.76
CA PRO A 14 5.45 14.29 2.50
C PRO A 14 6.80 13.60 2.70
N ASN A 15 7.25 13.55 3.94
CA ASN A 15 8.53 12.92 4.26
C ASN A 15 8.36 11.43 4.53
N ALA A 16 7.34 11.08 5.30
CA ALA A 16 7.07 9.69 5.62
C ALA A 16 6.81 8.88 4.37
N LEU A 17 7.45 7.71 4.28
CA LEU A 17 7.29 6.84 3.12
C LEU A 17 6.56 5.56 3.50
N TYR A 18 5.34 5.41 3.00
CA TYR A 18 4.54 4.22 3.30
C TYR A 18 4.75 3.15 2.24
N CYS A 19 4.34 3.44 1.02
CA CYS A 19 4.49 2.49 -0.09
C CYS A 19 5.96 2.25 -0.40
N ILE A 20 6.23 1.22 -1.21
CA ILE A 20 7.60 0.89 -1.59
C ILE A 20 8.16 1.90 -2.58
N CYS A 21 7.26 2.60 -3.27
CA CYS A 21 7.66 3.59 -4.26
C CYS A 21 8.07 4.89 -3.58
N ARG A 22 8.19 4.85 -2.25
CA ARG A 22 8.57 6.03 -1.49
C ARG A 22 7.65 7.20 -1.77
N GLN A 23 6.35 6.95 -1.69
CA GLN A 23 5.35 7.99 -1.95
C GLN A 23 4.30 8.03 -0.84
N PRO A 24 3.72 9.21 -0.61
CA PRO A 24 2.69 9.40 0.41
C PRO A 24 1.38 8.70 0.06
N HIS A 25 0.37 8.92 0.88
CA HIS A 25 -0.94 8.32 0.66
C HIS A 25 -1.83 9.22 -0.19
N ASN A 26 -1.69 9.11 -1.51
CA ASN A 26 -2.48 9.92 -2.42
C ASN A 26 -3.85 9.30 -2.67
N ASN A 27 -4.71 10.03 -3.36
CA ASN A 27 -6.06 9.56 -3.67
C ASN A 27 -6.04 8.07 -4.00
N ARG A 28 -5.02 7.64 -4.75
CA ARG A 28 -4.89 6.24 -5.13
C ARG A 28 -5.35 5.32 -4.00
N PHE A 29 -5.93 4.19 -4.38
CA PHE A 29 -6.41 3.22 -3.40
C PHE A 29 -5.25 2.63 -2.60
N MET A 30 -5.51 2.35 -1.33
CA MET A 30 -4.48 1.79 -0.45
C MET A 30 -5.07 0.68 0.42
N ILE A 31 -4.21 -0.24 0.84
CA ILE A 31 -4.64 -1.35 1.69
C ILE A 31 -3.60 -1.67 2.75
N CYS A 32 -4.05 -2.29 3.85
CA CYS A 32 -3.16 -2.64 4.94
C CYS A 32 -2.78 -4.12 4.86
N CYS A 33 -1.49 -4.38 4.68
CA CYS A 33 -0.99 -5.74 4.59
C CYS A 33 -1.03 -6.44 5.95
N ASP A 34 -0.86 -7.75 5.94
CA ASP A 34 -0.88 -8.52 7.18
C ASP A 34 0.53 -9.02 7.54
N ARG A 35 1.32 -9.28 6.51
CA ARG A 35 2.69 -9.77 6.71
C ARG A 35 3.61 -8.62 7.17
N CYS A 36 3.80 -7.65 6.29
CA CYS A 36 4.66 -6.51 6.60
C CYS A 36 3.86 -5.40 7.27
N GLU A 37 2.54 -5.53 7.24
CA GLU A 37 1.66 -4.54 7.86
C GLU A 37 2.02 -3.13 7.39
N GLU A 38 2.11 -2.95 6.07
CA GLU A 38 2.46 -1.66 5.51
C GLU A 38 1.34 -1.14 4.61
N TRP A 39 1.46 0.10 4.16
CA TRP A 39 0.46 0.71 3.30
C TRP A 39 1.02 0.96 1.91
N PHE A 40 0.44 0.30 0.91
CA PHE A 40 0.89 0.45 -0.47
C PHE A 40 -0.26 0.85 -1.38
N HIS A 41 0.04 1.12 -2.64
CA HIS A 41 -0.97 1.52 -3.61
C HIS A 41 -1.42 0.33 -4.44
N GLY A 42 -2.73 0.07 -4.46
CA GLY A 42 -3.26 -1.04 -5.22
C GLY A 42 -2.49 -1.29 -6.50
N ASP A 43 -2.48 -0.30 -7.38
CA ASP A 43 -1.79 -0.41 -8.66
C ASP A 43 -0.35 -0.87 -8.45
N CYS A 44 0.33 -0.27 -7.48
CA CYS A 44 1.71 -0.62 -7.17
C CYS A 44 1.83 -2.10 -6.82
N VAL A 45 1.09 -2.52 -5.80
CA VAL A 45 1.11 -3.91 -5.35
C VAL A 45 0.21 -4.77 -6.23
N GLY A 46 -0.15 -4.26 -7.39
CA GLY A 46 -1.01 -5.00 -8.30
C GLY A 46 -2.47 -4.89 -7.93
N ILE A 47 -2.78 -5.10 -6.66
CA ILE A 47 -4.15 -5.03 -6.18
C ILE A 47 -4.91 -3.90 -6.88
N SER A 48 -6.22 -4.10 -7.04
CA SER A 48 -7.07 -3.10 -7.69
C SER A 48 -8.10 -2.55 -6.71
N GLU A 49 -8.45 -1.27 -6.88
CA GLU A 49 -9.43 -0.63 -6.02
C GLU A 49 -10.56 -1.58 -5.67
N ALA A 50 -11.18 -2.16 -6.70
CA ALA A 50 -12.29 -3.09 -6.49
C ALA A 50 -11.81 -4.34 -5.77
N ARG A 51 -10.79 -4.99 -6.32
CA ARG A 51 -10.24 -6.21 -5.72
C ARG A 51 -10.14 -6.07 -4.21
N GLY A 52 -9.45 -5.03 -3.76
CA GLY A 52 -9.28 -4.80 -2.33
C GLY A 52 -10.56 -4.36 -1.67
N ARG A 53 -11.10 -3.22 -2.10
CA ARG A 53 -12.34 -2.69 -1.54
C ARG A 53 -13.28 -3.82 -1.11
N LEU A 54 -13.35 -4.85 -1.95
CA LEU A 54 -14.22 -6.00 -1.66
C LEU A 54 -13.58 -6.91 -0.62
N LEU A 55 -12.29 -7.21 -0.81
CA LEU A 55 -11.57 -8.07 0.11
C LEU A 55 -11.64 -7.53 1.53
N GLU A 56 -11.69 -6.20 1.66
CA GLU A 56 -11.77 -5.57 2.97
C GLU A 56 -13.08 -5.92 3.68
N ARG A 57 -14.19 -5.63 3.02
CA ARG A 57 -15.50 -5.92 3.59
C ARG A 57 -15.72 -7.42 3.72
N ASN A 58 -15.23 -8.18 2.75
CA ASN A 58 -15.37 -9.63 2.77
C ASN A 58 -14.67 -10.24 3.99
N GLY A 59 -13.48 -9.74 4.28
CA GLY A 59 -12.73 -10.23 5.42
C GLY A 59 -11.56 -11.09 5.00
N GLU A 60 -10.83 -10.66 3.97
CA GLU A 60 -9.69 -11.40 3.48
C GLU A 60 -8.38 -10.72 3.91
N ASP A 61 -7.31 -11.51 4.01
CA ASP A 61 -6.02 -10.99 4.41
C ASP A 61 -5.18 -10.65 3.19
N TYR A 62 -5.09 -9.36 2.87
CA TYR A 62 -4.31 -8.90 1.73
C TYR A 62 -2.82 -9.12 1.95
N ILE A 63 -2.22 -9.95 1.10
CA ILE A 63 -0.79 -10.25 1.21
C ILE A 63 -0.02 -9.61 0.07
N CYS A 64 0.36 -8.34 0.24
CA CYS A 64 1.11 -7.61 -0.77
C CYS A 64 2.13 -8.53 -1.44
N PRO A 65 2.53 -8.16 -2.67
CA PRO A 65 3.51 -8.92 -3.45
C PRO A 65 4.91 -8.83 -2.86
N ASN A 66 5.37 -7.60 -2.63
CA ASN A 66 6.70 -7.38 -2.06
C ASN A 66 6.99 -8.36 -0.93
N CYS A 67 5.93 -8.85 -0.30
CA CYS A 67 6.06 -9.80 0.80
C CYS A 67 6.35 -11.20 0.28
N THR A 68 5.33 -11.82 -0.31
CA THR A 68 5.47 -13.16 -0.86
C THR A 68 6.68 -13.26 -1.78
N ILE A 69 6.94 -12.19 -2.52
CA ILE A 69 8.07 -12.15 -3.44
C ILE A 69 9.35 -12.66 -2.77
N LEU A 70 9.51 -12.32 -1.49
CA LEU A 70 10.68 -12.72 -0.74
C LEU A 70 10.46 -14.09 -0.08
N SER A 71 9.43 -14.17 0.77
CA SER A 71 9.11 -15.41 1.46
C SER A 71 7.80 -16.00 0.92
N GLY A 72 7.92 -16.88 -0.06
CA GLY A 72 6.74 -17.51 -0.64
C GLY A 72 6.86 -19.01 -0.72
N PRO A 73 6.32 -19.60 -1.80
CA PRO A 73 6.36 -21.05 -2.01
C PRO A 73 7.76 -21.55 -2.33
N SER A 74 8.66 -20.61 -2.62
CA SER A 74 10.04 -20.96 -2.94
C SER A 74 10.76 -21.54 -1.72
N SER A 75 10.58 -22.84 -1.50
CA SER A 75 11.21 -23.52 -0.37
C SER A 75 12.62 -23.97 -0.72
N GLY A 76 13.57 -23.60 0.11
CA GLY A 76 14.96 -23.97 -0.13
C GLY A 76 15.43 -23.61 -1.52
ZN ZN B . 3.19 3.03 -4.53
ZN ZN C . 3.19 -6.93 2.75
N GLY A 1 -4.60 11.73 34.12
CA GLY A 1 -4.96 10.90 32.99
C GLY A 1 -5.47 11.72 31.82
N SER A 2 -4.57 12.02 30.87
CA SER A 2 -4.93 12.80 29.69
C SER A 2 -4.68 12.01 28.42
N SER A 3 -5.20 12.51 27.31
CA SER A 3 -5.03 11.86 26.02
C SER A 3 -5.37 12.80 24.88
N GLY A 4 -4.95 12.44 23.67
CA GLY A 4 -5.21 13.27 22.51
C GLY A 4 -5.21 12.47 21.21
N SER A 5 -6.18 11.57 21.08
CA SER A 5 -6.29 10.73 19.88
C SER A 5 -7.13 11.42 18.82
N SER A 6 -6.46 12.03 17.84
CA SER A 6 -7.15 12.73 16.77
C SER A 6 -6.19 13.04 15.63
N GLY A 7 -6.58 12.67 14.41
CA GLY A 7 -5.75 12.92 13.24
C GLY A 7 -6.18 12.13 12.03
N GLU A 8 -6.80 12.81 11.08
CA GLU A 8 -7.28 12.17 9.86
C GLU A 8 -6.12 11.87 8.92
N CYS A 9 -6.35 10.97 7.96
CA CYS A 9 -5.32 10.59 7.00
C CYS A 9 -4.74 11.83 6.32
N GLU A 10 -3.43 11.84 6.15
CA GLU A 10 -2.75 12.97 5.52
C GLU A 10 -1.30 12.63 5.21
N VAL A 11 -0.59 13.56 4.59
CA VAL A 11 0.81 13.37 4.25
C VAL A 11 1.52 14.70 4.02
N TYR A 12 2.52 14.99 4.85
CA TYR A 12 3.27 16.23 4.75
C TYR A 12 4.77 15.96 4.76
N ASP A 13 5.21 15.08 5.67
CA ASP A 13 6.62 14.74 5.79
C ASP A 13 7.07 13.90 4.59
N PRO A 14 8.05 14.43 3.84
CA PRO A 14 8.58 13.75 2.66
C PRO A 14 9.41 12.51 3.02
N ASN A 15 10.30 12.67 3.99
CA ASN A 15 11.14 11.56 4.44
C ASN A 15 10.30 10.33 4.75
N ALA A 16 9.12 10.55 5.33
CA ALA A 16 8.22 9.45 5.68
C ALA A 16 7.70 8.76 4.43
N LEU A 17 8.02 7.48 4.30
CA LEU A 17 7.57 6.69 3.15
C LEU A 17 6.62 5.59 3.58
N TYR A 18 5.83 5.08 2.62
CA TYR A 18 4.87 4.02 2.90
C TYR A 18 5.00 2.90 1.88
N CYS A 19 4.72 3.22 0.62
CA CYS A 19 4.80 2.24 -0.45
C CYS A 19 6.25 1.86 -0.75
N ILE A 20 6.43 0.79 -1.50
CA ILE A 20 7.77 0.31 -1.86
C ILE A 20 8.41 1.22 -2.91
N CYS A 21 7.57 1.97 -3.62
CA CYS A 21 8.06 2.87 -4.66
C CYS A 21 8.58 4.16 -4.05
N ARG A 22 8.64 4.21 -2.72
CA ARG A 22 9.12 5.39 -2.01
C ARG A 22 8.30 6.62 -2.39
N GLN A 23 6.99 6.50 -2.32
CA GLN A 23 6.10 7.60 -2.67
C GLN A 23 5.10 7.87 -1.54
N PRO A 24 4.65 9.12 -1.43
CA PRO A 24 3.70 9.54 -0.40
C PRO A 24 2.31 8.96 -0.63
N HIS A 25 1.34 9.40 0.18
CA HIS A 25 -0.03 8.93 0.05
C HIS A 25 -0.98 10.09 -0.16
N ASN A 26 -1.12 10.53 -1.40
CA ASN A 26 -2.00 11.64 -1.74
C ASN A 26 -3.46 11.18 -1.79
N ASN A 27 -3.80 10.44 -2.84
CA ASN A 27 -5.15 9.94 -3.02
C ASN A 27 -5.14 8.46 -3.37
N ARG A 28 -4.11 8.03 -4.09
CA ARG A 28 -3.99 6.63 -4.50
C ARG A 28 -4.53 5.71 -3.41
N PHE A 29 -5.25 4.68 -3.83
CA PHE A 29 -5.82 3.71 -2.90
C PHE A 29 -4.72 2.92 -2.20
N MET A 30 -4.91 2.70 -0.89
CA MET A 30 -3.93 1.95 -0.11
C MET A 30 -4.61 0.83 0.68
N ILE A 31 -3.83 -0.17 1.08
CA ILE A 31 -4.35 -1.30 1.83
C ILE A 31 -3.43 -1.66 2.99
N CYS A 32 -3.97 -2.37 3.97
CA CYS A 32 -3.20 -2.77 5.14
C CYS A 32 -2.79 -4.24 5.02
N CYS A 33 -1.52 -4.47 4.72
CA CYS A 33 -1.00 -5.83 4.58
C CYS A 33 -1.04 -6.57 5.91
N ASP A 34 -0.82 -7.87 5.86
CA ASP A 34 -0.81 -8.69 7.08
C ASP A 34 0.60 -9.13 7.43
N ARG A 35 1.41 -9.39 6.41
CA ARG A 35 2.79 -9.83 6.62
C ARG A 35 3.66 -8.66 7.10
N CYS A 36 3.84 -7.68 6.23
CA CYS A 36 4.65 -6.51 6.57
C CYS A 36 3.80 -5.43 7.23
N GLU A 37 2.49 -5.52 7.04
CA GLU A 37 1.56 -4.55 7.60
C GLU A 37 1.96 -3.12 7.21
N GLU A 38 2.12 -2.90 5.91
CA GLU A 38 2.50 -1.58 5.41
C GLU A 38 1.41 -1.02 4.49
N TRP A 39 1.66 0.16 3.94
CA TRP A 39 0.70 0.81 3.05
C TRP A 39 1.28 0.93 1.64
N PHE A 40 0.62 0.30 0.67
CA PHE A 40 1.06 0.33 -0.71
C PHE A 40 -0.10 0.70 -1.64
N HIS A 41 0.24 1.16 -2.85
CA HIS A 41 -0.76 1.54 -3.83
C HIS A 41 -1.30 0.30 -4.56
N GLY A 42 -2.62 0.15 -4.55
CA GLY A 42 -3.23 -0.98 -5.21
C GLY A 42 -2.50 -1.38 -6.48
N ASP A 43 -2.44 -0.48 -7.44
CA ASP A 43 -1.77 -0.75 -8.70
C ASP A 43 -0.35 -1.29 -8.46
N CYS A 44 0.42 -0.57 -7.64
CA CYS A 44 1.78 -0.98 -7.34
C CYS A 44 1.83 -2.44 -6.90
N VAL A 45 1.01 -2.78 -5.91
CA VAL A 45 0.96 -4.15 -5.40
C VAL A 45 -0.05 -4.99 -6.18
N GLY A 46 -0.44 -4.49 -7.35
CA GLY A 46 -1.39 -5.21 -8.18
C GLY A 46 -2.82 -5.00 -7.73
N ILE A 47 -3.06 -5.17 -6.43
CA ILE A 47 -4.40 -5.00 -5.87
C ILE A 47 -5.14 -3.86 -6.55
N SER A 48 -6.30 -4.16 -7.11
CA SER A 48 -7.10 -3.16 -7.80
C SER A 48 -8.11 -2.53 -6.85
N GLU A 49 -8.50 -1.29 -7.14
CA GLU A 49 -9.47 -0.58 -6.30
C GLU A 49 -10.69 -1.45 -6.02
N ALA A 50 -11.13 -2.18 -7.03
CA ALA A 50 -12.30 -3.05 -6.89
C ALA A 50 -12.02 -4.18 -5.91
N ARG A 51 -10.78 -4.68 -5.93
CA ARG A 51 -10.39 -5.77 -5.04
C ARG A 51 -10.33 -5.29 -3.59
N GLY A 52 -9.43 -4.34 -3.32
CA GLY A 52 -9.28 -3.82 -1.98
C GLY A 52 -10.61 -3.52 -1.33
N ARG A 53 -11.51 -2.88 -2.07
CA ARG A 53 -12.83 -2.53 -1.55
C ARG A 53 -13.58 -3.78 -1.11
N LEU A 54 -13.52 -4.83 -1.92
CA LEU A 54 -14.19 -6.08 -1.61
C LEU A 54 -13.48 -6.82 -0.48
N LEU A 55 -12.22 -7.15 -0.71
CA LEU A 55 -11.43 -7.85 0.29
C LEU A 55 -11.80 -7.42 1.70
N GLU A 56 -12.20 -6.15 1.83
CA GLU A 56 -12.58 -5.60 3.13
C GLU A 56 -13.83 -6.30 3.66
N ARG A 57 -14.96 -6.03 3.03
CA ARG A 57 -16.23 -6.64 3.44
C ARG A 57 -16.10 -8.15 3.54
N ASN A 58 -15.51 -8.77 2.51
CA ASN A 58 -15.33 -10.21 2.48
C ASN A 58 -14.55 -10.68 3.71
N GLY A 59 -13.48 -9.96 4.03
CA GLY A 59 -12.66 -10.32 5.18
C GLY A 59 -11.50 -11.23 4.81
N GLU A 60 -10.90 -10.96 3.65
CA GLU A 60 -9.77 -11.76 3.18
C GLU A 60 -8.45 -11.05 3.48
N ASP A 61 -7.36 -11.81 3.39
CA ASP A 61 -6.03 -11.25 3.66
C ASP A 61 -5.27 -11.03 2.35
N TYR A 62 -4.99 -9.76 2.05
CA TYR A 62 -4.27 -9.41 0.83
C TYR A 62 -2.77 -9.34 1.08
N ILE A 63 -2.09 -10.47 0.94
CA ILE A 63 -0.66 -10.54 1.16
C ILE A 63 0.10 -9.84 0.03
N CYS A 64 0.42 -8.57 0.24
CA CYS A 64 1.14 -7.78 -0.75
C CYS A 64 2.21 -8.64 -1.44
N PRO A 65 2.60 -8.22 -2.66
CA PRO A 65 3.61 -8.93 -3.44
C PRO A 65 5.01 -8.79 -2.84
N ASN A 66 5.42 -7.55 -2.60
CA ASN A 66 6.74 -7.28 -2.03
C ASN A 66 7.05 -8.26 -0.91
N CYS A 67 6.01 -8.75 -0.24
CA CYS A 67 6.18 -9.70 0.85
C CYS A 67 6.55 -11.08 0.32
N THR A 68 5.62 -11.70 -0.40
CA THR A 68 5.85 -13.03 -0.96
C THR A 68 7.09 -13.04 -1.85
N ILE A 69 7.20 -12.04 -2.71
CA ILE A 69 8.34 -11.92 -3.61
C ILE A 69 9.64 -12.32 -2.92
N LEU A 70 9.67 -12.16 -1.60
CA LEU A 70 10.85 -12.50 -0.81
C LEU A 70 10.82 -13.97 -0.42
N SER A 71 9.79 -14.37 0.31
CA SER A 71 9.66 -15.76 0.75
C SER A 71 8.42 -16.40 0.15
N GLY A 72 7.25 -16.04 0.68
CA GLY A 72 6.01 -16.59 0.18
C GLY A 72 5.18 -17.23 1.28
N PRO A 73 3.98 -17.72 0.92
CA PRO A 73 3.07 -18.37 1.86
C PRO A 73 3.59 -19.73 2.32
N SER A 74 3.58 -19.94 3.64
CA SER A 74 4.05 -21.20 4.20
C SER A 74 2.90 -22.20 4.32
N SER A 75 1.77 -21.73 4.84
CA SER A 75 0.60 -22.58 5.01
C SER A 75 -0.62 -21.75 5.43
N GLY A 76 -1.77 -22.42 5.54
CA GLY A 76 -2.98 -21.73 5.93
C GLY A 76 -4.00 -21.68 4.81
ZN ZN B . 3.53 2.78 -4.95
ZN ZN C . 3.21 -6.93 2.79
N GLY A 1 21.52 24.72 -0.67
CA GLY A 1 21.34 23.70 0.35
C GLY A 1 19.93 23.70 0.91
N SER A 2 19.16 22.67 0.56
CA SER A 2 17.79 22.54 1.03
C SER A 2 17.76 22.06 2.48
N SER A 3 16.96 22.74 3.31
CA SER A 3 16.84 22.38 4.71
C SER A 3 15.53 22.92 5.29
N GLY A 4 14.82 22.05 6.01
CA GLY A 4 13.56 22.46 6.62
C GLY A 4 13.28 21.72 7.91
N SER A 5 13.55 22.38 9.03
CA SER A 5 13.32 21.78 10.35
C SER A 5 12.01 21.02 10.38
N SER A 6 12.06 19.77 10.83
CA SER A 6 10.87 18.94 10.91
C SER A 6 11.08 17.77 11.89
N GLY A 7 9.99 17.32 12.49
CA GLY A 7 10.08 16.22 13.44
C GLY A 7 8.87 15.31 13.38
N GLU A 8 7.68 15.91 13.29
CA GLU A 8 6.45 15.15 13.23
C GLU A 8 6.34 14.37 11.92
N CYS A 9 5.63 13.24 11.96
CA CYS A 9 5.46 12.40 10.77
C CYS A 9 4.22 12.81 9.99
N GLU A 10 4.43 13.46 8.84
CA GLU A 10 3.33 13.90 8.00
C GLU A 10 3.62 13.63 6.53
N VAL A 11 2.58 13.69 5.70
CA VAL A 11 2.72 13.45 4.28
C VAL A 11 3.81 14.33 3.68
N TYR A 12 3.93 15.54 4.19
CA TYR A 12 4.94 16.48 3.71
C TYR A 12 6.34 16.02 4.06
N ASP A 13 6.50 15.49 5.27
CA ASP A 13 7.79 15.01 5.74
C ASP A 13 8.53 14.29 4.61
N PRO A 14 9.80 14.69 4.38
CA PRO A 14 10.63 14.10 3.34
C PRO A 14 11.04 12.67 3.67
N ASN A 15 10.94 12.30 4.94
CA ASN A 15 11.29 10.95 5.38
C ASN A 15 10.06 10.04 5.39
N ALA A 16 8.88 10.64 5.29
CA ALA A 16 7.64 9.89 5.28
C ALA A 16 7.50 9.07 4.01
N LEU A 17 7.63 7.75 4.14
CA LEU A 17 7.52 6.85 2.99
C LEU A 17 6.82 5.56 3.39
N TYR A 18 5.77 5.22 2.66
CA TYR A 18 5.01 4.01 2.93
C TYR A 18 5.21 2.98 1.82
N CYS A 19 4.67 3.27 0.64
CA CYS A 19 4.78 2.38 -0.51
C CYS A 19 6.25 2.11 -0.83
N ILE A 20 6.48 1.13 -1.70
CA ILE A 20 7.84 0.76 -2.10
C ILE A 20 8.44 1.82 -3.02
N CYS A 21 7.58 2.56 -3.71
CA CYS A 21 8.03 3.61 -4.63
C CYS A 21 8.34 4.89 -3.86
N ARG A 22 8.49 4.78 -2.55
CA ARG A 22 8.79 5.92 -1.71
C ARG A 22 7.86 7.09 -2.04
N GLN A 23 6.56 6.84 -1.97
CA GLN A 23 5.57 7.87 -2.26
C GLN A 23 4.54 7.98 -1.13
N PRO A 24 3.97 9.17 -0.97
CA PRO A 24 2.97 9.44 0.07
C PRO A 24 1.65 8.74 -0.21
N HIS A 25 0.65 9.01 0.62
CA HIS A 25 -0.66 8.39 0.47
C HIS A 25 -1.54 9.23 -0.46
N ASN A 26 -1.46 8.95 -1.76
CA ASN A 26 -2.25 9.67 -2.75
C ASN A 26 -3.66 9.10 -2.84
N ASN A 27 -4.50 9.74 -3.66
CA ASN A 27 -5.87 9.30 -3.84
C ASN A 27 -5.93 7.79 -4.12
N ARG A 28 -5.02 7.33 -4.97
CA ARG A 28 -4.97 5.92 -5.34
C ARG A 28 -5.36 5.04 -4.15
N PHE A 29 -5.98 3.90 -4.44
CA PHE A 29 -6.40 2.97 -3.40
C PHE A 29 -5.20 2.44 -2.63
N MET A 30 -5.35 2.30 -1.32
CA MET A 30 -4.28 1.79 -0.47
C MET A 30 -4.82 0.81 0.56
N ILE A 31 -3.99 -0.14 0.97
CA ILE A 31 -4.39 -1.14 1.95
C ILE A 31 -3.26 -1.43 2.94
N CYS A 32 -3.63 -1.88 4.13
CA CYS A 32 -2.64 -2.18 5.17
C CYS A 32 -2.32 -3.68 5.17
N CYS A 33 -1.23 -4.05 4.50
CA CYS A 33 -0.81 -5.44 4.44
C CYS A 33 -0.91 -6.11 5.80
N ASP A 34 -0.80 -7.43 5.82
CA ASP A 34 -0.86 -8.19 7.07
C ASP A 34 0.51 -8.70 7.47
N ARG A 35 1.33 -9.03 6.48
CA ARG A 35 2.68 -9.54 6.73
C ARG A 35 3.61 -8.42 7.16
N CYS A 36 3.83 -7.45 6.28
CA CYS A 36 4.70 -6.32 6.57
C CYS A 36 3.91 -5.18 7.21
N GLU A 37 2.63 -5.10 6.88
CA GLU A 37 1.76 -4.05 7.42
C GLU A 37 2.19 -2.68 6.90
N GLU A 38 2.27 -2.54 5.58
CA GLU A 38 2.65 -1.28 4.96
C GLU A 38 1.58 -0.81 3.98
N TRP A 39 1.54 0.51 3.77
CA TRP A 39 0.56 1.09 2.85
C TRP A 39 1.13 1.18 1.44
N PHE A 40 0.61 0.35 0.53
CA PHE A 40 1.06 0.34 -0.85
C PHE A 40 -0.07 0.72 -1.79
N HIS A 41 0.29 1.14 -3.00
CA HIS A 41 -0.69 1.54 -4.00
C HIS A 41 -1.18 0.32 -4.80
N GLY A 42 -2.49 0.15 -4.86
CA GLY A 42 -3.05 -0.97 -5.58
C GLY A 42 -2.27 -1.31 -6.83
N ASP A 43 -2.13 -0.35 -7.73
CA ASP A 43 -1.38 -0.55 -8.97
C ASP A 43 0.03 -1.02 -8.68
N CYS A 44 0.68 -0.38 -7.71
CA CYS A 44 2.05 -0.73 -7.34
C CYS A 44 2.14 -2.19 -6.94
N VAL A 45 1.20 -2.64 -6.11
CA VAL A 45 1.18 -4.02 -5.66
C VAL A 45 0.16 -4.84 -6.43
N GLY A 46 -0.27 -4.31 -7.58
CA GLY A 46 -1.25 -5.01 -8.40
C GLY A 46 -2.66 -4.80 -7.91
N ILE A 47 -2.88 -5.02 -6.62
CA ILE A 47 -4.20 -4.86 -6.03
C ILE A 47 -4.96 -3.70 -6.68
N SER A 48 -6.28 -3.84 -6.75
CA SER A 48 -7.11 -2.81 -7.35
C SER A 48 -8.14 -2.28 -6.34
N GLU A 49 -8.55 -1.03 -6.53
CA GLU A 49 -9.52 -0.41 -5.64
C GLU A 49 -10.58 -1.41 -5.22
N ALA A 50 -11.28 -1.97 -6.19
CA ALA A 50 -12.33 -2.95 -5.92
C ALA A 50 -11.75 -4.22 -5.28
N ARG A 51 -10.75 -4.79 -5.93
CA ARG A 51 -10.11 -6.00 -5.44
C ARG A 51 -9.95 -5.95 -3.91
N GLY A 52 -9.53 -4.80 -3.41
CA GLY A 52 -9.35 -4.64 -1.97
C GLY A 52 -10.62 -4.20 -1.27
N ARG A 53 -11.10 -3.02 -1.64
CA ARG A 53 -12.32 -2.47 -1.04
C ARG A 53 -13.34 -3.57 -0.78
N LEU A 54 -13.46 -4.49 -1.73
CA LEU A 54 -14.41 -5.60 -1.61
C LEU A 54 -13.88 -6.65 -0.63
N LEU A 55 -12.66 -7.10 -0.86
CA LEU A 55 -12.04 -8.11 0.01
C LEU A 55 -12.38 -7.85 1.47
N GLU A 56 -12.41 -6.58 1.85
CA GLU A 56 -12.72 -6.20 3.22
C GLU A 56 -14.07 -6.78 3.66
N ARG A 57 -15.14 -6.25 3.10
CA ARG A 57 -16.49 -6.70 3.42
C ARG A 57 -16.56 -8.22 3.36
N ASN A 58 -15.89 -8.81 2.38
CA ASN A 58 -15.88 -10.26 2.21
C ASN A 58 -15.18 -10.94 3.38
N GLY A 59 -14.06 -10.36 3.81
CA GLY A 59 -13.31 -10.92 4.90
C GLY A 59 -12.14 -11.77 4.44
N GLU A 60 -11.39 -11.27 3.47
CA GLU A 60 -10.24 -11.98 2.93
C GLU A 60 -8.93 -11.39 3.43
N ASP A 61 -7.85 -12.13 3.25
CA ASP A 61 -6.53 -11.67 3.69
C ASP A 61 -5.65 -11.34 2.49
N TYR A 62 -5.31 -10.06 2.35
CA TYR A 62 -4.48 -9.61 1.24
C TYR A 62 -3.01 -9.60 1.64
N ILE A 63 -2.18 -10.24 0.82
CA ILE A 63 -0.75 -10.30 1.09
C ILE A 63 0.06 -9.66 -0.05
N CYS A 64 0.43 -8.40 0.14
CA CYS A 64 1.19 -7.67 -0.87
C CYS A 64 2.26 -8.57 -1.48
N PRO A 65 2.70 -8.21 -2.70
CA PRO A 65 3.72 -8.97 -3.43
C PRO A 65 5.10 -8.86 -2.79
N ASN A 66 5.53 -7.61 -2.54
CA ASN A 66 6.83 -7.38 -1.92
C ASN A 66 7.10 -8.37 -0.80
N CYS A 67 6.03 -8.81 -0.14
CA CYS A 67 6.15 -9.76 0.95
C CYS A 67 6.45 -11.17 0.43
N THR A 68 5.49 -11.73 -0.30
CA THR A 68 5.65 -13.06 -0.86
C THR A 68 6.91 -13.16 -1.72
N ILE A 69 7.06 -12.21 -2.64
CA ILE A 69 8.21 -12.17 -3.52
C ILE A 69 9.50 -12.48 -2.77
N LEU A 70 9.61 -11.94 -1.56
CA LEU A 70 10.79 -12.16 -0.72
C LEU A 70 10.69 -13.49 0.03
N SER A 71 9.55 -13.70 0.70
CA SER A 71 9.32 -14.92 1.46
C SER A 71 8.23 -15.77 0.81
N GLY A 72 8.60 -16.52 -0.23
CA GLY A 72 7.63 -17.35 -0.92
C GLY A 72 7.55 -18.75 -0.30
N PRO A 73 6.93 -19.68 -1.05
CA PRO A 73 6.77 -21.06 -0.59
C PRO A 73 8.08 -21.82 -0.55
N SER A 74 8.54 -22.12 0.67
CA SER A 74 9.80 -22.86 0.84
C SER A 74 9.63 -24.00 1.83
N SER A 75 10.62 -24.87 1.88
CA SER A 75 10.58 -26.02 2.78
C SER A 75 11.16 -25.68 4.14
N GLY A 76 10.77 -26.43 5.16
CA GLY A 76 11.25 -26.19 6.50
C GLY A 76 10.19 -25.62 7.42
ZN ZN B . 3.60 3.21 -4.93
ZN ZN C . 3.31 -6.89 2.68
N GLY A 1 18.63 12.72 -1.75
CA GLY A 1 18.55 14.15 -1.52
C GLY A 1 17.89 14.89 -2.66
N SER A 2 18.66 15.17 -3.71
CA SER A 2 18.14 15.88 -4.87
C SER A 2 19.08 15.74 -6.06
N SER A 3 18.66 14.96 -7.05
CA SER A 3 19.46 14.75 -8.25
C SER A 3 18.99 15.63 -9.40
N GLY A 4 19.43 16.88 -9.40
CA GLY A 4 19.03 17.81 -10.44
C GLY A 4 18.14 18.91 -9.93
N SER A 5 17.17 19.32 -10.74
CA SER A 5 16.24 20.38 -10.37
C SER A 5 14.86 19.82 -10.06
N SER A 6 14.40 20.04 -8.83
CA SER A 6 13.10 19.55 -8.41
C SER A 6 12.58 20.34 -7.20
N GLY A 7 11.27 20.30 -7.00
CA GLY A 7 10.67 21.01 -5.87
C GLY A 7 9.33 20.45 -5.48
N GLU A 8 9.32 19.61 -4.44
CA GLU A 8 8.09 19.01 -3.96
C GLU A 8 7.05 20.07 -3.61
N CYS A 9 6.04 20.21 -4.45
CA CYS A 9 4.99 21.20 -4.23
C CYS A 9 4.22 20.88 -2.95
N GLU A 10 3.46 19.80 -2.97
CA GLU A 10 2.67 19.41 -1.81
C GLU A 10 2.57 17.89 -1.71
N VAL A 11 1.87 17.41 -0.69
CA VAL A 11 1.70 15.97 -0.49
C VAL A 11 2.95 15.20 -0.94
N TYR A 12 4.11 15.83 -0.78
CA TYR A 12 5.37 15.20 -1.17
C TYR A 12 6.47 15.51 -0.16
N ASP A 13 7.09 14.46 0.37
CA ASP A 13 8.16 14.62 1.35
C ASP A 13 9.09 13.41 1.33
N PRO A 14 10.41 13.68 1.38
CA PRO A 14 11.43 12.63 1.37
C PRO A 14 11.45 11.82 2.67
N ASN A 15 10.87 12.39 3.72
CA ASN A 15 10.83 11.73 5.01
C ASN A 15 9.63 10.78 5.09
N ALA A 16 8.51 11.19 4.51
CA ALA A 16 7.31 10.38 4.52
C ALA A 16 7.35 9.33 3.42
N LEU A 17 7.74 8.11 3.79
CA LEU A 17 7.83 7.01 2.82
C LEU A 17 7.07 5.79 3.34
N TYR A 18 5.99 5.45 2.66
CA TYR A 18 5.18 4.30 3.03
C TYR A 18 5.31 3.18 2.00
N CYS A 19 4.87 3.45 0.79
CA CYS A 19 4.93 2.46 -0.29
C CYS A 19 6.38 2.11 -0.62
N ILE A 20 6.56 1.04 -1.37
CA ILE A 20 7.90 0.59 -1.74
C ILE A 20 8.59 1.61 -2.64
N CYS A 21 7.78 2.41 -3.34
CA CYS A 21 8.31 3.43 -4.24
C CYS A 21 8.72 4.67 -3.46
N ARG A 22 8.80 4.54 -2.14
CA ARG A 22 9.19 5.65 -1.28
C ARG A 22 8.36 6.89 -1.58
N GLN A 23 7.05 6.70 -1.67
CA GLN A 23 6.14 7.81 -1.95
C GLN A 23 5.06 7.92 -0.88
N PRO A 24 4.53 9.13 -0.70
CA PRO A 24 3.48 9.40 0.29
C PRO A 24 2.14 8.77 -0.09
N HIS A 25 1.11 9.07 0.69
CA HIS A 25 -0.22 8.53 0.43
C HIS A 25 -1.02 9.46 -0.47
N ASN A 26 -0.98 9.20 -1.78
CA ASN A 26 -1.69 10.02 -2.75
C ASN A 26 -3.09 9.48 -2.99
N ASN A 27 -3.88 10.19 -3.79
CA ASN A 27 -5.24 9.77 -4.11
C ASN A 27 -5.29 8.27 -4.38
N ARG A 28 -4.34 7.78 -5.15
CA ARG A 28 -4.28 6.36 -5.49
C ARG A 28 -4.77 5.51 -4.32
N PHE A 29 -5.39 4.38 -4.64
CA PHE A 29 -5.90 3.47 -3.62
C PHE A 29 -4.77 2.84 -2.83
N MET A 30 -5.06 2.43 -1.60
CA MET A 30 -4.06 1.80 -0.74
C MET A 30 -4.69 0.75 0.16
N ILE A 31 -3.87 -0.15 0.68
CA ILE A 31 -4.36 -1.22 1.56
C ILE A 31 -3.31 -1.58 2.61
N CYS A 32 -3.77 -2.06 3.76
CA CYS A 32 -2.88 -2.45 4.85
C CYS A 32 -2.56 -3.93 4.77
N CYS A 33 -1.27 -4.25 4.66
CA CYS A 33 -0.82 -5.63 4.59
C CYS A 33 -0.89 -6.30 5.95
N ASP A 34 -0.81 -7.64 5.96
CA ASP A 34 -0.85 -8.39 7.20
C ASP A 34 0.51 -8.99 7.52
N ARG A 35 1.36 -9.10 6.50
CA ARG A 35 2.69 -9.65 6.68
C ARG A 35 3.68 -8.56 7.10
N CYS A 36 3.88 -7.58 6.23
CA CYS A 36 4.79 -6.48 6.50
C CYS A 36 4.07 -5.32 7.18
N GLU A 37 2.74 -5.36 7.14
CA GLU A 37 1.94 -4.32 7.76
C GLU A 37 2.37 -2.93 7.27
N GLU A 38 2.38 -2.76 5.95
CA GLU A 38 2.78 -1.49 5.35
C GLU A 38 1.69 -0.96 4.42
N TRP A 39 1.81 0.30 4.05
CA TRP A 39 0.84 0.92 3.15
C TRP A 39 1.41 1.07 1.75
N PHE A 40 0.78 0.39 0.79
CA PHE A 40 1.22 0.45 -0.60
C PHE A 40 0.09 0.88 -1.52
N HIS A 41 0.42 1.20 -2.77
CA HIS A 41 -0.56 1.63 -3.74
C HIS A 41 -1.11 0.43 -4.51
N GLY A 42 -2.43 0.24 -4.44
CA GLY A 42 -3.05 -0.88 -5.13
C GLY A 42 -2.40 -1.15 -6.47
N ASP A 43 -1.99 -0.10 -7.16
CA ASP A 43 -1.34 -0.24 -8.47
C ASP A 43 0.07 -0.80 -8.32
N CYS A 44 0.84 -0.21 -7.41
CA CYS A 44 2.21 -0.64 -7.17
C CYS A 44 2.25 -2.12 -6.79
N VAL A 45 1.31 -2.54 -5.95
CA VAL A 45 1.24 -3.93 -5.51
C VAL A 45 0.41 -4.77 -6.46
N GLY A 46 -0.54 -4.13 -7.14
CA GLY A 46 -1.39 -4.82 -8.08
C GLY A 46 -2.86 -4.73 -7.71
N ILE A 47 -3.17 -4.97 -6.44
CA ILE A 47 -4.54 -4.91 -5.96
C ILE A 47 -5.27 -3.68 -6.51
N SER A 48 -6.48 -3.89 -7.00
CA SER A 48 -7.27 -2.81 -7.56
C SER A 48 -8.38 -2.39 -6.60
N GLU A 49 -8.89 -1.17 -6.78
CA GLU A 49 -9.94 -0.65 -5.92
C GLU A 49 -11.06 -1.69 -5.74
N ALA A 50 -11.50 -2.28 -6.84
CA ALA A 50 -12.54 -3.28 -6.80
C ALA A 50 -12.14 -4.47 -5.94
N ARG A 51 -10.87 -4.84 -6.00
CA ARG A 51 -10.35 -5.96 -5.23
C ARG A 51 -10.25 -5.59 -3.75
N GLY A 52 -9.46 -4.57 -3.45
CA GLY A 52 -9.29 -4.14 -2.07
C GLY A 52 -10.61 -3.85 -1.39
N ARG A 53 -11.52 -3.20 -2.11
CA ARG A 53 -12.83 -2.85 -1.57
C ARG A 53 -13.54 -4.11 -1.05
N LEU A 54 -13.56 -5.15 -1.87
CA LEU A 54 -14.21 -6.40 -1.50
C LEU A 54 -13.52 -7.03 -0.29
N LEU A 55 -12.25 -7.37 -0.46
CA LEU A 55 -11.47 -7.98 0.61
C LEU A 55 -11.89 -7.44 1.97
N GLU A 56 -12.25 -6.16 2.00
CA GLU A 56 -12.68 -5.52 3.24
C GLU A 56 -13.97 -6.16 3.77
N ARG A 57 -15.05 -6.00 3.02
CA ARG A 57 -16.34 -6.56 3.42
C ARG A 57 -16.26 -8.08 3.52
N ASN A 58 -15.71 -8.71 2.48
CA ASN A 58 -15.57 -10.16 2.46
C ASN A 58 -14.92 -10.67 3.73
N GLY A 59 -13.88 -9.97 4.18
CA GLY A 59 -13.18 -10.37 5.39
C GLY A 59 -12.01 -11.29 5.11
N GLU A 60 -11.26 -10.97 4.06
CA GLU A 60 -10.10 -11.78 3.68
C GLU A 60 -8.81 -11.14 4.19
N ASP A 61 -7.68 -11.75 3.85
CA ASP A 61 -6.38 -11.26 4.29
C ASP A 61 -5.50 -10.93 3.08
N TYR A 62 -5.37 -9.64 2.78
CA TYR A 62 -4.56 -9.19 1.66
C TYR A 62 -3.07 -9.32 1.97
N ILE A 63 -2.34 -9.93 1.03
CA ILE A 63 -0.91 -10.13 1.21
C ILE A 63 -0.12 -9.52 0.05
N CYS A 64 0.32 -8.27 0.24
CA CYS A 64 1.08 -7.58 -0.79
C CYS A 64 2.09 -8.51 -1.45
N PRO A 65 2.49 -8.18 -2.69
CA PRO A 65 3.45 -8.97 -3.46
C PRO A 65 4.86 -8.88 -2.87
N ASN A 66 5.34 -7.66 -2.68
CA ASN A 66 6.67 -7.43 -2.14
C ASN A 66 6.97 -8.41 -1.00
N CYS A 67 5.91 -8.86 -0.32
CA CYS A 67 6.06 -9.79 0.79
C CYS A 67 6.31 -11.21 0.27
N THR A 68 5.30 -11.78 -0.39
CA THR A 68 5.40 -13.12 -0.93
C THR A 68 6.60 -13.24 -1.88
N ILE A 69 6.73 -12.28 -2.79
CA ILE A 69 7.82 -12.28 -3.75
C ILE A 69 9.11 -12.81 -3.12
N LEU A 70 9.39 -12.36 -1.90
CA LEU A 70 10.59 -12.80 -1.19
C LEU A 70 10.42 -14.21 -0.66
N SER A 71 9.32 -14.45 0.05
CA SER A 71 9.03 -15.76 0.62
C SER A 71 8.31 -16.64 -0.39
N GLY A 72 9.05 -17.60 -0.95
CA GLY A 72 8.45 -18.50 -1.92
C GLY A 72 7.07 -18.98 -1.51
N PRO A 73 6.17 -19.15 -2.50
CA PRO A 73 4.80 -19.60 -2.25
C PRO A 73 4.75 -21.07 -1.82
N SER A 74 3.62 -21.47 -1.24
CA SER A 74 3.44 -22.84 -0.78
C SER A 74 3.23 -23.79 -1.96
N SER A 75 3.58 -25.05 -1.77
CA SER A 75 3.43 -26.06 -2.81
C SER A 75 1.97 -26.46 -2.97
N GLY A 76 1.49 -26.44 -4.21
CA GLY A 76 0.10 -26.80 -4.47
C GLY A 76 -0.87 -26.04 -3.61
ZN ZN B . 3.88 3.04 -4.78
ZN ZN C . 3.31 -6.95 2.72
N GLY A 1 6.25 19.24 19.15
CA GLY A 1 5.88 18.68 17.86
C GLY A 1 4.73 17.71 17.97
N SER A 2 3.55 18.21 18.35
CA SER A 2 2.38 17.38 18.50
C SER A 2 1.36 17.66 17.39
N SER A 3 0.94 16.60 16.70
CA SER A 3 -0.01 16.74 15.60
C SER A 3 -0.86 15.48 15.47
N GLY A 4 -2.10 15.65 15.02
CA GLY A 4 -2.99 14.52 14.85
C GLY A 4 -4.40 14.95 14.49
N SER A 5 -4.89 14.48 13.34
CA SER A 5 -6.22 14.82 12.87
C SER A 5 -6.80 13.71 12.00
N SER A 6 -7.92 13.16 12.43
CA SER A 6 -8.57 12.08 11.68
C SER A 6 -9.21 12.61 10.40
N GLY A 7 -9.36 11.73 9.42
CA GLY A 7 -9.95 12.13 8.15
C GLY A 7 -9.17 11.61 6.96
N GLU A 8 -9.77 10.69 6.21
CA GLU A 8 -9.14 10.11 5.04
C GLU A 8 -8.96 11.16 3.95
N CYS A 9 -7.72 11.63 3.78
CA CYS A 9 -7.41 12.64 2.77
C CYS A 9 -5.95 12.54 2.34
N GLU A 10 -5.64 13.13 1.18
CA GLU A 10 -4.28 13.11 0.67
C GLU A 10 -3.33 13.85 1.61
N VAL A 11 -2.03 13.60 1.44
CA VAL A 11 -1.02 14.24 2.28
C VAL A 11 -0.37 15.40 1.55
N TYR A 12 -0.26 15.28 0.24
CA TYR A 12 0.35 16.33 -0.58
C TYR A 12 1.65 16.81 0.04
N ASP A 13 2.54 15.88 0.35
CA ASP A 13 3.83 16.22 0.95
C ASP A 13 4.93 15.29 0.45
N PRO A 14 5.95 15.88 -0.19
CA PRO A 14 7.09 15.13 -0.73
C PRO A 14 7.98 14.54 0.36
N ASN A 15 7.72 14.95 1.60
CA ASN A 15 8.49 14.46 2.74
C ASN A 15 7.83 13.24 3.36
N ALA A 16 6.52 13.14 3.20
CA ALA A 16 5.77 12.01 3.74
C ALA A 16 5.90 10.78 2.86
N LEU A 17 6.60 9.76 3.37
CA LEU A 17 6.81 8.53 2.63
C LEU A 17 6.07 7.36 3.29
N TYR A 18 5.32 6.61 2.48
CA TYR A 18 4.57 5.47 2.98
C TYR A 18 4.81 4.24 2.12
N CYS A 19 4.19 4.23 0.94
CA CYS A 19 4.33 3.11 0.02
C CYS A 19 5.79 2.71 -0.14
N ILE A 20 6.02 1.52 -0.66
CA ILE A 20 7.38 1.02 -0.88
C ILE A 20 8.14 1.91 -1.85
N CYS A 21 7.41 2.61 -2.71
CA CYS A 21 8.01 3.50 -3.70
C CYS A 21 8.36 4.85 -3.06
N ARG A 22 8.23 4.93 -1.74
CA ARG A 22 8.52 6.16 -1.02
C ARG A 22 7.76 7.33 -1.61
N GLN A 23 6.44 7.19 -1.70
CA GLN A 23 5.58 8.23 -2.25
C GLN A 23 4.45 8.57 -1.29
N PRO A 24 3.94 9.80 -1.40
CA PRO A 24 2.85 10.29 -0.54
C PRO A 24 1.52 9.60 -0.85
N HIS A 25 0.61 9.62 0.10
CA HIS A 25 -0.70 9.00 -0.07
C HIS A 25 -1.59 9.85 -0.97
N ASN A 26 -1.75 9.43 -2.22
CA ASN A 26 -2.57 10.15 -3.17
C ASN A 26 -3.95 9.50 -3.32
N ASN A 27 -4.86 10.19 -3.99
CA ASN A 27 -6.20 9.68 -4.20
C ASN A 27 -6.19 8.17 -4.44
N ARG A 28 -5.24 7.72 -5.26
CA ARG A 28 -5.11 6.30 -5.58
C ARG A 28 -5.44 5.44 -4.35
N PHE A 29 -6.03 4.28 -4.59
CA PHE A 29 -6.40 3.37 -3.52
C PHE A 29 -5.16 2.87 -2.78
N MET A 30 -5.29 2.65 -1.48
CA MET A 30 -4.19 2.19 -0.65
C MET A 30 -4.65 1.09 0.30
N ILE A 31 -3.70 0.25 0.73
CA ILE A 31 -4.01 -0.83 1.65
C ILE A 31 -2.90 -1.02 2.67
N CYS A 32 -3.26 -1.59 3.82
CA CYS A 32 -2.29 -1.83 4.89
C CYS A 32 -1.88 -3.30 4.95
N CYS A 33 -0.71 -3.61 4.40
CA CYS A 33 -0.21 -4.97 4.39
C CYS A 33 -0.09 -5.53 5.80
N ASP A 34 -0.42 -6.80 5.96
CA ASP A 34 -0.35 -7.46 7.26
C ASP A 34 1.06 -8.00 7.53
N ARG A 35 1.82 -8.18 6.46
CA ARG A 35 3.18 -8.70 6.57
C ARG A 35 4.19 -7.56 6.71
N CYS A 36 3.88 -6.42 6.08
CA CYS A 36 4.76 -5.26 6.14
C CYS A 36 4.22 -4.21 7.11
N GLU A 37 2.91 -4.23 7.31
CA GLU A 37 2.26 -3.29 8.22
C GLU A 37 2.43 -1.85 7.72
N GLU A 38 2.46 -1.70 6.41
CA GLU A 38 2.62 -0.37 5.80
C GLU A 38 1.52 -0.11 4.77
N TRP A 39 1.45 1.13 4.29
CA TRP A 39 0.45 1.50 3.30
C TRP A 39 1.05 1.56 1.91
N PHE A 40 0.62 0.65 1.04
CA PHE A 40 1.12 0.60 -0.33
C PHE A 40 0.04 1.01 -1.33
N HIS A 41 0.45 1.31 -2.55
CA HIS A 41 -0.48 1.71 -3.60
C HIS A 41 -1.03 0.50 -4.34
N GLY A 42 -2.35 0.42 -4.46
CA GLY A 42 -2.97 -0.69 -5.15
C GLY A 42 -2.23 -1.08 -6.41
N ASP A 43 -2.02 -0.11 -7.30
CA ASP A 43 -1.33 -0.36 -8.55
C ASP A 43 0.08 -0.88 -8.30
N CYS A 44 0.81 -0.22 -7.40
CA CYS A 44 2.16 -0.62 -7.07
C CYS A 44 2.22 -2.10 -6.67
N VAL A 45 1.29 -2.51 -5.81
CA VAL A 45 1.22 -3.89 -5.36
C VAL A 45 0.21 -4.68 -6.18
N GLY A 46 -0.14 -4.16 -7.34
CA GLY A 46 -1.09 -4.84 -8.20
C GLY A 46 -2.53 -4.63 -7.76
N ILE A 47 -2.78 -4.83 -6.46
CA ILE A 47 -4.12 -4.66 -5.91
C ILE A 47 -4.85 -3.51 -6.58
N SER A 48 -6.18 -3.61 -6.64
CA SER A 48 -7.00 -2.57 -7.26
C SER A 48 -8.22 -2.27 -6.41
N GLU A 49 -8.76 -1.06 -6.57
CA GLU A 49 -9.93 -0.64 -5.82
C GLU A 49 -10.99 -1.73 -5.80
N ALA A 50 -11.18 -2.39 -6.94
CA ALA A 50 -12.18 -3.46 -7.06
C ALA A 50 -11.86 -4.59 -6.09
N ARG A 51 -10.58 -4.93 -5.96
CA ARG A 51 -10.15 -6.00 -5.07
C ARG A 51 -10.28 -5.57 -3.61
N GLY A 52 -9.56 -4.53 -3.23
CA GLY A 52 -9.61 -4.04 -1.86
C GLY A 52 -11.02 -3.82 -1.38
N ARG A 53 -11.87 -3.30 -2.26
CA ARG A 53 -13.27 -3.04 -1.92
C ARG A 53 -13.93 -4.30 -1.38
N LEU A 54 -13.66 -5.43 -2.01
CA LEU A 54 -14.23 -6.71 -1.60
C LEU A 54 -13.46 -7.29 -0.43
N LEU A 55 -12.13 -7.35 -0.56
CA LEU A 55 -11.28 -7.90 0.48
C LEU A 55 -11.72 -7.38 1.86
N GLU A 56 -12.29 -6.19 1.88
CA GLU A 56 -12.76 -5.60 3.13
C GLU A 56 -14.00 -6.32 3.65
N ARG A 57 -15.12 -6.13 2.97
CA ARG A 57 -16.37 -6.75 3.36
C ARG A 57 -16.17 -8.25 3.62
N ASN A 58 -15.68 -8.95 2.60
CA ASN A 58 -15.45 -10.39 2.71
C ASN A 58 -14.56 -10.71 3.91
N GLY A 59 -13.50 -9.93 4.08
CA GLY A 59 -12.59 -10.14 5.19
C GLY A 59 -11.42 -11.04 4.82
N GLU A 60 -10.81 -10.75 3.67
CA GLU A 60 -9.67 -11.54 3.21
C GLU A 60 -8.35 -10.87 3.58
N ASP A 61 -7.26 -11.61 3.50
CA ASP A 61 -5.94 -11.09 3.83
C ASP A 61 -5.17 -10.72 2.57
N TYR A 62 -5.12 -9.43 2.27
CA TYR A 62 -4.42 -8.93 1.10
C TYR A 62 -2.91 -8.82 1.36
N ILE A 63 -2.20 -9.91 1.16
CA ILE A 63 -0.76 -9.92 1.38
C ILE A 63 -0.01 -9.37 0.17
N CYS A 64 0.53 -8.17 0.33
CA CYS A 64 1.28 -7.52 -0.76
C CYS A 64 2.16 -8.53 -1.48
N PRO A 65 2.53 -8.20 -2.73
CA PRO A 65 3.38 -9.06 -3.56
C PRO A 65 4.82 -9.12 -3.04
N ASN A 66 5.42 -7.95 -2.83
CA ASN A 66 6.79 -7.88 -2.34
C ASN A 66 7.03 -8.92 -1.24
N CYS A 67 5.97 -9.26 -0.51
CA CYS A 67 6.08 -10.24 0.56
C CYS A 67 6.12 -11.65 0.00
N THR A 68 4.98 -12.12 -0.52
CA THR A 68 4.89 -13.46 -1.07
C THR A 68 6.03 -13.72 -2.06
N ILE A 69 6.28 -12.74 -2.93
CA ILE A 69 7.34 -12.87 -3.92
C ILE A 69 8.57 -13.55 -3.32
N LEU A 70 8.87 -13.24 -2.06
CA LEU A 70 10.02 -13.82 -1.38
C LEU A 70 9.69 -15.22 -0.86
N SER A 71 8.59 -15.33 -0.14
CA SER A 71 8.17 -16.61 0.42
C SER A 71 7.00 -17.20 -0.38
N GLY A 72 7.32 -18.20 -1.19
CA GLY A 72 6.30 -18.84 -2.01
C GLY A 72 5.08 -19.24 -1.21
N PRO A 73 3.90 -19.20 -1.84
CA PRO A 73 2.64 -19.55 -1.20
C PRO A 73 2.53 -21.04 -0.91
N SER A 74 1.86 -21.39 0.19
CA SER A 74 1.69 -22.78 0.58
C SER A 74 0.60 -23.45 -0.26
N SER A 75 0.13 -22.74 -1.29
CA SER A 75 -0.92 -23.26 -2.15
C SER A 75 -1.13 -22.36 -3.36
N GLY A 76 -1.77 -22.89 -4.38
CA GLY A 76 -2.02 -22.12 -5.60
C GLY A 76 -3.35 -22.44 -6.22
ZN ZN B . 3.60 3.25 -4.60
ZN ZN C . 3.91 -6.87 2.51
N GLY A 1 -13.45 19.80 3.34
CA GLY A 1 -13.95 20.57 2.21
C GLY A 1 -12.83 21.19 1.41
N SER A 2 -13.10 21.46 0.13
CA SER A 2 -12.11 22.06 -0.75
C SER A 2 -11.38 23.20 -0.05
N SER A 3 -10.06 23.06 0.08
CA SER A 3 -9.25 24.08 0.73
C SER A 3 -8.69 25.06 -0.28
N GLY A 4 -8.13 24.53 -1.37
CA GLY A 4 -7.56 25.38 -2.40
C GLY A 4 -6.19 25.90 -2.03
N SER A 5 -6.17 26.99 -1.27
CA SER A 5 -4.91 27.60 -0.84
C SER A 5 -4.24 26.76 0.24
N SER A 6 -2.99 27.09 0.54
CA SER A 6 -2.23 26.37 1.56
C SER A 6 -2.93 26.45 2.92
N GLY A 7 -2.89 25.35 3.65
CA GLY A 7 -3.53 25.31 4.96
C GLY A 7 -3.32 23.98 5.67
N GLU A 8 -4.21 23.03 5.40
CA GLU A 8 -4.12 21.71 6.02
C GLU A 8 -4.25 20.62 4.98
N CYS A 9 -4.03 19.37 5.40
CA CYS A 9 -4.12 18.22 4.51
C CYS A 9 -2.92 18.18 3.56
N GLU A 10 -1.76 18.57 4.08
CA GLU A 10 -0.54 18.57 3.28
C GLU A 10 0.01 17.15 3.10
N VAL A 11 0.52 16.86 1.90
CA VAL A 11 1.07 15.55 1.60
C VAL A 11 2.54 15.64 1.22
N TYR A 12 2.87 16.64 0.40
CA TYR A 12 4.24 16.84 -0.05
C TYR A 12 5.21 16.76 1.12
N ASP A 13 5.97 15.67 1.17
CA ASP A 13 6.95 15.46 2.24
C ASP A 13 7.97 14.40 1.85
N PRO A 14 9.24 14.80 1.78
CA PRO A 14 10.35 13.91 1.42
C PRO A 14 10.63 12.86 2.49
N ASN A 15 10.44 13.25 3.75
CA ASN A 15 10.67 12.35 4.87
C ASN A 15 9.54 11.33 5.00
N ALA A 16 8.32 11.77 4.68
CA ALA A 16 7.15 10.89 4.75
C ALA A 16 7.16 9.88 3.61
N LEU A 17 7.28 8.60 3.97
CA LEU A 17 7.30 7.53 2.99
C LEU A 17 6.45 6.35 3.44
N TYR A 18 5.75 5.73 2.50
CA TYR A 18 4.90 4.59 2.80
C TYR A 18 5.14 3.44 1.82
N CYS A 19 4.62 3.60 0.61
CA CYS A 19 4.77 2.59 -0.43
C CYS A 19 6.24 2.24 -0.63
N ILE A 20 6.50 1.15 -1.35
CA ILE A 20 7.86 0.70 -1.61
C ILE A 20 8.59 1.70 -2.51
N CYS A 21 7.83 2.45 -3.29
CA CYS A 21 8.40 3.43 -4.20
C CYS A 21 8.79 4.71 -3.45
N ARG A 22 8.76 4.64 -2.12
CA ARG A 22 9.09 5.78 -1.29
C ARG A 22 8.36 7.03 -1.76
N GLN A 23 7.04 6.91 -1.92
CA GLN A 23 6.23 8.03 -2.37
C GLN A 23 5.07 8.29 -1.40
N PRO A 24 4.65 9.56 -1.31
CA PRO A 24 3.55 9.96 -0.43
C PRO A 24 2.20 9.43 -0.90
N HIS A 25 1.13 9.86 -0.22
CA HIS A 25 -0.22 9.43 -0.57
C HIS A 25 -0.92 10.48 -1.43
N ASN A 26 -0.82 10.34 -2.74
CA ASN A 26 -1.44 11.28 -3.67
C ASN A 26 -2.90 10.90 -3.90
N ASN A 27 -3.68 10.85 -2.82
CA ASN A 27 -5.09 10.52 -2.91
C ASN A 27 -5.29 9.17 -3.59
N ARG A 28 -4.29 8.29 -3.46
CA ARG A 28 -4.36 6.97 -4.06
C ARG A 28 -4.91 5.95 -3.07
N PHE A 29 -5.53 4.90 -3.59
CA PHE A 29 -6.11 3.85 -2.76
C PHE A 29 -5.02 2.96 -2.17
N MET A 30 -4.88 2.99 -0.86
CA MET A 30 -3.87 2.17 -0.18
C MET A 30 -4.53 1.10 0.68
N ILE A 31 -3.75 0.10 1.06
CA ILE A 31 -4.25 -0.99 1.89
C ILE A 31 -3.20 -1.45 2.90
N CYS A 32 -3.67 -1.94 4.04
CA CYS A 32 -2.77 -2.41 5.09
C CYS A 32 -2.49 -3.90 4.93
N CYS A 33 -1.27 -4.22 4.51
CA CYS A 33 -0.87 -5.61 4.32
C CYS A 33 -1.00 -6.41 5.62
N ASP A 34 -0.99 -7.72 5.49
CA ASP A 34 -1.10 -8.60 6.66
C ASP A 34 0.25 -9.20 7.02
N ARG A 35 1.19 -9.15 6.09
CA ARG A 35 2.53 -9.70 6.31
C ARG A 35 3.46 -8.62 6.84
N CYS A 36 3.72 -7.60 6.02
CA CYS A 36 4.60 -6.51 6.41
C CYS A 36 3.83 -5.42 7.13
N GLU A 37 2.52 -5.36 6.89
CA GLU A 37 1.67 -4.35 7.52
C GLU A 37 2.11 -2.95 7.12
N GLU A 38 2.24 -2.72 5.82
CA GLU A 38 2.65 -1.41 5.32
C GLU A 38 1.61 -0.85 4.36
N TRP A 39 1.79 0.41 3.98
CA TRP A 39 0.87 1.08 3.07
C TRP A 39 1.46 1.17 1.66
N PHE A 40 0.77 0.60 0.69
CA PHE A 40 1.22 0.62 -0.69
C PHE A 40 0.11 1.09 -1.63
N HIS A 41 0.46 1.31 -2.90
CA HIS A 41 -0.50 1.76 -3.89
C HIS A 41 -1.11 0.58 -4.64
N GLY A 42 -2.43 0.43 -4.55
CA GLY A 42 -3.09 -0.66 -5.22
C GLY A 42 -2.46 -1.00 -6.56
N ASP A 43 -1.90 0.01 -7.22
CA ASP A 43 -1.26 -0.18 -8.51
C ASP A 43 0.12 -0.81 -8.33
N CYS A 44 1.00 -0.13 -7.60
CA CYS A 44 2.35 -0.61 -7.37
C CYS A 44 2.33 -2.09 -6.99
N VAL A 45 1.46 -2.45 -6.06
CA VAL A 45 1.34 -3.84 -5.61
C VAL A 45 0.48 -4.65 -6.57
N GLY A 46 -0.44 -3.98 -7.25
CA GLY A 46 -1.32 -4.66 -8.19
C GLY A 46 -2.77 -4.62 -7.76
N ILE A 47 -3.02 -4.85 -6.47
CA ILE A 47 -4.37 -4.83 -5.93
C ILE A 47 -5.21 -3.73 -6.58
N SER A 48 -6.37 -4.09 -7.08
CA SER A 48 -7.26 -3.14 -7.72
C SER A 48 -8.38 -2.70 -6.77
N GLU A 49 -8.75 -1.43 -6.85
CA GLU A 49 -9.81 -0.89 -5.99
C GLU A 49 -10.96 -1.87 -5.86
N ALA A 50 -11.23 -2.62 -6.93
CA ALA A 50 -12.31 -3.60 -6.93
C ALA A 50 -12.01 -4.73 -5.95
N ARG A 51 -10.76 -5.17 -5.92
CA ARG A 51 -10.35 -6.26 -5.04
C ARG A 51 -10.37 -5.81 -3.58
N GLY A 52 -9.52 -4.84 -3.25
CA GLY A 52 -9.45 -4.34 -1.89
C GLY A 52 -10.82 -3.99 -1.34
N ARG A 53 -11.66 -3.39 -2.18
CA ARG A 53 -13.00 -3.00 -1.77
C ARG A 53 -13.77 -4.19 -1.19
N LEU A 54 -13.71 -5.32 -1.89
CA LEU A 54 -14.38 -6.53 -1.44
C LEU A 54 -13.63 -7.19 -0.30
N LEU A 55 -12.33 -7.38 -0.49
CA LEU A 55 -11.49 -8.00 0.53
C LEU A 55 -11.84 -7.48 1.91
N GLU A 56 -12.40 -6.29 1.97
CA GLU A 56 -12.79 -5.68 3.24
C GLU A 56 -14.11 -6.25 3.74
N ARG A 57 -15.20 -5.89 3.06
CA ARG A 57 -16.53 -6.37 3.43
C ARG A 57 -16.54 -7.89 3.56
N ASN A 58 -16.15 -8.57 2.49
CA ASN A 58 -16.11 -10.04 2.49
C ASN A 58 -15.32 -10.56 3.69
N GLY A 59 -14.15 -9.99 3.90
CA GLY A 59 -13.31 -10.43 5.01
C GLY A 59 -12.14 -11.28 4.56
N GLU A 60 -11.49 -10.87 3.48
CA GLU A 60 -10.36 -11.60 2.94
C GLU A 60 -9.05 -10.90 3.27
N ASP A 61 -7.93 -11.50 2.85
CA ASP A 61 -6.62 -10.93 3.10
C ASP A 61 -5.89 -10.63 1.79
N TYR A 62 -5.24 -9.48 1.72
CA TYR A 62 -4.51 -9.08 0.52
C TYR A 62 -3.01 -9.06 0.78
N ILE A 63 -2.38 -10.22 0.67
CA ILE A 63 -0.94 -10.34 0.89
C ILE A 63 -0.17 -9.67 -0.23
N CYS A 64 0.34 -8.47 0.04
CA CYS A 64 1.12 -7.72 -0.94
C CYS A 64 2.16 -8.61 -1.62
N PRO A 65 2.59 -8.22 -2.82
CA PRO A 65 3.59 -8.96 -3.59
C PRO A 65 4.98 -8.90 -2.97
N ASN A 66 5.42 -7.69 -2.65
CA ASN A 66 6.73 -7.48 -2.05
C ASN A 66 6.99 -8.54 -0.97
N CYS A 67 5.94 -8.98 -0.30
CA CYS A 67 6.06 -9.99 0.74
C CYS A 67 6.30 -11.37 0.14
N THR A 68 5.33 -11.87 -0.61
CA THR A 68 5.44 -13.17 -1.25
C THR A 68 6.64 -13.24 -2.19
N ILE A 69 6.68 -12.30 -3.13
CA ILE A 69 7.78 -12.25 -4.09
C ILE A 69 9.10 -12.66 -3.44
N LEU A 70 9.33 -12.17 -2.23
CA LEU A 70 10.55 -12.49 -1.50
C LEU A 70 10.54 -13.93 -1.01
N SER A 71 9.47 -14.32 -0.34
CA SER A 71 9.34 -15.68 0.17
C SER A 71 8.53 -16.55 -0.79
N GLY A 72 9.23 -17.41 -1.53
CA GLY A 72 8.57 -18.28 -2.47
C GLY A 72 9.27 -18.32 -3.81
N PRO A 73 9.28 -19.51 -4.45
CA PRO A 73 9.91 -19.70 -5.76
C PRO A 73 9.17 -18.99 -6.88
N SER A 74 9.50 -17.72 -7.10
CA SER A 74 8.86 -16.92 -8.15
C SER A 74 8.95 -17.63 -9.50
N SER A 75 7.83 -17.65 -10.22
CA SER A 75 7.79 -18.30 -11.53
C SER A 75 8.87 -17.74 -12.45
N GLY A 76 9.69 -18.62 -12.99
CA GLY A 76 10.75 -18.20 -13.89
C GLY A 76 12.00 -19.06 -13.76
ZN ZN B . 3.99 3.06 -4.99
ZN ZN C . 3.29 -7.01 2.63
N GLY A 1 24.77 17.30 -8.32
CA GLY A 1 24.09 18.58 -8.17
C GLY A 1 22.59 18.46 -8.39
N SER A 2 21.82 19.16 -7.54
CA SER A 2 20.36 19.13 -7.65
C SER A 2 19.78 20.53 -7.48
N SER A 3 18.82 20.87 -8.32
CA SER A 3 18.18 22.17 -8.27
C SER A 3 16.72 22.06 -7.84
N GLY A 4 16.28 22.99 -7.01
CA GLY A 4 14.90 22.97 -6.53
C GLY A 4 14.06 24.06 -7.17
N SER A 5 12.75 24.02 -6.91
CA SER A 5 11.84 25.01 -7.46
C SER A 5 10.71 25.32 -6.47
N SER A 6 10.07 26.47 -6.65
CA SER A 6 8.99 26.88 -5.77
C SER A 6 7.79 27.37 -6.58
N GLY A 7 6.59 27.03 -6.11
CA GLY A 7 5.38 27.44 -6.80
C GLY A 7 4.45 26.28 -7.08
N GLU A 8 5.03 25.14 -7.45
CA GLU A 8 4.23 23.95 -7.75
C GLU A 8 3.33 23.59 -6.58
N CYS A 9 2.41 22.66 -6.80
CA CYS A 9 1.49 22.22 -5.77
C CYS A 9 1.55 20.71 -5.59
N GLU A 10 2.77 20.16 -5.60
CA GLU A 10 2.97 18.73 -5.43
C GLU A 10 3.66 18.42 -4.11
N VAL A 11 3.84 17.14 -3.83
CA VAL A 11 4.49 16.70 -2.60
C VAL A 11 5.26 15.40 -2.81
N TYR A 12 6.58 15.48 -2.74
CA TYR A 12 7.43 14.30 -2.93
C TYR A 12 8.43 14.18 -1.78
N ASP A 13 7.97 14.40 -0.56
CA ASP A 13 8.82 14.31 0.62
C ASP A 13 9.73 13.08 0.53
N PRO A 14 11.05 13.33 0.50
CA PRO A 14 12.05 12.26 0.42
C PRO A 14 12.13 11.44 1.70
N ASN A 15 11.67 12.03 2.80
CA ASN A 15 11.69 11.34 4.09
C ASN A 15 10.45 10.48 4.27
N ALA A 16 9.29 11.03 3.91
CA ALA A 16 8.03 10.30 4.02
C ALA A 16 7.87 9.31 2.88
N LEU A 17 8.17 8.04 3.17
CA LEU A 17 8.06 6.98 2.16
C LEU A 17 7.29 5.78 2.72
N TYR A 18 6.15 5.50 2.12
CA TYR A 18 5.32 4.37 2.56
C TYR A 18 5.42 3.21 1.57
N CYS A 19 5.03 3.47 0.33
CA CYS A 19 5.08 2.45 -0.71
C CYS A 19 6.53 2.06 -1.03
N ILE A 20 6.68 0.92 -1.71
CA ILE A 20 8.01 0.44 -2.07
C ILE A 20 8.63 1.30 -3.17
N CYS A 21 7.79 2.07 -3.84
CA CYS A 21 8.25 2.95 -4.92
C CYS A 21 8.80 4.25 -4.36
N ARG A 22 9.15 4.25 -3.08
CA ARG A 22 9.68 5.43 -2.42
C ARG A 22 8.87 6.66 -2.78
N GLN A 23 7.56 6.59 -2.56
CA GLN A 23 6.67 7.70 -2.86
C GLN A 23 5.70 7.95 -1.70
N PRO A 24 5.33 9.22 -1.52
CA PRO A 24 4.41 9.63 -0.45
C PRO A 24 2.98 9.13 -0.69
N HIS A 25 2.11 9.33 0.30
CA HIS A 25 0.73 8.92 0.19
C HIS A 25 -0.08 9.90 -0.65
N ASN A 26 -0.37 9.51 -1.89
CA ASN A 26 -1.13 10.36 -2.80
C ASN A 26 -2.56 9.84 -2.96
N ASN A 27 -3.40 10.66 -3.59
CA ASN A 27 -4.80 10.29 -3.80
C ASN A 27 -4.93 8.80 -4.11
N ARG A 28 -3.98 8.28 -4.90
CA ARG A 28 -4.00 6.87 -5.27
C ARG A 28 -4.47 6.01 -4.11
N PHE A 29 -5.24 4.97 -4.42
CA PHE A 29 -5.76 4.06 -3.40
C PHE A 29 -4.63 3.25 -2.77
N MET A 30 -4.79 2.94 -1.49
CA MET A 30 -3.79 2.17 -0.76
C MET A 30 -4.45 1.26 0.28
N ILE A 31 -3.68 0.29 0.77
CA ILE A 31 -4.20 -0.64 1.77
C ILE A 31 -3.11 -1.03 2.77
N CYS A 32 -3.52 -1.48 3.94
CA CYS A 32 -2.58 -1.89 4.98
C CYS A 32 -2.35 -3.40 4.95
N CYS A 33 -1.10 -3.80 4.73
CA CYS A 33 -0.75 -5.21 4.67
C CYS A 33 -0.81 -5.84 6.06
N ASP A 34 -0.79 -7.17 6.10
CA ASP A 34 -0.85 -7.90 7.36
C ASP A 34 0.52 -8.51 7.69
N ARG A 35 1.32 -8.74 6.66
CA ARG A 35 2.64 -9.33 6.85
C ARG A 35 3.67 -8.25 7.22
N CYS A 36 3.91 -7.33 6.29
CA CYS A 36 4.86 -6.24 6.53
C CYS A 36 4.17 -5.05 7.18
N GLU A 37 2.85 -5.10 7.23
CA GLU A 37 2.07 -4.01 7.82
C GLU A 37 2.52 -2.65 7.29
N GLU A 38 2.51 -2.52 5.96
CA GLU A 38 2.91 -1.28 5.32
C GLU A 38 1.79 -0.73 4.43
N TRP A 39 2.05 0.40 3.79
CA TRP A 39 1.07 1.03 2.91
C TRP A 39 1.60 1.12 1.48
N PHE A 40 0.92 0.45 0.56
CA PHE A 40 1.33 0.47 -0.84
C PHE A 40 0.15 0.82 -1.74
N HIS A 41 0.46 1.42 -2.89
CA HIS A 41 -0.58 1.81 -3.85
C HIS A 41 -1.13 0.59 -4.58
N GLY A 42 -2.45 0.45 -4.60
CA GLY A 42 -3.08 -0.67 -5.27
C GLY A 42 -2.35 -1.05 -6.54
N ASP A 43 -2.34 -0.15 -7.51
CA ASP A 43 -1.68 -0.40 -8.79
C ASP A 43 -0.30 -1.01 -8.56
N CYS A 44 0.51 -0.36 -7.73
CA CYS A 44 1.86 -0.83 -7.43
C CYS A 44 1.84 -2.29 -6.99
N VAL A 45 1.08 -2.57 -5.94
CA VAL A 45 0.97 -3.93 -5.41
C VAL A 45 -0.06 -4.74 -6.19
N GLY A 46 -0.47 -4.21 -7.34
CA GLY A 46 -1.46 -4.90 -8.16
C GLY A 46 -2.87 -4.68 -7.69
N ILE A 47 -3.07 -4.79 -6.38
CA ILE A 47 -4.40 -4.59 -5.79
C ILE A 47 -5.13 -3.44 -6.48
N SER A 48 -6.33 -3.73 -6.97
CA SER A 48 -7.13 -2.71 -7.65
C SER A 48 -8.12 -2.07 -6.68
N GLU A 49 -8.49 -0.82 -6.98
CA GLU A 49 -9.42 -0.09 -6.13
C GLU A 49 -10.54 -1.00 -5.62
N ALA A 50 -11.06 -1.84 -6.52
CA ALA A 50 -12.13 -2.76 -6.16
C ALA A 50 -11.59 -3.95 -5.37
N ARG A 51 -10.57 -4.60 -5.90
CA ARG A 51 -9.97 -5.75 -5.25
C ARG A 51 -9.96 -5.56 -3.73
N GLY A 52 -9.34 -4.48 -3.27
CA GLY A 52 -9.27 -4.21 -1.85
C GLY A 52 -10.64 -4.12 -1.21
N ARG A 53 -11.48 -3.22 -1.71
CA ARG A 53 -12.83 -3.04 -1.18
C ARG A 53 -13.47 -4.38 -0.88
N LEU A 54 -13.38 -5.31 -1.81
CA LEU A 54 -13.96 -6.64 -1.64
C LEU A 54 -13.34 -7.33 -0.42
N LEU A 55 -12.03 -7.46 -0.42
CA LEU A 55 -11.33 -8.11 0.68
C LEU A 55 -11.92 -7.68 2.03
N GLU A 56 -12.52 -6.51 2.05
CA GLU A 56 -13.13 -5.97 3.28
C GLU A 56 -14.43 -6.71 3.59
N ARG A 57 -15.41 -6.57 2.70
CA ARG A 57 -16.71 -7.21 2.90
C ARG A 57 -16.54 -8.72 3.08
N ASN A 58 -15.69 -9.32 2.25
CA ASN A 58 -15.44 -10.76 2.32
C ASN A 58 -14.84 -11.14 3.67
N GLY A 59 -13.90 -10.33 4.14
CA GLY A 59 -13.26 -10.60 5.42
C GLY A 59 -11.96 -11.36 5.27
N GLU A 60 -11.21 -11.02 4.22
CA GLU A 60 -9.93 -11.69 3.95
C GLU A 60 -8.76 -10.78 4.31
N ASP A 61 -7.62 -11.37 4.61
CA ASP A 61 -6.42 -10.61 4.96
C ASP A 61 -5.54 -10.41 3.73
N TYR A 62 -5.54 -9.19 3.20
CA TYR A 62 -4.74 -8.86 2.03
C TYR A 62 -3.25 -9.09 2.30
N ILE A 63 -2.56 -9.65 1.31
CA ILE A 63 -1.13 -9.93 1.45
C ILE A 63 -0.35 -9.38 0.25
N CYS A 64 0.15 -8.16 0.40
CA CYS A 64 0.92 -7.52 -0.67
C CYS A 64 1.87 -8.51 -1.32
N PRO A 65 2.26 -8.22 -2.57
CA PRO A 65 3.18 -9.09 -3.33
C PRO A 65 4.61 -9.03 -2.78
N ASN A 66 5.12 -7.82 -2.60
CA ASN A 66 6.47 -7.63 -2.09
C ASN A 66 6.75 -8.60 -0.93
N CYS A 67 5.69 -9.01 -0.24
CA CYS A 67 5.82 -9.92 0.89
C CYS A 67 6.00 -11.35 0.39
N THR A 68 4.94 -11.94 -0.16
CA THR A 68 4.97 -13.30 -0.66
C THR A 68 6.13 -13.48 -1.63
N ILE A 69 6.26 -12.56 -2.58
CA ILE A 69 7.33 -12.62 -3.57
C ILE A 69 8.65 -13.06 -2.93
N LEU A 70 8.93 -12.53 -1.75
CA LEU A 70 10.16 -12.86 -1.04
C LEU A 70 10.00 -14.17 -0.27
N SER A 71 9.04 -14.19 0.66
CA SER A 71 8.78 -15.38 1.47
C SER A 71 7.37 -15.90 1.25
N GLY A 72 7.25 -16.94 0.42
CA GLY A 72 5.93 -17.51 0.14
C GLY A 72 5.39 -18.31 1.31
N PRO A 73 4.31 -19.06 1.06
CA PRO A 73 3.67 -19.89 2.08
C PRO A 73 4.52 -21.08 2.49
N SER A 74 5.55 -21.37 1.68
CA SER A 74 6.45 -22.49 1.95
C SER A 74 6.78 -22.57 3.44
N SER A 75 6.28 -23.61 4.09
CA SER A 75 6.52 -23.82 5.52
C SER A 75 7.66 -24.81 5.74
N GLY A 76 8.23 -24.77 6.94
CA GLY A 76 9.32 -25.68 7.27
C GLY A 76 10.67 -25.03 7.11
ZN ZN B . 3.69 2.97 -5.16
ZN ZN C . 3.26 -6.83 2.79
N GLY A 1 -26.47 6.34 3.24
CA GLY A 1 -26.01 7.66 2.87
C GLY A 1 -25.38 8.41 4.04
N SER A 2 -24.05 8.42 4.09
CA SER A 2 -23.34 9.10 5.16
C SER A 2 -22.27 10.03 4.60
N SER A 3 -21.66 10.82 5.48
CA SER A 3 -20.62 11.76 5.07
C SER A 3 -19.32 11.03 4.74
N GLY A 4 -18.40 11.73 4.08
CA GLY A 4 -17.13 11.13 3.73
C GLY A 4 -16.02 12.15 3.63
N SER A 5 -15.01 11.86 2.82
CA SER A 5 -13.87 12.75 2.65
C SER A 5 -13.81 13.28 1.22
N SER A 6 -13.77 14.61 1.08
CA SER A 6 -13.71 15.24 -0.22
C SER A 6 -12.43 16.06 -0.37
N GLY A 7 -11.90 16.07 -1.59
CA GLY A 7 -10.67 16.81 -1.85
C GLY A 7 -9.65 16.00 -2.62
N GLU A 8 -8.72 16.69 -3.27
CA GLU A 8 -7.68 16.02 -4.04
C GLU A 8 -6.58 15.47 -3.14
N CYS A 9 -5.74 14.61 -3.69
CA CYS A 9 -4.65 14.02 -2.93
C CYS A 9 -4.07 15.03 -1.93
N GLU A 10 -3.85 14.56 -0.70
CA GLU A 10 -3.30 15.43 0.35
C GLU A 10 -1.97 14.87 0.86
N VAL A 11 -1.16 15.76 1.42
CA VAL A 11 0.15 15.36 1.96
C VAL A 11 0.66 16.39 2.97
N TYR A 12 0.81 15.96 4.21
CA TYR A 12 1.30 16.84 5.27
C TYR A 12 2.81 16.70 5.44
N ASP A 13 3.24 15.50 5.81
CA ASP A 13 4.66 15.23 6.02
C ASP A 13 5.40 15.17 4.68
N PRO A 14 6.32 16.13 4.47
CA PRO A 14 7.11 16.22 3.24
C PRO A 14 8.11 15.08 3.13
N ASN A 15 8.55 14.55 4.27
CA ASN A 15 9.51 13.47 4.30
C ASN A 15 8.88 12.18 4.82
N ALA A 16 7.69 11.87 4.31
CA ALA A 16 6.98 10.66 4.72
C ALA A 16 6.95 9.63 3.59
N LEU A 17 7.61 8.51 3.80
CA LEU A 17 7.66 7.44 2.81
C LEU A 17 7.01 6.17 3.34
N TYR A 18 6.19 5.54 2.50
CA TYR A 18 5.50 4.31 2.88
C TYR A 18 5.65 3.25 1.79
N CYS A 19 4.92 3.42 0.69
CA CYS A 19 4.96 2.47 -0.41
C CYS A 19 6.41 2.16 -0.79
N ILE A 20 6.59 1.10 -1.57
CA ILE A 20 7.92 0.68 -2.01
C ILE A 20 8.51 1.68 -3.00
N CYS A 21 7.64 2.46 -3.64
CA CYS A 21 8.07 3.45 -4.61
C CYS A 21 8.53 4.73 -3.90
N ARG A 22 8.68 4.65 -2.59
CA ARG A 22 9.11 5.81 -1.80
C ARG A 22 8.23 7.02 -2.09
N GLN A 23 6.93 6.84 -1.99
CA GLN A 23 5.98 7.92 -2.24
C GLN A 23 4.96 8.03 -1.11
N PRO A 24 4.50 9.27 -0.84
CA PRO A 24 3.52 9.52 0.22
C PRO A 24 2.14 8.98 -0.14
N HIS A 25 1.24 8.99 0.83
CA HIS A 25 -0.12 8.49 0.63
C HIS A 25 -0.92 9.47 -0.24
N ASN A 26 -0.89 9.24 -1.55
CA ASN A 26 -1.61 10.09 -2.48
C ASN A 26 -3.04 9.59 -2.71
N ASN A 27 -3.82 10.36 -3.44
CA ASN A 27 -5.21 9.99 -3.72
C ASN A 27 -5.32 8.50 -4.03
N ARG A 28 -4.39 8.00 -4.82
CA ARG A 28 -4.38 6.58 -5.20
C ARG A 28 -4.86 5.71 -4.04
N PHE A 29 -5.42 4.55 -4.37
CA PHE A 29 -5.91 3.63 -3.35
C PHE A 29 -4.77 3.04 -2.54
N MET A 30 -4.95 2.95 -1.23
CA MET A 30 -3.94 2.41 -0.35
C MET A 30 -4.53 1.32 0.56
N ILE A 31 -3.77 0.25 0.76
CA ILE A 31 -4.21 -0.85 1.61
C ILE A 31 -3.17 -1.18 2.67
N CYS A 32 -3.64 -1.73 3.79
CA CYS A 32 -2.75 -2.09 4.90
C CYS A 32 -2.45 -3.58 4.88
N CYS A 33 -1.19 -3.92 4.60
CA CYS A 33 -0.76 -5.31 4.56
C CYS A 33 -0.87 -5.96 5.93
N ASP A 34 -0.75 -7.28 5.97
CA ASP A 34 -0.84 -8.03 7.23
C ASP A 34 0.50 -8.68 7.55
N ARG A 35 1.34 -8.84 6.54
CA ARG A 35 2.65 -9.45 6.73
C ARG A 35 3.69 -8.41 7.13
N CYS A 36 3.76 -7.33 6.35
CA CYS A 36 4.71 -6.26 6.61
C CYS A 36 4.01 -5.05 7.19
N GLU A 37 2.68 -5.07 7.19
CA GLU A 37 1.89 -3.97 7.72
C GLU A 37 2.37 -2.63 7.15
N GLU A 38 2.44 -2.54 5.83
CA GLU A 38 2.88 -1.32 5.16
C GLU A 38 1.79 -0.77 4.25
N TRP A 39 1.92 0.50 3.88
CA TRP A 39 0.95 1.15 3.01
C TRP A 39 1.47 1.25 1.59
N PHE A 40 0.84 0.52 0.68
CA PHE A 40 1.25 0.52 -0.73
C PHE A 40 0.09 0.93 -1.63
N HIS A 41 0.41 1.35 -2.84
CA HIS A 41 -0.61 1.77 -3.81
C HIS A 41 -1.11 0.58 -4.62
N GLY A 42 -2.42 0.41 -4.67
CA GLY A 42 -3.01 -0.69 -5.41
C GLY A 42 -2.23 -1.03 -6.66
N ASP A 43 -2.21 -0.09 -7.60
CA ASP A 43 -1.49 -0.29 -8.86
C ASP A 43 -0.09 -0.84 -8.60
N CYS A 44 0.66 -0.16 -7.75
CA CYS A 44 2.02 -0.58 -7.42
C CYS A 44 2.06 -2.07 -7.06
N VAL A 45 1.37 -2.42 -5.98
CA VAL A 45 1.33 -3.81 -5.53
C VAL A 45 0.33 -4.62 -6.35
N GLY A 46 -0.12 -4.05 -7.46
CA GLY A 46 -1.07 -4.73 -8.32
C GLY A 46 -2.50 -4.58 -7.83
N ILE A 47 -2.71 -4.83 -6.54
CA ILE A 47 -4.04 -4.73 -5.96
C ILE A 47 -4.84 -3.60 -6.60
N SER A 48 -6.08 -3.91 -7.01
CA SER A 48 -6.94 -2.92 -7.64
C SER A 48 -7.91 -2.33 -6.63
N GLU A 49 -8.40 -1.13 -6.93
CA GLU A 49 -9.34 -0.44 -6.05
C GLU A 49 -10.47 -1.38 -5.63
N ALA A 50 -11.12 -1.98 -6.62
CA ALA A 50 -12.22 -2.90 -6.34
C ALA A 50 -11.75 -4.09 -5.52
N ARG A 51 -10.69 -4.74 -5.98
CA ARG A 51 -10.14 -5.89 -5.28
C ARG A 51 -10.18 -5.69 -3.76
N GLY A 52 -9.53 -4.62 -3.30
CA GLY A 52 -9.51 -4.34 -1.88
C GLY A 52 -10.90 -4.17 -1.30
N ARG A 53 -11.69 -3.29 -1.90
CA ARG A 53 -13.05 -3.03 -1.44
C ARG A 53 -13.73 -4.33 -1.02
N LEU A 54 -13.61 -5.36 -1.86
CA LEU A 54 -14.22 -6.66 -1.58
C LEU A 54 -13.47 -7.37 -0.45
N LEU A 55 -12.15 -7.39 -0.53
CA LEU A 55 -11.33 -8.03 0.48
C LEU A 55 -11.75 -7.60 1.88
N GLU A 56 -12.42 -6.45 1.97
CA GLU A 56 -12.87 -5.94 3.24
C GLU A 56 -14.17 -6.61 3.67
N ARG A 57 -15.24 -6.36 2.93
CA ARG A 57 -16.54 -6.94 3.23
C ARG A 57 -16.43 -8.45 3.38
N ASN A 58 -15.63 -9.08 2.53
CA ASN A 58 -15.44 -10.53 2.57
C ASN A 58 -14.88 -10.96 3.93
N GLY A 59 -13.82 -10.28 4.37
CA GLY A 59 -13.21 -10.62 5.63
C GLY A 59 -11.91 -11.37 5.47
N GLU A 60 -11.18 -11.07 4.40
CA GLU A 60 -9.91 -11.73 4.13
C GLU A 60 -8.74 -10.89 4.64
N ASP A 61 -7.53 -11.38 4.41
CA ASP A 61 -6.33 -10.68 4.85
C ASP A 61 -5.41 -10.37 3.66
N TYR A 62 -5.44 -9.14 3.19
CA TYR A 62 -4.62 -8.73 2.06
C TYR A 62 -3.15 -9.00 2.33
N ILE A 63 -2.46 -9.56 1.34
CA ILE A 63 -1.04 -9.86 1.48
C ILE A 63 -0.26 -9.33 0.28
N CYS A 64 0.25 -8.11 0.41
CA CYS A 64 1.03 -7.49 -0.66
C CYS A 64 1.96 -8.51 -1.31
N PRO A 65 2.35 -8.22 -2.56
CA PRO A 65 3.25 -9.10 -3.33
C PRO A 65 4.67 -9.11 -2.77
N ASN A 66 5.25 -7.92 -2.63
CA ASN A 66 6.60 -7.79 -2.10
C ASN A 66 6.84 -8.77 -0.96
N CYS A 67 5.78 -9.08 -0.23
CA CYS A 67 5.88 -10.00 0.90
C CYS A 67 6.03 -11.44 0.41
N THR A 68 5.00 -11.95 -0.25
CA THR A 68 5.02 -13.31 -0.77
C THR A 68 6.19 -13.53 -1.70
N ILE A 69 6.38 -12.60 -2.64
CA ILE A 69 7.48 -12.69 -3.59
C ILE A 69 8.73 -13.28 -2.95
N LEU A 70 8.96 -12.93 -1.69
CA LEU A 70 10.12 -13.44 -0.96
C LEU A 70 9.87 -14.86 -0.46
N SER A 71 8.84 -15.03 0.35
CA SER A 71 8.51 -16.34 0.89
C SER A 71 7.08 -16.74 0.51
N GLY A 72 6.89 -18.01 0.20
CA GLY A 72 5.57 -18.50 -0.18
C GLY A 72 5.58 -19.97 -0.55
N PRO A 73 4.39 -20.59 -0.56
CA PRO A 73 4.24 -22.01 -0.90
C PRO A 73 4.49 -22.28 -2.38
N SER A 74 4.71 -21.21 -3.14
CA SER A 74 4.97 -21.33 -4.57
C SER A 74 6.42 -21.68 -4.84
N SER A 75 6.75 -21.91 -6.11
CA SER A 75 8.10 -22.26 -6.50
C SER A 75 8.93 -21.00 -6.75
N GLY A 76 9.59 -20.51 -5.70
CA GLY A 76 10.40 -19.32 -5.83
C GLY A 76 10.45 -18.51 -4.55
ZN ZN B . 3.67 3.11 -4.84
ZN ZN C . 3.36 -6.90 2.76
N GLY A 1 -23.97 25.99 21.96
CA GLY A 1 -23.26 24.82 21.47
C GLY A 1 -21.94 25.16 20.84
N SER A 2 -21.25 24.14 20.32
CA SER A 2 -19.95 24.34 19.68
C SER A 2 -20.04 24.14 18.18
N SER A 3 -19.00 24.56 17.46
CA SER A 3 -18.97 24.43 16.01
C SER A 3 -17.54 24.53 15.50
N GLY A 4 -17.37 24.26 14.20
CA GLY A 4 -16.03 24.33 13.60
C GLY A 4 -15.53 22.97 13.18
N SER A 5 -14.46 22.51 13.83
CA SER A 5 -13.87 21.22 13.51
C SER A 5 -13.53 21.12 12.03
N SER A 6 -12.98 22.21 11.49
CA SER A 6 -12.61 22.25 10.08
C SER A 6 -11.09 22.14 9.91
N GLY A 7 -10.67 21.24 9.04
CA GLY A 7 -9.25 21.05 8.80
C GLY A 7 -8.97 20.37 7.46
N GLU A 8 -7.74 20.52 6.98
CA GLU A 8 -7.34 19.93 5.71
C GLU A 8 -6.34 18.80 5.92
N CYS A 9 -6.34 17.84 5.01
CA CYS A 9 -5.43 16.70 5.09
C CYS A 9 -4.55 16.61 3.84
N GLU A 10 -3.25 16.83 4.01
CA GLU A 10 -2.32 16.77 2.90
C GLU A 10 -0.99 16.16 3.33
N VAL A 11 -0.24 15.63 2.36
CA VAL A 11 1.06 15.02 2.64
C VAL A 11 2.14 16.08 2.81
N TYR A 12 2.16 16.72 3.97
CA TYR A 12 3.15 17.75 4.27
C TYR A 12 4.53 17.14 4.46
N ASP A 13 4.61 16.15 5.35
CA ASP A 13 5.87 15.48 5.63
C ASP A 13 6.65 15.21 4.36
N PRO A 14 7.68 16.03 4.12
CA PRO A 14 8.53 15.90 2.93
C PRO A 14 9.40 14.65 2.97
N ASN A 15 9.62 14.13 4.17
CA ASN A 15 10.45 12.94 4.35
C ASN A 15 9.59 11.75 4.75
N ALA A 16 8.42 11.62 4.13
CA ALA A 16 7.51 10.52 4.42
C ALA A 16 7.44 9.54 3.26
N LEU A 17 7.81 8.29 3.51
CA LEU A 17 7.78 7.26 2.49
C LEU A 17 6.98 6.05 2.94
N TYR A 18 5.87 5.79 2.27
CA TYR A 18 5.01 4.67 2.61
C TYR A 18 5.25 3.49 1.66
N CYS A 19 4.76 3.63 0.44
CA CYS A 19 4.91 2.57 -0.56
C CYS A 19 6.38 2.17 -0.71
N ILE A 20 6.62 1.11 -1.47
CA ILE A 20 7.97 0.62 -1.69
C ILE A 20 8.73 1.53 -2.66
N CYS A 21 7.98 2.25 -3.49
CA CYS A 21 8.59 3.15 -4.45
C CYS A 21 8.99 4.47 -3.81
N ARG A 22 8.97 4.50 -2.47
CA ARG A 22 9.34 5.69 -1.73
C ARG A 22 8.59 6.92 -2.27
N GLN A 23 7.28 6.81 -2.38
CA GLN A 23 6.46 7.90 -2.88
C GLN A 23 5.33 8.24 -1.90
N PRO A 24 4.91 9.52 -1.92
CA PRO A 24 3.85 9.99 -1.04
C PRO A 24 2.48 9.43 -1.41
N HIS A 25 1.44 9.90 -0.74
CA HIS A 25 0.07 9.44 -1.01
C HIS A 25 -0.67 10.43 -1.90
N ASN A 26 -0.53 10.26 -3.21
CA ASN A 26 -1.19 11.13 -4.16
C ASN A 26 -2.65 10.74 -4.35
N ASN A 27 -3.43 10.89 -3.28
CA ASN A 27 -4.85 10.55 -3.31
C ASN A 27 -5.07 9.21 -3.99
N ARG A 28 -4.24 8.22 -3.64
CA ARG A 28 -4.35 6.89 -4.22
C ARG A 28 -4.98 5.92 -3.22
N PHE A 29 -5.41 4.76 -3.74
CA PHE A 29 -6.04 3.75 -2.89
C PHE A 29 -4.99 2.85 -2.25
N MET A 30 -4.67 3.11 -1.00
CA MET A 30 -3.68 2.31 -0.28
C MET A 30 -4.35 1.32 0.65
N ILE A 31 -3.76 0.13 0.77
CA ILE A 31 -4.30 -0.91 1.64
C ILE A 31 -3.31 -1.29 2.73
N CYS A 32 -3.84 -1.74 3.87
CA CYS A 32 -3.01 -2.14 4.99
C CYS A 32 -2.69 -3.62 4.93
N CYS A 33 -1.40 -3.94 4.85
CA CYS A 33 -0.96 -5.32 4.77
C CYS A 33 -0.95 -5.97 6.16
N ASP A 34 -0.80 -7.29 6.19
CA ASP A 34 -0.79 -8.03 7.45
C ASP A 34 0.59 -8.62 7.72
N ARG A 35 1.33 -8.89 6.65
CA ARG A 35 2.67 -9.46 6.76
C ARG A 35 3.68 -8.40 7.15
N CYS A 36 3.69 -7.29 6.41
CA CYS A 36 4.61 -6.19 6.67
C CYS A 36 3.89 -5.01 7.31
N GLU A 37 2.57 -4.94 7.09
CA GLU A 37 1.77 -3.86 7.65
C GLU A 37 2.24 -2.51 7.13
N GLU A 38 2.30 -2.38 5.80
CA GLU A 38 2.73 -1.12 5.19
C GLU A 38 1.68 -0.63 4.20
N TRP A 39 1.83 0.63 3.78
CA TRP A 39 0.89 1.24 2.83
C TRP A 39 1.51 1.30 1.43
N PHE A 40 0.80 0.75 0.45
CA PHE A 40 1.28 0.75 -0.93
C PHE A 40 0.16 1.18 -1.88
N HIS A 41 0.52 1.35 -3.15
CA HIS A 41 -0.44 1.75 -4.17
C HIS A 41 -1.07 0.54 -4.84
N GLY A 42 -2.39 0.43 -4.76
CA GLY A 42 -3.08 -0.69 -5.37
C GLY A 42 -2.42 -1.14 -6.66
N ASP A 43 -1.93 -0.19 -7.44
CA ASP A 43 -1.28 -0.49 -8.71
C ASP A 43 0.10 -1.10 -8.48
N CYS A 44 0.95 -0.39 -7.76
CA CYS A 44 2.29 -0.85 -7.46
C CYS A 44 2.28 -2.31 -7.01
N VAL A 45 1.36 -2.64 -6.11
CA VAL A 45 1.24 -4.00 -5.60
C VAL A 45 0.38 -4.85 -6.53
N GLY A 46 -0.53 -4.21 -7.25
CA GLY A 46 -1.41 -4.92 -8.16
C GLY A 46 -2.87 -4.81 -7.78
N ILE A 47 -3.16 -5.00 -6.50
CA ILE A 47 -4.52 -4.92 -6.00
C ILE A 47 -5.25 -3.71 -6.59
N SER A 48 -6.47 -3.94 -7.08
CA SER A 48 -7.27 -2.88 -7.66
C SER A 48 -8.18 -2.24 -6.62
N GLU A 49 -8.54 -0.98 -6.84
CA GLU A 49 -9.41 -0.26 -5.92
C GLU A 49 -10.58 -1.13 -5.48
N ALA A 50 -11.21 -1.79 -6.44
CA ALA A 50 -12.34 -2.66 -6.16
C ALA A 50 -11.91 -3.89 -5.38
N ARG A 51 -10.92 -4.61 -5.93
CA ARG A 51 -10.41 -5.82 -5.29
C ARG A 51 -10.30 -5.63 -3.78
N GLY A 52 -9.49 -4.64 -3.37
CA GLY A 52 -9.31 -4.38 -1.95
C GLY A 52 -10.63 -4.24 -1.22
N ARG A 53 -11.47 -3.33 -1.69
CA ARG A 53 -12.77 -3.08 -1.07
C ARG A 53 -13.45 -4.41 -0.71
N LEU A 54 -13.52 -5.31 -1.67
CA LEU A 54 -14.14 -6.61 -1.46
C LEU A 54 -13.41 -7.40 -0.39
N LEU A 55 -12.09 -7.51 -0.53
CA LEU A 55 -11.27 -8.22 0.44
C LEU A 55 -11.72 -7.93 1.87
N GLU A 56 -12.35 -6.78 2.05
CA GLU A 56 -12.83 -6.38 3.37
C GLU A 56 -14.21 -6.95 3.64
N ARG A 57 -15.21 -6.44 2.94
CA ARG A 57 -16.59 -6.90 3.12
C ARG A 57 -16.64 -8.42 3.14
N ASN A 58 -15.79 -9.05 2.33
CA ASN A 58 -15.75 -10.51 2.25
C ASN A 58 -15.12 -11.10 3.50
N GLY A 59 -14.05 -10.47 3.97
CA GLY A 59 -13.37 -10.95 5.16
C GLY A 59 -12.06 -11.66 4.84
N GLU A 60 -11.40 -11.21 3.78
CA GLU A 60 -10.13 -11.81 3.38
C GLU A 60 -8.95 -10.97 3.85
N ASP A 61 -7.82 -11.63 4.06
CA ASP A 61 -6.61 -10.95 4.53
C ASP A 61 -5.69 -10.61 3.36
N TYR A 62 -5.66 -9.34 2.98
CA TYR A 62 -4.83 -8.88 1.87
C TYR A 62 -3.35 -9.05 2.20
N ILE A 63 -2.59 -9.62 1.25
CA ILE A 63 -1.17 -9.84 1.44
C ILE A 63 -0.37 -9.29 0.27
N CYS A 64 0.12 -8.06 0.42
CA CYS A 64 0.91 -7.42 -0.63
C CYS A 64 1.86 -8.41 -1.29
N PRO A 65 2.26 -8.11 -2.53
CA PRO A 65 3.17 -8.97 -3.30
C PRO A 65 4.58 -8.96 -2.73
N ASN A 66 5.16 -7.77 -2.61
CA ASN A 66 6.52 -7.62 -2.08
C ASN A 66 6.76 -8.59 -0.93
N CYS A 67 5.69 -8.89 -0.18
CA CYS A 67 5.80 -9.81 0.95
C CYS A 67 5.98 -11.24 0.47
N THR A 68 4.99 -11.76 -0.23
CA THR A 68 5.04 -13.13 -0.75
C THR A 68 6.26 -13.33 -1.64
N ILE A 69 6.50 -12.38 -2.54
CA ILE A 69 7.63 -12.45 -3.45
C ILE A 69 8.89 -12.90 -2.72
N LEU A 70 9.09 -12.36 -1.51
CA LEU A 70 10.26 -12.70 -0.71
C LEU A 70 10.05 -14.03 0.02
N SER A 71 8.94 -14.13 0.74
CA SER A 71 8.62 -15.34 1.49
C SER A 71 7.12 -15.52 1.63
N GLY A 72 6.62 -16.69 1.24
CA GLY A 72 5.20 -16.96 1.34
C GLY A 72 4.90 -18.38 1.76
N PRO A 73 3.69 -18.61 2.28
CA PRO A 73 3.26 -19.94 2.73
C PRO A 73 3.06 -20.92 1.58
N SER A 74 3.36 -20.45 0.37
CA SER A 74 3.20 -21.29 -0.82
C SER A 74 4.49 -22.04 -1.13
N SER A 75 4.44 -23.36 -1.01
CA SER A 75 5.61 -24.20 -1.27
C SER A 75 6.18 -23.92 -2.66
N GLY A 76 7.50 -23.97 -2.78
CA GLY A 76 8.14 -23.74 -4.05
C GLY A 76 9.37 -22.85 -3.93
ZN ZN B . 4.20 2.77 -5.13
ZN ZN C . 3.11 -6.74 2.88
N GLY A 1 26.91 19.94 -3.13
CA GLY A 1 26.73 19.85 -4.57
C GLY A 1 25.27 19.91 -4.98
N SER A 2 24.47 19.00 -4.45
CA SER A 2 23.04 18.96 -4.77
C SER A 2 22.20 19.25 -3.53
N SER A 3 21.74 20.49 -3.42
CA SER A 3 20.93 20.90 -2.28
C SER A 3 20.10 22.13 -2.63
N GLY A 4 18.77 21.99 -2.56
CA GLY A 4 17.89 23.11 -2.87
C GLY A 4 16.53 22.65 -3.36
N SER A 5 15.51 23.46 -3.11
CA SER A 5 14.16 23.13 -3.53
C SER A 5 13.41 24.38 -4.01
N SER A 6 12.59 24.21 -5.03
CA SER A 6 11.82 25.32 -5.59
C SER A 6 10.48 25.47 -4.88
N GLY A 7 9.84 26.62 -5.06
CA GLY A 7 8.55 26.87 -4.44
C GLY A 7 7.42 26.17 -5.17
N GLU A 8 7.53 24.86 -5.33
CA GLU A 8 6.50 24.08 -6.01
C GLU A 8 5.43 23.60 -5.03
N CYS A 9 4.17 23.87 -5.36
CA CYS A 9 3.07 23.46 -4.51
C CYS A 9 2.66 22.02 -4.79
N GLU A 10 3.16 21.09 -3.98
CA GLU A 10 2.84 19.68 -4.14
C GLU A 10 2.96 18.94 -2.82
N VAL A 11 2.19 17.86 -2.68
CA VAL A 11 2.20 17.06 -1.46
C VAL A 11 3.35 16.06 -1.47
N TYR A 12 4.48 16.45 -2.02
CA TYR A 12 5.64 15.58 -2.09
C TYR A 12 6.63 15.88 -0.97
N ASP A 13 6.42 15.22 0.16
CA ASP A 13 7.29 15.41 1.33
C ASP A 13 8.26 14.23 1.48
N PRO A 14 9.51 14.55 1.83
CA PRO A 14 10.55 13.53 2.00
C PRO A 14 10.32 12.67 3.25
N ASN A 15 10.03 13.33 4.37
CA ASN A 15 9.79 12.63 5.62
C ASN A 15 8.49 11.83 5.55
N ALA A 16 7.46 12.43 4.96
CA ALA A 16 6.18 11.77 4.82
C ALA A 16 6.21 10.69 3.76
N LEU A 17 6.42 9.44 4.19
CA LEU A 17 6.48 8.31 3.27
C LEU A 17 5.72 7.12 3.82
N TYR A 18 5.04 6.40 2.94
CA TYR A 18 4.26 5.23 3.33
C TYR A 18 4.53 4.05 2.41
N CYS A 19 4.02 4.13 1.19
CA CYS A 19 4.21 3.07 0.22
C CYS A 19 5.69 2.73 0.06
N ILE A 20 5.96 1.58 -0.55
CA ILE A 20 7.34 1.14 -0.76
C ILE A 20 8.09 2.09 -1.69
N CYS A 21 7.35 2.77 -2.56
CA CYS A 21 7.93 3.71 -3.51
C CYS A 21 8.23 5.04 -2.82
N ARG A 22 8.14 5.05 -1.50
CA ARG A 22 8.40 6.27 -0.73
C ARG A 22 7.64 7.46 -1.31
N GLN A 23 6.32 7.30 -1.44
CA GLN A 23 5.47 8.35 -1.98
C GLN A 23 4.35 8.69 -1.03
N PRO A 24 3.85 9.94 -1.10
CA PRO A 24 2.76 10.41 -0.25
C PRO A 24 1.42 9.76 -0.60
N HIS A 25 0.49 9.78 0.35
CA HIS A 25 -0.83 9.19 0.14
C HIS A 25 -1.62 9.99 -0.89
N ASN A 26 -1.69 9.47 -2.11
CA ASN A 26 -2.43 10.14 -3.17
C ASN A 26 -3.80 9.52 -3.36
N ASN A 27 -4.60 10.12 -4.23
CA ASN A 27 -5.95 9.63 -4.50
C ASN A 27 -5.94 8.11 -4.69
N ARG A 28 -5.01 7.63 -5.50
CA ARG A 28 -4.90 6.20 -5.77
C ARG A 28 -5.30 5.38 -4.55
N PHE A 29 -5.83 4.19 -4.79
CA PHE A 29 -6.27 3.32 -3.70
C PHE A 29 -5.07 2.84 -2.88
N MET A 30 -5.31 2.59 -1.59
CA MET A 30 -4.26 2.13 -0.70
C MET A 30 -4.78 1.06 0.26
N ILE A 31 -3.95 0.07 0.54
CA ILE A 31 -4.32 -1.01 1.44
C ILE A 31 -3.24 -1.27 2.48
N CYS A 32 -3.66 -1.73 3.65
CA CYS A 32 -2.72 -2.01 4.73
C CYS A 32 -2.35 -3.50 4.76
N CYS A 33 -1.13 -3.81 4.37
CA CYS A 33 -0.66 -5.19 4.34
C CYS A 33 -0.66 -5.78 5.74
N ASP A 34 -0.80 -7.11 5.81
CA ASP A 34 -0.83 -7.80 7.09
C ASP A 34 0.58 -8.27 7.47
N ARG A 35 1.42 -8.48 6.47
CA ARG A 35 2.79 -8.93 6.71
C ARG A 35 3.73 -7.74 6.90
N CYS A 36 3.46 -6.66 6.18
CA CYS A 36 4.28 -5.46 6.27
C CYS A 36 3.64 -4.44 7.22
N GLU A 37 2.32 -4.49 7.35
CA GLU A 37 1.59 -3.58 8.23
C GLU A 37 1.77 -2.14 7.76
N GLU A 38 2.00 -1.96 6.47
CA GLU A 38 2.18 -0.63 5.89
C GLU A 38 1.13 -0.35 4.83
N TRP A 39 1.13 0.88 4.32
CA TRP A 39 0.18 1.28 3.29
C TRP A 39 0.86 1.36 1.92
N PHE A 40 0.35 0.60 0.97
CA PHE A 40 0.90 0.59 -0.37
C PHE A 40 -0.15 0.96 -1.41
N HIS A 41 0.30 1.38 -2.58
CA HIS A 41 -0.61 1.77 -3.66
C HIS A 41 -1.09 0.56 -4.45
N GLY A 42 -2.41 0.41 -4.54
CA GLY A 42 -2.97 -0.71 -5.27
C GLY A 42 -2.17 -1.08 -6.50
N ASP A 43 -1.97 -0.11 -7.39
CA ASP A 43 -1.22 -0.33 -8.61
C ASP A 43 0.18 -0.86 -8.29
N CYS A 44 0.88 -0.17 -7.40
CA CYS A 44 2.23 -0.57 -7.02
C CYS A 44 2.27 -2.04 -6.62
N VAL A 45 1.29 -2.46 -5.82
CA VAL A 45 1.21 -3.84 -5.37
C VAL A 45 0.21 -4.63 -6.21
N GLY A 46 -0.15 -4.09 -7.37
CA GLY A 46 -1.08 -4.76 -8.25
C GLY A 46 -2.52 -4.61 -7.79
N ILE A 47 -2.77 -4.83 -6.50
CA ILE A 47 -4.10 -4.70 -5.94
C ILE A 47 -4.88 -3.60 -6.63
N SER A 48 -6.12 -3.90 -7.01
CA SER A 48 -6.98 -2.93 -7.68
C SER A 48 -7.99 -2.33 -6.70
N GLU A 49 -8.60 -1.22 -7.09
CA GLU A 49 -9.58 -0.54 -6.26
C GLU A 49 -10.74 -1.48 -5.91
N ALA A 50 -11.16 -2.27 -6.89
CA ALA A 50 -12.25 -3.21 -6.71
C ALA A 50 -11.83 -4.37 -5.81
N ARG A 51 -10.62 -4.88 -6.03
CA ARG A 51 -10.10 -5.98 -5.24
C ARG A 51 -10.19 -5.68 -3.75
N GLY A 52 -9.46 -4.65 -3.32
CA GLY A 52 -9.47 -4.27 -1.92
C GLY A 52 -10.88 -4.11 -1.37
N ARG A 53 -11.69 -3.30 -2.03
CA ARG A 53 -13.06 -3.06 -1.61
C ARG A 53 -13.68 -4.34 -1.05
N LEU A 54 -13.59 -5.42 -1.82
CA LEU A 54 -14.14 -6.70 -1.39
C LEU A 54 -13.30 -7.33 -0.29
N LEU A 55 -11.99 -7.36 -0.50
CA LEU A 55 -11.07 -7.92 0.48
C LEU A 55 -11.38 -7.42 1.88
N GLU A 56 -12.09 -6.30 1.96
CA GLU A 56 -12.46 -5.70 3.24
C GLU A 56 -13.74 -6.32 3.77
N ARG A 57 -14.86 -6.00 3.13
CA ARG A 57 -16.16 -6.52 3.54
C ARG A 57 -16.11 -8.04 3.70
N ASN A 58 -15.61 -8.72 2.66
CA ASN A 58 -15.50 -10.17 2.68
C ASN A 58 -14.66 -10.64 3.87
N GLY A 59 -13.51 -10.00 4.06
CA GLY A 59 -12.63 -10.36 5.15
C GLY A 59 -11.45 -11.19 4.69
N GLU A 60 -10.85 -10.81 3.58
CA GLU A 60 -9.70 -11.53 3.03
C GLU A 60 -8.41 -10.74 3.25
N ASP A 61 -7.42 -11.40 3.87
CA ASP A 61 -6.14 -10.76 4.14
C ASP A 61 -5.33 -10.59 2.86
N TYR A 62 -5.30 -9.36 2.36
CA TYR A 62 -4.56 -9.06 1.13
C TYR A 62 -3.07 -8.98 1.40
N ILE A 63 -2.36 -10.07 1.12
CA ILE A 63 -0.92 -10.13 1.32
C ILE A 63 -0.17 -9.53 0.14
N CYS A 64 0.34 -8.31 0.32
CA CYS A 64 1.08 -7.63 -0.73
C CYS A 64 2.01 -8.59 -1.46
N PRO A 65 2.41 -8.23 -2.68
CA PRO A 65 3.31 -9.05 -3.50
C PRO A 65 4.73 -9.09 -2.95
N ASN A 66 5.30 -7.91 -2.69
CA ASN A 66 6.65 -7.82 -2.15
C ASN A 66 6.89 -8.89 -1.10
N CYS A 67 5.84 -9.24 -0.36
CA CYS A 67 5.92 -10.25 0.68
C CYS A 67 6.10 -11.64 0.09
N THR A 68 5.07 -12.11 -0.60
CA THR A 68 5.11 -13.44 -1.23
C THR A 68 6.32 -13.58 -2.13
N ILE A 69 6.57 -12.57 -2.96
CA ILE A 69 7.71 -12.59 -3.87
C ILE A 69 8.99 -12.99 -3.14
N LEU A 70 9.22 -12.40 -1.98
CA LEU A 70 10.41 -12.69 -1.18
C LEU A 70 10.32 -14.10 -0.58
N SER A 71 9.50 -14.24 0.45
CA SER A 71 9.32 -15.53 1.11
C SER A 71 8.18 -16.31 0.48
N GLY A 72 6.96 -15.87 0.72
CA GLY A 72 5.79 -16.54 0.17
C GLY A 72 4.55 -16.33 1.01
N PRO A 73 3.52 -17.15 0.77
CA PRO A 73 2.25 -17.08 1.50
C PRO A 73 2.39 -17.50 2.96
N SER A 74 3.32 -18.42 3.22
CA SER A 74 3.54 -18.91 4.57
C SER A 74 2.22 -19.27 5.25
N SER A 75 1.33 -19.90 4.50
CA SER A 75 0.03 -20.29 5.03
C SER A 75 0.03 -21.76 5.45
N GLY A 76 0.22 -22.65 4.47
CA GLY A 76 0.24 -24.07 4.77
C GLY A 76 -1.04 -24.76 4.34
ZN ZN B . 3.58 3.20 -4.47
ZN ZN C . 3.52 -7.07 2.59
N GLY A 1 19.86 24.35 0.35
CA GLY A 1 20.48 24.18 -0.96
C GLY A 1 20.62 25.48 -1.71
N SER A 2 21.71 25.62 -2.46
CA SER A 2 21.95 26.83 -3.24
C SER A 2 21.21 26.79 -4.57
N SER A 3 19.97 26.32 -4.54
CA SER A 3 19.15 26.23 -5.74
C SER A 3 18.25 27.45 -5.88
N GLY A 4 18.44 28.18 -6.97
CA GLY A 4 17.63 29.37 -7.21
C GLY A 4 16.27 29.05 -7.77
N SER A 5 16.21 28.07 -8.68
CA SER A 5 14.95 27.66 -9.29
C SER A 5 13.90 27.36 -8.23
N SER A 6 12.74 27.98 -8.36
CA SER A 6 11.65 27.78 -7.41
C SER A 6 10.84 26.54 -7.76
N GLY A 7 10.06 26.05 -6.80
CA GLY A 7 9.26 24.87 -7.02
C GLY A 7 7.88 24.99 -6.40
N GLU A 8 6.87 24.47 -7.09
CA GLU A 8 5.50 24.52 -6.60
C GLU A 8 5.39 23.85 -5.23
N CYS A 9 4.28 24.10 -4.55
CA CYS A 9 4.04 23.52 -3.22
C CYS A 9 4.43 22.05 -3.19
N GLU A 10 5.63 21.76 -2.69
CA GLU A 10 6.11 20.39 -2.61
C GLU A 10 5.06 19.48 -1.99
N VAL A 11 5.01 18.23 -2.46
CA VAL A 11 4.05 17.26 -1.95
C VAL A 11 4.75 16.00 -1.47
N TYR A 12 5.94 15.74 -2.01
CA TYR A 12 6.71 14.57 -1.63
C TYR A 12 7.56 14.84 -0.39
N ASP A 13 7.46 13.95 0.59
CA ASP A 13 8.21 14.10 1.83
C ASP A 13 9.13 12.90 2.05
N PRO A 14 10.45 13.17 2.14
CA PRO A 14 11.45 12.13 2.35
C PRO A 14 11.38 11.52 3.75
N ASN A 15 10.42 11.98 4.54
CA ASN A 15 10.24 11.48 5.89
C ASN A 15 8.97 10.63 6.00
N ALA A 16 7.96 11.00 5.23
CA ALA A 16 6.69 10.26 5.24
C ALA A 16 6.56 9.39 4.00
N LEU A 17 6.76 8.09 4.16
CA LEU A 17 6.65 7.16 3.06
C LEU A 17 5.85 5.92 3.45
N TYR A 18 5.15 5.33 2.49
CA TYR A 18 4.34 4.15 2.75
C TYR A 18 4.64 3.06 1.72
N CYS A 19 4.14 3.25 0.50
CA CYS A 19 4.36 2.27 -0.57
C CYS A 19 5.85 2.00 -0.76
N ILE A 20 6.15 0.91 -1.45
CA ILE A 20 7.54 0.53 -1.70
C ILE A 20 8.21 1.53 -2.65
N CYS A 21 7.41 2.15 -3.51
CA CYS A 21 7.93 3.13 -4.45
C CYS A 21 8.36 4.41 -3.74
N ARG A 22 8.20 4.42 -2.42
CA ARG A 22 8.57 5.58 -1.62
C ARG A 22 7.82 6.84 -2.09
N GLN A 23 6.50 6.74 -2.15
CA GLN A 23 5.67 7.86 -2.59
C GLN A 23 4.54 8.12 -1.60
N PRO A 24 4.09 9.38 -1.54
CA PRO A 24 3.00 9.79 -0.64
C PRO A 24 1.65 9.23 -1.06
N HIS A 25 0.58 9.77 -0.51
CA HIS A 25 -0.77 9.33 -0.83
C HIS A 25 -1.52 10.38 -1.64
N ASN A 26 -1.15 10.53 -2.90
CA ASN A 26 -1.78 11.50 -3.78
C ASN A 26 -3.16 11.01 -4.24
N ASN A 27 -4.11 10.98 -3.30
CA ASN A 27 -5.46 10.53 -3.62
C ASN A 27 -5.45 9.13 -4.22
N ARG A 28 -4.51 8.31 -3.76
CA ARG A 28 -4.39 6.94 -4.25
C ARG A 28 -5.03 5.95 -3.28
N PHE A 29 -5.33 4.76 -3.78
CA PHE A 29 -5.94 3.72 -2.95
C PHE A 29 -4.88 2.77 -2.39
N MET A 30 -4.95 2.50 -1.09
CA MET A 30 -4.00 1.61 -0.44
C MET A 30 -4.72 0.60 0.44
N ILE A 31 -3.99 -0.43 0.87
CA ILE A 31 -4.57 -1.47 1.72
C ILE A 31 -3.59 -1.89 2.81
N CYS A 32 -4.13 -2.32 3.94
CA CYS A 32 -3.30 -2.76 5.07
C CYS A 32 -2.94 -4.23 4.94
N CYS A 33 -1.64 -4.51 4.86
CA CYS A 33 -1.15 -5.88 4.73
C CYS A 33 -1.15 -6.59 6.08
N ASP A 34 -1.05 -7.91 6.05
CA ASP A 34 -1.05 -8.71 7.27
C ASP A 34 0.35 -9.26 7.54
N ARG A 35 1.20 -9.24 6.52
CA ARG A 35 2.56 -9.74 6.65
C ARG A 35 3.51 -8.64 7.10
N CYS A 36 3.64 -7.59 6.28
CA CYS A 36 4.52 -6.47 6.61
C CYS A 36 3.74 -5.35 7.28
N GLU A 37 2.41 -5.42 7.20
CA GLU A 37 1.55 -4.42 7.80
C GLU A 37 1.93 -3.02 7.31
N GLU A 38 2.02 -2.86 6.00
CA GLU A 38 2.38 -1.57 5.40
C GLU A 38 1.31 -1.11 4.43
N TRP A 39 1.36 0.17 4.07
CA TRP A 39 0.39 0.74 3.14
C TRP A 39 1.00 0.91 1.76
N PHE A 40 0.45 0.19 0.78
CA PHE A 40 0.95 0.27 -0.59
C PHE A 40 -0.18 0.64 -1.55
N HIS A 41 0.21 1.15 -2.73
CA HIS A 41 -0.77 1.55 -3.74
C HIS A 41 -1.25 0.34 -4.53
N GLY A 42 -2.56 0.11 -4.50
CA GLY A 42 -3.13 -1.03 -5.22
C GLY A 42 -2.41 -1.30 -6.53
N ASP A 43 -2.44 -0.32 -7.43
CA ASP A 43 -1.78 -0.46 -8.72
C ASP A 43 -0.36 -0.99 -8.56
N CYS A 44 0.43 -0.27 -7.76
CA CYS A 44 1.82 -0.67 -7.51
C CYS A 44 1.90 -2.13 -7.10
N VAL A 45 1.09 -2.51 -6.11
CA VAL A 45 1.08 -3.88 -5.62
C VAL A 45 0.21 -4.78 -6.49
N GLY A 46 -0.37 -4.18 -7.54
CA GLY A 46 -1.21 -4.94 -8.44
C GLY A 46 -2.67 -4.88 -8.05
N ILE A 47 -2.95 -5.19 -6.79
CA ILE A 47 -4.32 -5.17 -6.28
C ILE A 47 -5.05 -3.91 -6.72
N SER A 48 -6.20 -4.09 -7.37
CA SER A 48 -7.00 -2.97 -7.84
C SER A 48 -7.99 -2.52 -6.78
N GLU A 49 -8.39 -1.24 -6.84
CA GLU A 49 -9.33 -0.70 -5.88
C GLU A 49 -10.57 -1.59 -5.76
N ALA A 50 -11.02 -2.12 -6.89
CA ALA A 50 -12.19 -2.99 -6.92
C ALA A 50 -11.96 -4.24 -6.07
N ARG A 51 -10.75 -4.79 -6.15
CA ARG A 51 -10.40 -5.98 -5.39
C ARG A 51 -10.30 -5.67 -3.90
N GLY A 52 -9.38 -4.78 -3.54
CA GLY A 52 -9.20 -4.41 -2.16
C GLY A 52 -10.49 -3.95 -1.50
N ARG A 53 -11.28 -3.16 -2.24
CA ARG A 53 -12.54 -2.65 -1.73
C ARG A 53 -13.37 -3.77 -1.10
N LEU A 54 -13.35 -4.93 -1.74
CA LEU A 54 -14.10 -6.08 -1.25
C LEU A 54 -13.26 -6.91 -0.28
N LEU A 55 -12.00 -7.11 -0.64
CA LEU A 55 -11.08 -7.89 0.19
C LEU A 55 -11.34 -7.64 1.67
N GLU A 56 -11.84 -6.44 1.99
CA GLU A 56 -12.13 -6.09 3.37
C GLU A 56 -13.56 -6.49 3.73
N ARG A 57 -14.53 -5.78 3.18
CA ARG A 57 -15.94 -6.06 3.46
C ARG A 57 -16.19 -7.57 3.49
N ASN A 58 -15.45 -8.31 2.68
CA ASN A 58 -15.60 -9.75 2.62
C ASN A 58 -14.93 -10.42 3.82
N GLY A 59 -13.75 -9.92 4.19
CA GLY A 59 -13.03 -10.48 5.31
C GLY A 59 -11.88 -11.36 4.88
N GLU A 60 -11.31 -11.05 3.73
CA GLU A 60 -10.18 -11.82 3.20
C GLU A 60 -8.86 -11.31 3.77
N ASP A 61 -7.78 -12.02 3.46
CA ASP A 61 -6.46 -11.64 3.94
C ASP A 61 -5.56 -11.23 2.77
N TYR A 62 -5.47 -9.93 2.54
CA TYR A 62 -4.65 -9.40 1.45
C TYR A 62 -3.17 -9.54 1.77
N ILE A 63 -2.41 -10.13 0.85
CA ILE A 63 -0.98 -10.32 1.04
C ILE A 63 -0.19 -9.63 -0.06
N CYS A 64 0.18 -8.38 0.17
CA CYS A 64 0.94 -7.60 -0.81
C CYS A 64 2.01 -8.46 -1.46
N PRO A 65 2.45 -8.06 -2.67
CA PRO A 65 3.48 -8.78 -3.42
C PRO A 65 4.86 -8.66 -2.77
N ASN A 66 5.27 -7.43 -2.48
CA ASN A 66 6.57 -7.20 -1.87
C ASN A 66 6.85 -8.22 -0.78
N CYS A 67 5.80 -8.71 -0.14
CA CYS A 67 5.93 -9.71 0.91
C CYS A 67 6.25 -11.08 0.34
N THR A 68 5.28 -11.68 -0.34
CA THR A 68 5.46 -13.00 -0.94
C THR A 68 6.72 -13.04 -1.80
N ILE A 69 6.90 -12.01 -2.62
CA ILE A 69 8.06 -11.93 -3.50
C ILE A 69 9.34 -12.22 -2.73
N LEU A 70 9.42 -11.73 -1.50
CA LEU A 70 10.59 -11.94 -0.66
C LEU A 70 10.60 -13.34 -0.07
N SER A 71 9.57 -13.65 0.72
CA SER A 71 9.46 -14.96 1.34
C SER A 71 8.80 -15.96 0.41
N GLY A 72 9.26 -16.00 -0.84
CA GLY A 72 8.71 -16.91 -1.81
C GLY A 72 9.20 -18.33 -1.65
N PRO A 73 8.31 -19.30 -1.88
CA PRO A 73 8.64 -20.72 -1.74
C PRO A 73 9.60 -21.21 -2.83
N SER A 74 10.04 -20.27 -3.67
CA SER A 74 10.95 -20.60 -4.76
C SER A 74 11.91 -21.71 -4.34
N SER A 75 11.88 -22.81 -5.08
CA SER A 75 12.75 -23.95 -4.80
C SER A 75 14.20 -23.61 -5.10
N GLY A 76 15.11 -24.27 -4.38
CA GLY A 76 16.53 -24.02 -4.59
C GLY A 76 17.35 -25.30 -4.55
ZN ZN B . 3.41 3.01 -5.10
ZN ZN C . 3.00 -7.02 2.82
N GLY A 1 -17.75 19.46 -24.12
CA GLY A 1 -16.52 19.00 -23.49
C GLY A 1 -16.07 19.90 -22.36
N SER A 2 -15.45 19.30 -21.36
CA SER A 2 -14.96 20.06 -20.20
C SER A 2 -13.49 19.77 -19.93
N SER A 3 -12.89 20.56 -19.05
CA SER A 3 -11.48 20.37 -18.71
C SER A 3 -11.30 20.25 -17.20
N GLY A 4 -10.18 19.65 -16.79
CA GLY A 4 -9.91 19.48 -15.38
C GLY A 4 -9.19 20.67 -14.77
N SER A 5 -8.92 20.58 -13.47
CA SER A 5 -8.22 21.67 -12.77
C SER A 5 -7.37 21.12 -11.63
N SER A 6 -6.49 21.96 -11.11
CA SER A 6 -5.60 21.56 -10.02
C SER A 6 -6.35 21.57 -8.69
N GLY A 7 -5.97 20.65 -7.79
CA GLY A 7 -6.60 20.58 -6.50
C GLY A 7 -5.75 19.86 -5.47
N GLU A 8 -5.10 18.78 -5.89
CA GLU A 8 -4.25 18.00 -5.00
C GLU A 8 -2.89 18.67 -4.84
N CYS A 9 -2.25 18.44 -3.69
CA CYS A 9 -0.95 19.02 -3.41
C CYS A 9 -0.22 18.21 -2.34
N GLU A 10 1.10 18.10 -2.50
CA GLU A 10 1.91 17.35 -1.55
C GLU A 10 1.50 17.65 -0.11
N VAL A 11 1.97 16.83 0.82
CA VAL A 11 1.64 17.01 2.23
C VAL A 11 2.85 17.49 3.02
N TYR A 12 3.68 18.31 2.37
CA TYR A 12 4.87 18.85 3.01
C TYR A 12 5.47 17.84 3.97
N ASP A 13 5.60 16.60 3.53
CA ASP A 13 6.16 15.53 4.36
C ASP A 13 7.36 14.90 3.68
N PRO A 14 8.55 15.48 3.89
CA PRO A 14 9.80 14.98 3.31
C PRO A 14 10.23 13.65 3.91
N ASN A 15 9.75 13.38 5.13
CA ASN A 15 10.09 12.14 5.82
C ASN A 15 8.87 11.23 5.93
N ALA A 16 8.06 11.20 4.88
CA ALA A 16 6.86 10.37 4.87
C ALA A 16 6.93 9.33 3.74
N LEU A 17 7.14 8.08 4.12
CA LEU A 17 7.22 6.99 3.14
C LEU A 17 6.42 5.78 3.61
N TYR A 18 5.46 5.36 2.79
CA TYR A 18 4.63 4.22 3.11
C TYR A 18 4.81 3.09 2.10
N CYS A 19 4.48 3.38 0.84
CA CYS A 19 4.61 2.39 -0.23
C CYS A 19 6.08 2.11 -0.53
N ILE A 20 6.33 1.07 -1.31
CA ILE A 20 7.69 0.70 -1.68
C ILE A 20 8.29 1.70 -2.66
N CYS A 21 7.43 2.42 -3.37
CA CYS A 21 7.86 3.41 -4.34
C CYS A 21 8.28 4.70 -3.64
N ARG A 22 8.40 4.64 -2.32
CA ARG A 22 8.80 5.81 -1.54
C ARG A 22 7.93 7.01 -1.88
N GLN A 23 6.62 6.83 -1.80
CA GLN A 23 5.67 7.90 -2.10
C GLN A 23 4.63 8.02 -1.00
N PRO A 24 4.14 9.24 -0.77
CA PRO A 24 3.12 9.53 0.24
C PRO A 24 1.76 8.95 -0.13
N HIS A 25 0.74 9.28 0.66
CA HIS A 25 -0.61 8.80 0.41
C HIS A 25 -1.59 9.97 0.27
N ASN A 26 -1.92 10.32 -0.97
CA ASN A 26 -2.84 11.42 -1.23
C ASN A 26 -4.26 10.91 -1.36
N ASN A 27 -4.55 10.23 -2.46
CA ASN A 27 -5.89 9.68 -2.71
C ASN A 27 -5.81 8.22 -3.15
N ARG A 28 -4.73 7.88 -3.84
CA ARG A 28 -4.53 6.51 -4.32
C ARG A 28 -5.05 5.50 -3.29
N PHE A 29 -5.70 4.45 -3.78
CA PHE A 29 -6.24 3.42 -2.91
C PHE A 29 -5.12 2.67 -2.19
N MET A 30 -5.25 2.57 -0.87
CA MET A 30 -4.25 1.88 -0.06
C MET A 30 -4.88 0.75 0.74
N ILE A 31 -4.05 -0.14 1.25
CA ILE A 31 -4.52 -1.27 2.05
C ILE A 31 -3.51 -1.68 3.11
N CYS A 32 -3.96 -2.41 4.12
CA CYS A 32 -3.09 -2.85 5.19
C CYS A 32 -2.74 -4.33 5.03
N CYS A 33 -1.47 -4.60 4.74
CA CYS A 33 -1.01 -5.98 4.56
C CYS A 33 -1.04 -6.74 5.88
N ASP A 34 -0.87 -8.05 5.81
CA ASP A 34 -0.88 -8.90 6.99
C ASP A 34 0.53 -9.40 7.31
N ARG A 35 1.32 -9.64 6.27
CA ARG A 35 2.69 -10.12 6.44
C ARG A 35 3.59 -9.00 6.94
N CYS A 36 3.72 -7.94 6.15
CA CYS A 36 4.55 -6.81 6.51
C CYS A 36 3.74 -5.74 7.22
N GLU A 37 2.45 -5.70 6.94
CA GLU A 37 1.56 -4.72 7.57
C GLU A 37 1.98 -3.30 7.21
N GLU A 38 2.16 -3.05 5.92
CA GLU A 38 2.57 -1.74 5.45
C GLU A 38 1.48 -1.11 4.59
N TRP A 39 1.71 0.13 4.15
CA TRP A 39 0.75 0.84 3.31
C TRP A 39 1.29 1.02 1.90
N PHE A 40 0.67 0.34 0.94
CA PHE A 40 1.09 0.42 -0.45
C PHE A 40 -0.06 0.89 -1.34
N HIS A 41 0.22 1.05 -2.62
CA HIS A 41 -0.80 1.49 -3.57
C HIS A 41 -1.33 0.32 -4.39
N GLY A 42 -2.65 0.15 -4.39
CA GLY A 42 -3.25 -0.93 -5.14
C GLY A 42 -2.51 -1.25 -6.42
N ASP A 43 -2.51 -0.31 -7.35
CA ASP A 43 -1.84 -0.50 -8.63
C ASP A 43 -0.41 -1.01 -8.42
N CYS A 44 0.36 -0.30 -7.59
CA CYS A 44 1.73 -0.68 -7.30
C CYS A 44 1.82 -2.17 -6.94
N VAL A 45 1.07 -2.57 -5.92
CA VAL A 45 1.07 -3.96 -5.48
C VAL A 45 0.12 -4.80 -6.32
N GLY A 46 -0.22 -4.31 -7.51
CA GLY A 46 -1.11 -5.02 -8.39
C GLY A 46 -2.56 -4.84 -8.00
N ILE A 47 -2.86 -5.05 -6.72
CA ILE A 47 -4.22 -4.92 -6.21
C ILE A 47 -4.97 -3.79 -6.92
N SER A 48 -6.27 -3.94 -7.05
CA SER A 48 -7.10 -2.93 -7.72
C SER A 48 -8.24 -2.49 -6.82
N GLU A 49 -8.74 -1.28 -7.04
CA GLU A 49 -9.85 -0.74 -6.25
C GLU A 49 -10.96 -1.79 -6.09
N ALA A 50 -11.28 -2.47 -7.19
CA ALA A 50 -12.33 -3.48 -7.16
C ALA A 50 -11.95 -4.64 -6.24
N ARG A 51 -10.68 -4.99 -6.24
CA ARG A 51 -10.18 -6.08 -5.40
C ARG A 51 -10.16 -5.66 -3.93
N GLY A 52 -9.39 -4.62 -3.63
CA GLY A 52 -9.28 -4.14 -2.27
C GLY A 52 -10.64 -3.86 -1.65
N ARG A 53 -11.54 -3.30 -2.45
CA ARG A 53 -12.88 -2.98 -1.97
C ARG A 53 -13.52 -4.18 -1.27
N LEU A 54 -13.51 -5.31 -1.96
CA LEU A 54 -14.09 -6.54 -1.42
C LEU A 54 -13.22 -7.09 -0.29
N LEU A 55 -11.95 -7.33 -0.59
CA LEU A 55 -11.01 -7.86 0.40
C LEU A 55 -11.27 -7.25 1.77
N GLU A 56 -11.79 -6.02 1.78
CA GLU A 56 -12.08 -5.34 3.03
C GLU A 56 -13.41 -5.82 3.62
N ARG A 57 -14.50 -5.44 2.98
CA ARG A 57 -15.84 -5.83 3.43
C ARG A 57 -15.91 -7.34 3.64
N ASN A 58 -15.55 -8.10 2.62
CA ASN A 58 -15.57 -9.55 2.69
C ASN A 58 -14.75 -10.06 3.86
N GLY A 59 -13.54 -9.53 4.00
CA GLY A 59 -12.67 -9.94 5.10
C GLY A 59 -11.62 -10.93 4.65
N GLU A 60 -11.00 -10.67 3.50
CA GLU A 60 -9.96 -11.55 2.97
C GLU A 60 -8.57 -11.04 3.33
N ASP A 61 -7.70 -11.95 3.75
CA ASP A 61 -6.34 -11.59 4.12
C ASP A 61 -5.49 -11.31 2.88
N TYR A 62 -5.26 -10.02 2.62
CA TYR A 62 -4.48 -9.61 1.46
C TYR A 62 -2.98 -9.73 1.75
N ILE A 63 -2.26 -10.41 0.86
CA ILE A 63 -0.83 -10.60 1.02
C ILE A 63 -0.06 -9.91 -0.11
N CYS A 64 0.25 -8.63 0.10
CA CYS A 64 0.99 -7.86 -0.88
C CYS A 64 2.07 -8.70 -1.54
N PRO A 65 2.51 -8.29 -2.74
CA PRO A 65 3.55 -8.99 -3.50
C PRO A 65 4.93 -8.86 -2.85
N ASN A 66 5.33 -7.62 -2.58
CA ASN A 66 6.63 -7.36 -1.95
C ASN A 66 6.92 -8.38 -0.87
N CYS A 67 5.86 -8.89 -0.23
CA CYS A 67 6.01 -9.88 0.83
C CYS A 67 6.32 -11.26 0.26
N THR A 68 5.46 -11.72 -0.66
CA THR A 68 5.65 -13.02 -1.29
C THR A 68 6.86 -13.02 -2.21
N ILE A 69 6.83 -12.17 -3.23
CA ILE A 69 7.94 -12.08 -4.18
C ILE A 69 9.28 -12.10 -3.45
N LEU A 70 9.34 -11.46 -2.29
CA LEU A 70 10.56 -11.40 -1.51
C LEU A 70 10.74 -12.67 -0.69
N SER A 71 9.85 -12.89 0.28
CA SER A 71 9.91 -14.06 1.13
C SER A 71 10.02 -15.34 0.30
N GLY A 72 9.01 -15.58 -0.54
CA GLY A 72 9.01 -16.75 -1.38
C GLY A 72 10.41 -17.14 -1.83
N PRO A 73 10.63 -18.45 -2.04
CA PRO A 73 11.92 -18.98 -2.48
C PRO A 73 12.24 -18.60 -3.93
N SER A 74 13.31 -17.84 -4.11
CA SER A 74 13.73 -17.42 -5.44
C SER A 74 15.07 -18.04 -5.82
N SER A 75 16.00 -18.06 -4.87
CA SER A 75 17.31 -18.63 -5.12
C SER A 75 17.36 -20.11 -4.71
N GLY A 76 18.50 -20.75 -4.93
CA GLY A 76 18.64 -22.15 -4.58
C GLY A 76 19.28 -22.34 -3.22
ZN ZN B . 3.41 2.88 -4.70
ZN ZN C . 3.11 -7.17 2.63
N GLY A 1 -17.10 -0.55 -9.57
CA GLY A 1 -16.28 0.44 -8.88
C GLY A 1 -16.83 1.84 -9.02
N SER A 2 -16.11 2.81 -8.47
CA SER A 2 -16.53 4.21 -8.53
C SER A 2 -15.33 5.13 -8.70
N SER A 3 -15.42 6.03 -9.68
CA SER A 3 -14.34 6.98 -9.95
C SER A 3 -14.90 8.37 -10.21
N GLY A 4 -14.17 9.38 -9.75
CA GLY A 4 -14.60 10.75 -9.94
C GLY A 4 -13.43 11.69 -10.20
N SER A 5 -13.67 12.99 -10.03
CA SER A 5 -12.65 14.00 -10.26
C SER A 5 -12.46 14.88 -9.02
N SER A 6 -11.29 15.50 -8.92
CA SER A 6 -10.98 16.36 -7.79
C SER A 6 -9.70 17.15 -8.04
N GLY A 7 -9.63 18.35 -7.46
CA GLY A 7 -8.46 19.18 -7.64
C GLY A 7 -7.55 19.18 -6.42
N GLU A 8 -7.10 17.99 -6.03
CA GLU A 8 -6.23 17.84 -4.86
C GLU A 8 -4.82 18.30 -5.20
N CYS A 9 -4.39 19.40 -4.58
CA CYS A 9 -3.05 19.94 -4.81
C CYS A 9 -1.99 18.85 -4.66
N GLU A 10 -0.85 19.05 -5.31
CA GLU A 10 0.24 18.08 -5.25
C GLU A 10 0.82 18.01 -3.83
N VAL A 11 1.08 16.79 -3.36
CA VAL A 11 1.64 16.59 -2.04
C VAL A 11 2.94 15.78 -2.11
N TYR A 12 4.02 16.45 -2.47
CA TYR A 12 5.33 15.81 -2.58
C TYR A 12 6.07 15.87 -1.25
N ASP A 13 6.05 14.76 -0.52
CA ASP A 13 6.72 14.68 0.77
C ASP A 13 7.84 13.65 0.74
N PRO A 14 9.09 14.11 0.90
CA PRO A 14 10.27 13.24 0.90
C PRO A 14 10.33 12.34 2.13
N ASN A 15 10.19 12.94 3.31
CA ASN A 15 10.23 12.19 4.56
C ASN A 15 9.07 11.23 4.65
N ALA A 16 7.87 11.71 4.31
CA ALA A 16 6.67 10.88 4.36
C ALA A 16 6.69 9.82 3.27
N LEU A 17 7.06 8.60 3.65
CA LEU A 17 7.12 7.49 2.70
C LEU A 17 6.46 6.25 3.27
N TYR A 18 5.57 5.65 2.50
CA TYR A 18 4.86 4.44 2.93
C TYR A 18 5.06 3.31 1.93
N CYS A 19 4.63 3.53 0.69
CA CYS A 19 4.76 2.52 -0.36
C CYS A 19 6.22 2.25 -0.67
N ILE A 20 6.49 1.12 -1.31
CA ILE A 20 7.85 0.74 -1.66
C ILE A 20 8.46 1.73 -2.64
N CYS A 21 7.60 2.44 -3.37
CA CYS A 21 8.06 3.42 -4.34
C CYS A 21 8.41 4.74 -3.66
N ARG A 22 8.49 4.71 -2.33
CA ARG A 22 8.81 5.91 -1.56
C ARG A 22 7.95 7.08 -1.99
N GLN A 23 6.64 6.89 -1.96
CA GLN A 23 5.69 7.94 -2.33
C GLN A 23 4.66 8.17 -1.24
N PRO A 24 4.15 9.41 -1.16
CA PRO A 24 3.15 9.79 -0.16
C PRO A 24 1.79 9.15 -0.42
N HIS A 25 0.82 9.45 0.43
CA HIS A 25 -0.52 8.91 0.27
C HIS A 25 -1.36 9.78 -0.66
N ASN A 26 -1.60 9.28 -1.87
CA ASN A 26 -2.39 10.00 -2.86
C ASN A 26 -3.78 9.41 -2.99
N ASN A 27 -4.68 10.15 -3.64
CA ASN A 27 -6.05 9.70 -3.83
C ASN A 27 -6.10 8.20 -4.14
N ARG A 28 -5.18 7.75 -5.00
CA ARG A 28 -5.12 6.35 -5.39
C ARG A 28 -5.49 5.45 -4.20
N PHE A 29 -6.07 4.30 -4.51
CA PHE A 29 -6.47 3.34 -3.48
C PHE A 29 -5.25 2.73 -2.80
N MET A 30 -5.40 2.40 -1.52
CA MET A 30 -4.31 1.80 -0.75
C MET A 30 -4.85 0.82 0.29
N ILE A 31 -4.00 -0.09 0.73
CA ILE A 31 -4.39 -1.09 1.73
C ILE A 31 -3.25 -1.34 2.71
N CYS A 32 -3.61 -1.90 3.87
CA CYS A 32 -2.61 -2.20 4.89
C CYS A 32 -2.29 -3.70 4.92
N CYS A 33 -1.27 -4.10 4.17
CA CYS A 33 -0.86 -5.49 4.10
C CYS A 33 -0.93 -6.14 5.48
N ASP A 34 -1.55 -7.31 5.55
CA ASP A 34 -1.67 -8.04 6.81
C ASP A 34 -0.44 -8.91 7.06
N ARG A 35 0.64 -8.61 6.34
CA ARG A 35 1.88 -9.36 6.49
C ARG A 35 3.01 -8.47 6.98
N CYS A 36 3.20 -7.35 6.29
CA CYS A 36 4.25 -6.40 6.66
C CYS A 36 3.67 -5.18 7.35
N GLU A 37 2.34 -5.11 7.39
CA GLU A 37 1.65 -3.98 8.02
C GLU A 37 2.13 -2.66 7.43
N GLU A 38 2.11 -2.56 6.11
CA GLU A 38 2.54 -1.35 5.42
C GLU A 38 1.45 -0.82 4.51
N TRP A 39 1.65 0.38 3.99
CA TRP A 39 0.68 1.00 3.10
C TRP A 39 1.23 1.15 1.69
N PHE A 40 0.71 0.38 0.76
CA PHE A 40 1.17 0.43 -0.63
C PHE A 40 0.03 0.86 -1.56
N HIS A 41 0.37 1.15 -2.81
CA HIS A 41 -0.61 1.57 -3.80
C HIS A 41 -1.11 0.39 -4.61
N GLY A 42 -2.43 0.28 -4.76
CA GLY A 42 -3.01 -0.81 -5.51
C GLY A 42 -2.23 -1.13 -6.77
N ASP A 43 -2.22 -0.19 -7.71
CA ASP A 43 -1.49 -0.39 -8.97
C ASP A 43 -0.09 -0.92 -8.71
N CYS A 44 0.62 -0.28 -7.78
CA CYS A 44 1.97 -0.69 -7.44
C CYS A 44 2.04 -2.17 -7.11
N VAL A 45 1.29 -2.58 -6.08
CA VAL A 45 1.26 -3.96 -5.66
C VAL A 45 0.21 -4.75 -6.44
N GLY A 46 -0.20 -4.21 -7.58
CA GLY A 46 -1.20 -4.87 -8.40
C GLY A 46 -2.61 -4.67 -7.88
N ILE A 47 -2.79 -4.89 -6.58
CA ILE A 47 -4.09 -4.74 -5.95
C ILE A 47 -4.88 -3.60 -6.60
N SER A 48 -6.18 -3.83 -6.79
CA SER A 48 -7.04 -2.82 -7.40
C SER A 48 -8.06 -2.28 -6.40
N GLU A 49 -8.57 -1.10 -6.66
CA GLU A 49 -9.55 -0.47 -5.78
C GLU A 49 -10.60 -1.48 -5.32
N ALA A 50 -11.33 -2.04 -6.26
CA ALA A 50 -12.37 -3.02 -5.95
C ALA A 50 -11.76 -4.27 -5.31
N ARG A 51 -10.65 -4.74 -5.87
CA ARG A 51 -9.98 -5.92 -5.35
C ARG A 51 -9.91 -5.89 -3.83
N GLY A 52 -9.58 -4.72 -3.28
CA GLY A 52 -9.49 -4.59 -1.84
C GLY A 52 -10.80 -4.16 -1.21
N ARG A 53 -11.32 -3.02 -1.64
CA ARG A 53 -12.58 -2.50 -1.11
C ARG A 53 -13.55 -3.64 -0.80
N LEU A 54 -13.57 -4.64 -1.66
CA LEU A 54 -14.45 -5.80 -1.48
C LEU A 54 -13.85 -6.79 -0.49
N LEU A 55 -12.65 -7.27 -0.80
CA LEU A 55 -11.96 -8.22 0.07
C LEU A 55 -12.29 -7.94 1.54
N GLU A 56 -12.44 -6.67 1.88
CA GLU A 56 -12.75 -6.26 3.25
C GLU A 56 -14.15 -6.74 3.64
N ARG A 57 -15.16 -6.19 2.99
CA ARG A 57 -16.55 -6.55 3.28
C ARG A 57 -16.72 -8.06 3.27
N ASN A 58 -15.94 -8.75 2.45
CA ASN A 58 -16.00 -10.20 2.35
C ASN A 58 -15.27 -10.86 3.52
N GLY A 59 -14.11 -10.31 3.88
CA GLY A 59 -13.34 -10.86 4.97
C GLY A 59 -12.17 -11.69 4.49
N GLU A 60 -11.34 -11.10 3.63
CA GLU A 60 -10.18 -11.79 3.09
C GLU A 60 -8.89 -11.11 3.51
N ASP A 61 -7.75 -11.72 3.19
CA ASP A 61 -6.45 -11.17 3.54
C ASP A 61 -5.63 -10.87 2.29
N TYR A 62 -5.11 -9.65 2.22
CA TYR A 62 -4.31 -9.23 1.06
C TYR A 62 -2.83 -9.19 1.42
N ILE A 63 -2.09 -10.17 0.90
CA ILE A 63 -0.65 -10.25 1.16
C ILE A 63 0.15 -9.65 0.00
N CYS A 64 0.50 -8.38 0.12
CA CYS A 64 1.26 -7.69 -0.92
C CYS A 64 2.33 -8.62 -1.51
N PRO A 65 2.76 -8.30 -2.73
CA PRO A 65 3.78 -9.09 -3.45
C PRO A 65 5.15 -8.97 -2.80
N ASN A 66 5.60 -7.73 -2.60
CA ASN A 66 6.90 -7.48 -2.00
C ASN A 66 7.17 -8.43 -0.84
N CYS A 67 6.09 -8.87 -0.19
CA CYS A 67 6.21 -9.78 0.94
C CYS A 67 6.52 -11.20 0.46
N THR A 68 5.57 -11.79 -0.28
CA THR A 68 5.74 -13.14 -0.81
C THR A 68 6.98 -13.23 -1.69
N ILE A 69 7.09 -12.31 -2.64
CA ILE A 69 8.22 -12.29 -3.56
C ILE A 69 9.50 -12.71 -2.86
N LEU A 70 9.63 -12.33 -1.59
CA LEU A 70 10.81 -12.67 -0.80
C LEU A 70 10.69 -14.08 -0.22
N SER A 71 9.60 -14.33 0.49
CA SER A 71 9.36 -15.63 1.10
C SER A 71 8.06 -16.23 0.60
N GLY A 72 8.13 -17.48 0.13
CA GLY A 72 6.95 -18.15 -0.37
C GLY A 72 7.28 -19.46 -1.06
N PRO A 73 6.28 -20.36 -1.13
CA PRO A 73 6.45 -21.67 -1.78
C PRO A 73 6.59 -21.56 -3.28
N SER A 74 6.57 -20.33 -3.79
CA SER A 74 6.69 -20.09 -5.23
C SER A 74 7.96 -19.32 -5.54
N SER A 75 8.50 -19.53 -6.74
CA SER A 75 9.72 -18.87 -7.17
C SER A 75 9.48 -18.04 -8.43
N GLY A 76 9.81 -16.76 -8.36
CA GLY A 76 9.62 -15.88 -9.50
C GLY A 76 8.55 -14.84 -9.26
ZN ZN B . 3.57 3.06 -4.84
ZN ZN C . 3.31 -7.05 2.57
N GLY A 1 19.27 14.98 -20.90
CA GLY A 1 18.34 15.50 -19.92
C GLY A 1 19.04 16.10 -18.72
N SER A 2 19.16 17.42 -18.70
CA SER A 2 19.82 18.12 -17.60
C SER A 2 18.92 19.22 -17.03
N SER A 3 19.00 19.42 -15.73
CA SER A 3 18.19 20.43 -15.05
C SER A 3 19.06 21.30 -14.14
N GLY A 4 19.73 20.65 -13.20
CA GLY A 4 20.59 21.38 -12.27
C GLY A 4 20.30 21.03 -10.83
N SER A 5 19.44 21.82 -10.19
CA SER A 5 19.08 21.59 -8.79
C SER A 5 17.58 21.70 -8.59
N SER A 6 17.12 21.33 -7.40
CA SER A 6 15.69 21.38 -7.08
C SER A 6 15.47 21.58 -5.59
N GLY A 7 14.38 22.25 -5.23
CA GLY A 7 14.08 22.50 -3.83
C GLY A 7 12.82 23.32 -3.65
N GLU A 8 11.69 22.63 -3.47
CA GLU A 8 10.41 23.30 -3.28
C GLU A 8 9.43 22.40 -2.54
N CYS A 9 8.35 22.99 -2.05
CA CYS A 9 7.33 22.25 -1.31
C CYS A 9 6.41 21.50 -2.27
N GLU A 10 5.93 20.33 -1.83
CA GLU A 10 5.04 19.52 -2.65
C GLU A 10 4.45 18.37 -1.83
N VAL A 11 3.40 17.75 -2.36
CA VAL A 11 2.75 16.63 -1.68
C VAL A 11 3.75 15.53 -1.34
N TYR A 12 4.76 15.37 -2.20
CA TYR A 12 5.77 14.35 -2.00
C TYR A 12 6.71 14.74 -0.86
N ASP A 13 7.03 13.77 0.00
CA ASP A 13 7.91 14.00 1.14
C ASP A 13 8.87 12.83 1.33
N PRO A 14 10.17 13.13 1.43
CA PRO A 14 11.20 12.11 1.61
C PRO A 14 11.15 11.48 3.00
N ASN A 15 10.94 12.31 4.02
CA ASN A 15 10.87 11.83 5.39
C ASN A 15 9.71 10.85 5.56
N ALA A 16 8.56 11.18 4.99
CA ALA A 16 7.39 10.33 5.08
C ALA A 16 7.30 9.39 3.88
N LEU A 17 7.53 8.11 4.13
CA LEU A 17 7.48 7.10 3.07
C LEU A 17 6.81 5.83 3.56
N TYR A 18 5.79 5.38 2.82
CA TYR A 18 5.06 4.17 3.18
C TYR A 18 5.20 3.10 2.10
N CYS A 19 4.63 3.37 0.93
CA CYS A 19 4.69 2.44 -0.19
C CYS A 19 6.15 2.14 -0.56
N ILE A 20 6.34 1.09 -1.36
CA ILE A 20 7.67 0.70 -1.80
C ILE A 20 8.26 1.73 -2.76
N CYS A 21 7.39 2.45 -3.46
CA CYS A 21 7.81 3.46 -4.41
C CYS A 21 8.22 4.75 -3.69
N ARG A 22 8.33 4.67 -2.38
CA ARG A 22 8.70 5.83 -1.57
C ARG A 22 7.81 7.02 -1.88
N GLN A 23 6.49 6.81 -1.80
CA GLN A 23 5.53 7.87 -2.08
C GLN A 23 4.50 7.97 -0.95
N PRO A 24 3.99 9.19 -0.73
CA PRO A 24 2.99 9.45 0.31
C PRO A 24 1.64 8.83 -0.01
N HIS A 25 0.66 9.06 0.86
CA HIS A 25 -0.69 8.53 0.66
C HIS A 25 -1.52 9.46 -0.21
N ASN A 26 -1.58 9.17 -1.50
CA ASN A 26 -2.36 9.99 -2.44
C ASN A 26 -3.71 9.35 -2.73
N ASN A 27 -4.45 9.94 -3.66
CA ASN A 27 -5.76 9.45 -4.04
C ASN A 27 -5.71 7.94 -4.29
N ARG A 28 -4.69 7.51 -5.04
CA ARG A 28 -4.53 6.09 -5.36
C ARG A 28 -5.01 5.21 -4.21
N PHE A 29 -5.56 4.05 -4.56
CA PHE A 29 -6.06 3.12 -3.55
C PHE A 29 -4.94 2.63 -2.65
N MET A 30 -5.28 2.35 -1.39
CA MET A 30 -4.29 1.87 -0.42
C MET A 30 -4.89 0.78 0.45
N ILE A 31 -4.02 -0.07 0.98
CA ILE A 31 -4.46 -1.18 1.84
C ILE A 31 -3.39 -1.52 2.88
N CYS A 32 -3.83 -2.09 4.00
CA CYS A 32 -2.90 -2.47 5.06
C CYS A 32 -2.57 -3.95 4.99
N CYS A 33 -1.29 -4.26 4.80
CA CYS A 33 -0.84 -5.65 4.69
C CYS A 33 -0.83 -6.32 6.07
N ASP A 34 -0.66 -7.63 6.08
CA ASP A 34 -0.64 -8.39 7.33
C ASP A 34 0.76 -8.95 7.60
N ARG A 35 1.47 -9.29 6.52
CA ARG A 35 2.81 -9.84 6.64
C ARG A 35 3.81 -8.75 7.01
N CYS A 36 3.85 -7.69 6.21
CA CYS A 36 4.77 -6.58 6.46
C CYS A 36 4.05 -5.43 7.16
N GLU A 37 2.72 -5.44 7.09
CA GLU A 37 1.93 -4.39 7.71
C GLU A 37 2.36 -3.01 7.23
N GLU A 38 2.35 -2.83 5.92
CA GLU A 38 2.74 -1.55 5.33
C GLU A 38 1.64 -1.01 4.42
N TRP A 39 1.72 0.28 4.12
CA TRP A 39 0.72 0.91 3.26
C TRP A 39 1.25 1.10 1.84
N PHE A 40 0.67 0.38 0.89
CA PHE A 40 1.10 0.46 -0.51
C PHE A 40 -0.06 0.90 -1.40
N HIS A 41 0.23 1.15 -2.66
CA HIS A 41 -0.77 1.58 -3.62
C HIS A 41 -1.32 0.39 -4.41
N GLY A 42 -2.64 0.26 -4.43
CA GLY A 42 -3.26 -0.84 -5.15
C GLY A 42 -2.49 -1.22 -6.40
N ASP A 43 -2.45 -0.30 -7.36
CA ASP A 43 -1.75 -0.54 -8.62
C ASP A 43 -0.33 -1.03 -8.37
N CYS A 44 0.39 -0.31 -7.51
CA CYS A 44 1.77 -0.67 -7.18
C CYS A 44 1.87 -2.14 -6.79
N VAL A 45 1.03 -2.57 -5.86
CA VAL A 45 1.02 -3.95 -5.41
C VAL A 45 0.07 -4.79 -6.25
N GLY A 46 -0.30 -4.28 -7.41
CA GLY A 46 -1.20 -5.00 -8.29
C GLY A 46 -2.65 -4.82 -7.89
N ILE A 47 -2.95 -5.01 -6.62
CA ILE A 47 -4.31 -4.86 -6.11
C ILE A 47 -5.04 -3.72 -6.82
N SER A 48 -6.34 -3.88 -7.02
CA SER A 48 -7.14 -2.86 -7.68
C SER A 48 -8.27 -2.39 -6.78
N GLU A 49 -8.71 -1.15 -6.98
CA GLU A 49 -9.78 -0.57 -6.17
C GLU A 49 -10.91 -1.58 -5.98
N ALA A 50 -11.25 -2.28 -7.05
CA ALA A 50 -12.32 -3.27 -6.99
C ALA A 50 -11.97 -4.41 -6.04
N ARG A 51 -10.73 -4.90 -6.16
CA ARG A 51 -10.27 -5.99 -5.31
C ARG A 51 -10.25 -5.57 -3.84
N GLY A 52 -9.41 -4.58 -3.52
CA GLY A 52 -9.32 -4.11 -2.15
C GLY A 52 -10.68 -3.82 -1.54
N ARG A 53 -11.52 -3.14 -2.29
CA ARG A 53 -12.86 -2.79 -1.82
C ARG A 53 -13.56 -4.01 -1.22
N LEU A 54 -13.42 -5.15 -1.89
CA LEU A 54 -14.03 -6.39 -1.42
C LEU A 54 -13.17 -7.06 -0.35
N LEU A 55 -11.90 -7.27 -0.67
CA LEU A 55 -10.97 -7.89 0.27
C LEU A 55 -11.23 -7.41 1.69
N GLU A 56 -11.77 -6.21 1.82
CA GLU A 56 -12.08 -5.64 3.13
C GLU A 56 -13.38 -6.21 3.68
N ARG A 57 -14.49 -5.83 3.06
CA ARG A 57 -15.80 -6.31 3.49
C ARG A 57 -15.84 -7.84 3.54
N ASN A 58 -15.38 -8.46 2.47
CA ASN A 58 -15.36 -9.92 2.39
C ASN A 58 -14.66 -10.52 3.61
N GLY A 59 -13.49 -10.00 3.92
CA GLY A 59 -12.73 -10.49 5.06
C GLY A 59 -11.56 -11.35 4.64
N GLU A 60 -10.93 -11.01 3.52
CA GLU A 60 -9.80 -11.76 3.01
C GLU A 60 -8.48 -11.08 3.39
N ASP A 61 -7.64 -11.81 4.11
CA ASP A 61 -6.34 -11.29 4.54
C ASP A 61 -5.45 -10.98 3.33
N TYR A 62 -5.44 -9.71 2.93
CA TYR A 62 -4.63 -9.28 1.79
C TYR A 62 -3.15 -9.44 2.09
N ILE A 63 -2.40 -9.98 1.13
CA ILE A 63 -0.97 -10.17 1.28
C ILE A 63 -0.20 -9.58 0.11
N CYS A 64 0.24 -8.32 0.27
CA CYS A 64 0.99 -7.64 -0.77
C CYS A 64 1.99 -8.58 -1.43
N PRO A 65 2.40 -8.24 -2.66
CA PRO A 65 3.36 -9.03 -3.43
C PRO A 65 4.77 -8.96 -2.84
N ASN A 66 5.26 -7.75 -2.64
CA ASN A 66 6.59 -7.54 -2.09
C ASN A 66 6.87 -8.54 -0.97
N CYS A 67 5.82 -8.94 -0.26
CA CYS A 67 5.96 -9.89 0.84
C CYS A 67 6.21 -11.29 0.31
N THR A 68 5.20 -11.87 -0.36
CA THR A 68 5.31 -13.20 -0.91
C THR A 68 6.53 -13.32 -1.82
N ILE A 69 6.69 -12.35 -2.71
CA ILE A 69 7.82 -12.35 -3.64
C ILE A 69 9.11 -12.73 -2.93
N LEU A 70 9.27 -12.25 -1.70
CA LEU A 70 10.47 -12.54 -0.92
C LEU A 70 10.30 -13.83 -0.12
N SER A 71 9.36 -13.82 0.82
CA SER A 71 9.10 -14.98 1.65
C SER A 71 7.77 -15.63 1.28
N GLY A 72 7.84 -16.86 0.76
CA GLY A 72 6.64 -17.57 0.36
C GLY A 72 6.91 -19.04 0.09
N PRO A 73 6.20 -19.60 -0.90
CA PRO A 73 6.33 -21.01 -1.28
C PRO A 73 7.67 -21.30 -1.94
N SER A 74 8.51 -20.28 -2.07
CA SER A 74 9.82 -20.43 -2.68
C SER A 74 10.67 -21.42 -1.90
N SER A 75 11.53 -22.15 -2.62
CA SER A 75 12.40 -23.14 -2.00
C SER A 75 13.82 -22.60 -1.87
N GLY A 76 14.52 -23.04 -0.83
CA GLY A 76 15.89 -22.60 -0.60
C GLY A 76 16.82 -23.02 -1.73
ZN ZN B . 3.35 3.10 -4.64
ZN ZN C . 3.19 -7.05 2.65
#